data_5XDG
#
_entry.id   5XDG
#
_cell.length_a   100.830
_cell.length_b   100.830
_cell.length_c   425.670
_cell.angle_alpha   90.00
_cell.angle_beta   90.00
_cell.angle_gamma   90.00
#
_symmetry.space_group_name_H-M   'P 41 21 2'
#
loop_
_entity.id
_entity.type
_entity.pdbx_description
1 polymer 'Thermophilic dibenzothiophene desulfurization enzyme C'
2 non-polymer 'FLAVIN MONONUCLEOTIDE'
3 non-polymer 'SULFATE ION'
4 non-polymer 'dibenzothiophene 5-oxide'
5 non-polymer GLYCEROL
6 water water
#
_entity_poly.entity_id   1
_entity_poly.type   'polypeptide(L)'
_entity_poly.pdbx_seq_one_letter_code
;MRTIHANSSAVREDHRALDVATELAKTFRVTVRERERAGGTPKAERDAIRRSGLLTLLISKERGGLGESWPTVYEAIAEI
ASADASLGHLFGYHFSNFAYVDLFASPEQKARWYPQAVRERWFLGNASSENNAHVLDWRVTATPLPDGSYEINGTKAFCS
GSADADRLLVFAVTSRDPNGDGRIVAALIPSDRAGVQVNGDWDSLGMRQTDSGSVTFSGVVVYPDELLGTPGQVTDAFAS
GSKPSLWTPITQLIFTHLYLGIARGALEEAAHYSRSHSRPFTLAGVEKATEDPYVLAIYGEFAAQLQVAEAGAREVALRV
QELWERNHVTPEQRGQLMVQVASAKIVATRLVIELTSRLYEAMGARAAASRQFGFDRFWRDARTHTLHDPVAYKIREVGN
WFLNHRFPTPSFYS
;
_entity_poly.pdbx_strand_id   A,B,C,D
#
# COMPACT_ATOMS: atom_id res chain seq x y z
N HIS A 15 -30.25 -25.55 1.68
CA HIS A 15 -29.62 -24.71 2.68
C HIS A 15 -29.41 -25.41 4.03
N ARG A 16 -29.84 -26.67 4.13
CA ARG A 16 -29.75 -27.38 5.41
C ARG A 16 -28.30 -27.48 5.88
N ALA A 17 -27.40 -27.94 5.00
CA ALA A 17 -26.02 -28.18 5.42
C ALA A 17 -25.34 -26.90 5.87
N LEU A 18 -25.61 -25.78 5.19
CA LEU A 18 -24.98 -24.54 5.63
C LEU A 18 -25.56 -24.05 6.95
N ASP A 19 -26.84 -24.35 7.23
CA ASP A 19 -27.38 -24.05 8.56
C ASP A 19 -26.65 -24.85 9.62
N VAL A 20 -26.40 -26.12 9.35
CA VAL A 20 -25.65 -26.96 10.29
C VAL A 20 -24.27 -26.37 10.55
N ALA A 21 -23.59 -25.93 9.49
CA ALA A 21 -22.26 -25.35 9.66
C ALA A 21 -22.34 -24.06 10.47
N THR A 22 -23.35 -23.24 10.18
CA THR A 22 -23.50 -21.98 10.91
C THR A 22 -23.75 -22.22 12.39
N GLU A 23 -24.52 -23.26 12.72
CA GLU A 23 -24.76 -23.55 14.12
C GLU A 23 -23.52 -24.10 14.82
N LEU A 24 -22.75 -24.94 14.12
CA LEU A 24 -21.46 -25.39 14.66
C LEU A 24 -20.56 -24.21 14.96
N ALA A 25 -20.43 -23.29 13.99
CA ALA A 25 -19.55 -22.14 14.17
C ALA A 25 -19.96 -21.34 15.40
N LYS A 26 -21.26 -21.06 15.53
CA LYS A 26 -21.74 -20.34 16.72
C LYS A 26 -21.29 -21.02 18.00
N THR A 27 -21.40 -22.35 18.07
CA THR A 27 -20.96 -23.06 19.27
C THR A 27 -19.47 -22.90 19.50
N PHE A 28 -18.67 -23.01 18.43
CA PHE A 28 -17.23 -22.93 18.57
C PHE A 28 -16.81 -21.54 19.06
N ARG A 29 -17.52 -20.49 18.64
CA ARG A 29 -17.13 -19.14 19.05
C ARG A 29 -17.17 -18.98 20.55
N VAL A 30 -18.12 -19.66 21.21
CA VAL A 30 -18.27 -19.51 22.65
C VAL A 30 -16.97 -19.79 23.38
N THR A 31 -16.22 -20.81 22.93
CA THR A 31 -15.10 -21.33 23.70
C THR A 31 -13.74 -21.20 23.02
N VAL A 32 -13.67 -20.63 21.82
CA VAL A 32 -12.41 -20.64 21.08
C VAL A 32 -11.32 -19.90 21.84
N ARG A 33 -11.68 -18.82 22.55
CA ARG A 33 -10.68 -18.01 23.25
C ARG A 33 -9.87 -18.86 24.23
N GLU A 34 -10.55 -19.62 25.10
CA GLU A 34 -9.88 -20.45 26.09
C GLU A 34 -9.24 -21.69 25.48
N ARG A 35 -9.91 -22.32 24.51
CA ARG A 35 -9.38 -23.54 23.94
C ARG A 35 -8.08 -23.29 23.20
N GLU A 36 -8.03 -22.25 22.36
CA GLU A 36 -6.84 -22.08 21.54
C GLU A 36 -5.64 -21.64 22.38
N ARG A 37 -5.89 -20.95 23.49
CA ARG A 37 -4.84 -20.70 24.49
C ARG A 37 -4.14 -22.01 24.88
N ALA A 38 -4.91 -23.02 25.27
CA ALA A 38 -4.35 -24.27 25.75
C ALA A 38 -3.65 -25.07 24.65
N GLY A 39 -4.00 -24.85 23.38
CA GLY A 39 -3.42 -25.67 22.33
C GLY A 39 -3.96 -27.09 22.40
N GLY A 40 -3.18 -28.02 21.86
CA GLY A 40 -3.60 -29.40 21.92
C GLY A 40 -4.84 -29.70 21.09
N THR A 41 -5.41 -30.91 21.34
CA THR A 41 -6.42 -31.43 20.41
C THR A 41 -7.81 -30.98 20.82
N PRO A 42 -8.66 -30.33 19.85
CA PRO A 42 -10.04 -29.96 20.20
C PRO A 42 -10.98 -31.15 20.03
N LYS A 43 -10.82 -32.14 20.91
CA LYS A 43 -11.53 -33.41 20.75
C LYS A 43 -13.03 -33.21 20.79
N ALA A 44 -13.54 -32.47 21.79
CA ALA A 44 -14.97 -32.27 21.87
C ALA A 44 -15.53 -31.67 20.59
N GLU A 45 -14.82 -30.69 20.01
CA GLU A 45 -15.32 -30.00 18.82
C GLU A 45 -15.19 -30.87 17.57
N ARG A 46 -14.14 -31.68 17.48
CA ARG A 46 -14.04 -32.64 16.38
C ARG A 46 -15.17 -33.66 16.44
N ASP A 47 -15.60 -34.05 17.64
CA ASP A 47 -16.74 -34.95 17.75
C ASP A 47 -18.03 -34.27 17.33
N ALA A 48 -18.18 -32.98 17.67
CA ALA A 48 -19.37 -32.25 17.21
C ALA A 48 -19.43 -32.20 15.69
N ILE A 49 -18.28 -32.03 15.04
CA ILE A 49 -18.25 -32.09 13.58
C ILE A 49 -18.63 -33.49 13.09
N ARG A 50 -18.13 -34.52 13.77
CA ARG A 50 -18.55 -35.89 13.45
C ARG A 50 -20.06 -36.04 13.55
N ARG A 51 -20.65 -35.55 14.65
CA ARG A 51 -22.10 -35.69 14.82
C ARG A 51 -22.88 -34.88 13.78
N SER A 52 -22.29 -33.82 13.23
CA SER A 52 -23.05 -32.97 12.32
C SER A 52 -23.36 -33.66 10.99
N GLY A 53 -22.56 -34.65 10.60
CA GLY A 53 -22.68 -35.26 9.29
C GLY A 53 -21.93 -34.54 8.19
N LEU A 54 -21.36 -33.35 8.45
CA LEU A 54 -20.78 -32.57 7.35
C LEU A 54 -19.49 -33.17 6.82
N LEU A 55 -18.83 -34.05 7.56
CA LEU A 55 -17.67 -34.70 6.99
C LEU A 55 -18.03 -35.55 5.77
N THR A 56 -19.31 -35.90 5.62
CA THR A 56 -19.77 -36.74 4.52
C THR A 56 -20.39 -35.93 3.38
N LEU A 57 -20.15 -34.63 3.34
CA LEU A 57 -20.76 -33.74 2.35
C LEU A 57 -20.59 -34.23 0.91
N LEU A 58 -19.43 -34.78 0.58
CA LEU A 58 -19.14 -35.12 -0.80
C LEU A 58 -19.35 -36.61 -1.10
N ILE A 59 -19.81 -37.38 -0.12
CA ILE A 59 -20.11 -38.79 -0.33
C ILE A 59 -21.54 -38.89 -0.85
N SER A 60 -21.73 -39.67 -1.92
CA SER A 60 -23.03 -39.79 -2.55
C SER A 60 -24.08 -40.27 -1.55
N LYS A 61 -25.32 -39.85 -1.76
CA LYS A 61 -26.43 -40.32 -0.94
C LYS A 61 -26.53 -41.85 -0.96
N GLU A 62 -26.21 -42.46 -2.10
CA GLU A 62 -26.30 -43.91 -2.21
C GLU A 62 -25.26 -44.61 -1.34
N ARG A 63 -24.12 -43.98 -1.09
CA ARG A 63 -23.15 -44.54 -0.16
C ARG A 63 -23.36 -44.04 1.27
N GLY A 64 -24.46 -43.32 1.52
CA GLY A 64 -24.82 -42.88 2.86
C GLY A 64 -24.44 -41.45 3.18
N GLY A 65 -23.79 -40.74 2.26
CA GLY A 65 -23.36 -39.38 2.50
C GLY A 65 -24.46 -38.38 2.19
N LEU A 66 -24.07 -37.10 2.14
CA LEU A 66 -25.03 -36.03 1.94
C LEU A 66 -25.24 -35.67 0.47
N GLY A 67 -24.37 -36.10 -0.43
CA GLY A 67 -24.57 -35.85 -1.84
C GLY A 67 -24.54 -34.39 -2.23
N GLU A 68 -23.69 -33.60 -1.57
CA GLU A 68 -23.62 -32.16 -1.79
C GLU A 68 -22.45 -31.83 -2.73
N SER A 69 -22.16 -30.54 -2.84
CA SER A 69 -21.28 -30.00 -3.88
C SER A 69 -20.11 -29.25 -3.26
N TRP A 70 -19.11 -28.97 -4.08
CA TRP A 70 -17.96 -28.20 -3.61
C TRP A 70 -18.35 -26.78 -3.20
N PRO A 71 -19.21 -26.06 -3.91
CA PRO A 71 -19.62 -24.73 -3.40
C PRO A 71 -20.12 -24.78 -1.96
N THR A 72 -20.87 -25.81 -1.59
CA THR A 72 -21.33 -25.95 -0.21
C THR A 72 -20.16 -26.23 0.74
N VAL A 73 -19.25 -27.14 0.35
CA VAL A 73 -18.07 -27.42 1.18
C VAL A 73 -17.27 -26.14 1.43
N TYR A 74 -17.02 -25.36 0.37
CA TYR A 74 -16.23 -24.14 0.52
C TYR A 74 -16.94 -23.15 1.43
N GLU A 75 -18.24 -22.96 1.23
CA GLU A 75 -19.04 -22.09 2.11
C GLU A 75 -18.95 -22.55 3.57
N ALA A 76 -19.07 -23.86 3.81
CA ALA A 76 -18.97 -24.36 5.18
C ALA A 76 -17.58 -24.13 5.76
N ILE A 77 -16.53 -24.28 4.96
CA ILE A 77 -15.17 -24.13 5.47
C ILE A 77 -14.98 -22.69 5.96
N ALA A 78 -15.38 -21.72 5.14
CA ALA A 78 -15.22 -20.32 5.52
C ALA A 78 -16.05 -19.98 6.74
N GLU A 79 -17.26 -20.53 6.84
CA GLU A 79 -18.09 -20.23 8.00
C GLU A 79 -17.45 -20.75 9.29
N ILE A 80 -16.99 -22.01 9.28
CA ILE A 80 -16.35 -22.55 10.48
C ILE A 80 -15.06 -21.81 10.79
N ALA A 81 -14.25 -21.52 9.77
CA ALA A 81 -13.00 -20.80 9.98
C ALA A 81 -13.23 -19.44 10.62
N SER A 82 -14.33 -18.76 10.27
CA SER A 82 -14.60 -17.45 10.83
C SER A 82 -14.81 -17.51 12.35
N ALA A 83 -15.22 -18.67 12.88
CA ALA A 83 -15.40 -18.86 14.31
C ALA A 83 -14.15 -19.40 14.99
N ASP A 84 -13.46 -20.34 14.35
CA ASP A 84 -12.33 -21.04 14.93
C ASP A 84 -11.44 -21.47 13.76
N ALA A 85 -10.30 -20.81 13.61
CA ALA A 85 -9.47 -21.08 12.44
C ALA A 85 -8.85 -22.47 12.49
N SER A 86 -8.52 -22.97 13.68
CA SER A 86 -8.00 -24.33 13.78
C SER A 86 -9.04 -25.35 13.35
N LEU A 87 -10.29 -25.19 13.77
CA LEU A 87 -11.33 -26.12 13.36
C LEU A 87 -11.65 -25.96 11.88
N GLY A 88 -11.65 -24.73 11.37
CA GLY A 88 -11.83 -24.55 9.93
C GLY A 88 -10.73 -25.21 9.13
N HIS A 89 -9.50 -25.12 9.63
CA HIS A 89 -8.35 -25.78 9.01
C HIS A 89 -8.54 -27.29 9.00
N LEU A 90 -8.85 -27.88 10.16
CA LEU A 90 -9.01 -29.33 10.23
C LEU A 90 -10.13 -29.79 9.30
N PHE A 91 -11.26 -29.08 9.33
CA PHE A 91 -12.39 -29.39 8.45
C PHE A 91 -11.98 -29.25 6.98
N GLY A 92 -11.32 -28.16 6.64
CA GLY A 92 -10.87 -27.99 5.25
C GLY A 92 -9.90 -29.06 4.81
N TYR A 93 -8.90 -29.37 5.65
CA TYR A 93 -7.91 -30.37 5.26
C TYR A 93 -8.55 -31.74 5.10
N HIS A 94 -9.57 -32.05 5.91
CA HIS A 94 -10.31 -33.28 5.73
C HIS A 94 -10.79 -33.41 4.29
N PHE A 95 -11.26 -32.30 3.70
CA PHE A 95 -11.77 -32.37 2.32
C PHE A 95 -10.65 -32.36 1.29
N SER A 96 -9.50 -31.78 1.59
CA SER A 96 -8.33 -31.99 0.73
C SER A 96 -7.95 -33.47 0.71
N ASN A 97 -7.90 -34.08 1.90
CA ASN A 97 -7.59 -35.51 2.00
C ASN A 97 -8.66 -36.33 1.27
N PHE A 98 -9.95 -36.00 1.46
CA PHE A 98 -11.01 -36.73 0.78
C PHE A 98 -10.94 -36.55 -0.72
N ALA A 99 -10.63 -35.33 -1.18
CA ALA A 99 -10.49 -35.12 -2.63
C ALA A 99 -9.42 -36.03 -3.21
N TYR A 100 -8.25 -36.12 -2.56
CA TYR A 100 -7.19 -36.98 -3.03
C TYR A 100 -7.65 -38.44 -3.07
N VAL A 101 -8.25 -38.91 -1.99
CA VAL A 101 -8.79 -40.27 -1.96
C VAL A 101 -9.77 -40.48 -3.11
N ASP A 102 -10.71 -39.55 -3.28
CA ASP A 102 -11.75 -39.75 -4.29
C ASP A 102 -11.17 -39.72 -5.70
N LEU A 103 -10.09 -38.98 -5.92
CA LEU A 103 -9.51 -38.89 -7.25
C LEU A 103 -8.68 -40.13 -7.62
N PHE A 104 -8.27 -40.93 -6.63
CA PHE A 104 -7.42 -42.08 -6.91
C PHE A 104 -8.01 -43.42 -6.47
N ALA A 105 -9.06 -43.44 -5.66
CA ALA A 105 -9.54 -44.70 -5.14
C ALA A 105 -10.24 -45.51 -6.21
N SER A 106 -10.09 -46.83 -6.13
CA SER A 106 -10.78 -47.76 -7.02
C SER A 106 -12.28 -47.83 -6.69
N PRO A 107 -13.10 -48.29 -7.63
CA PRO A 107 -14.51 -48.51 -7.27
C PRO A 107 -14.68 -49.42 -6.07
N GLU A 108 -13.79 -50.41 -5.91
CA GLU A 108 -13.87 -51.32 -4.77
C GLU A 108 -13.57 -50.59 -3.46
N GLN A 109 -12.59 -49.69 -3.48
CA GLN A 109 -12.27 -48.89 -2.30
C GLN A 109 -13.44 -47.97 -1.93
N LYS A 110 -14.05 -47.31 -2.92
CA LYS A 110 -15.15 -46.41 -2.59
C LYS A 110 -16.34 -47.18 -2.01
N ALA A 111 -16.66 -48.33 -2.59
CA ALA A 111 -17.82 -49.10 -2.11
C ALA A 111 -17.60 -49.58 -0.69
N ARG A 112 -16.36 -49.84 -0.30
CA ARG A 112 -16.02 -50.26 1.05
C ARG A 112 -15.87 -49.06 1.98
N TRP A 113 -15.06 -48.07 1.58
CA TRP A 113 -14.64 -47.00 2.48
C TRP A 113 -15.73 -45.98 2.72
N TYR A 114 -16.52 -45.65 1.71
CA TYR A 114 -17.37 -44.49 1.92
C TYR A 114 -18.48 -44.84 2.90
N PRO A 115 -19.13 -46.00 2.79
CA PRO A 115 -20.08 -46.37 3.84
C PRO A 115 -19.43 -46.47 5.20
N GLN A 116 -18.19 -46.96 5.25
CA GLN A 116 -17.49 -47.05 6.52
C GLN A 116 -17.15 -45.67 7.07
N ALA A 117 -16.81 -44.72 6.18
CA ALA A 117 -16.57 -43.34 6.60
C ALA A 117 -17.82 -42.72 7.23
N VAL A 118 -19.00 -43.09 6.73
CA VAL A 118 -20.26 -42.59 7.26
C VAL A 118 -20.54 -43.21 8.63
N ARG A 119 -20.47 -44.54 8.71
CA ARG A 119 -20.78 -45.25 9.96
C ARG A 119 -19.77 -44.92 11.06
N GLU A 120 -18.48 -44.93 10.72
CA GLU A 120 -17.42 -44.67 11.69
C GLU A 120 -17.12 -43.18 11.85
N ARG A 121 -17.76 -42.32 11.05
CA ARG A 121 -17.59 -40.86 11.15
C ARG A 121 -16.13 -40.46 11.01
N TRP A 122 -15.51 -40.91 9.90
CA TRP A 122 -14.11 -40.62 9.65
C TRP A 122 -13.85 -39.12 9.58
N PHE A 123 -12.82 -38.69 10.30
CA PHE A 123 -12.27 -37.34 10.23
C PHE A 123 -10.83 -37.56 9.78
N LEU A 124 -10.52 -37.19 8.54
CA LEU A 124 -9.27 -37.57 7.91
C LEU A 124 -8.15 -36.62 8.28
N GLY A 125 -6.95 -37.19 8.46
CA GLY A 125 -5.73 -36.42 8.61
C GLY A 125 -4.70 -36.88 7.61
N ASN A 126 -3.56 -36.22 7.62
CA ASN A 126 -2.54 -36.58 6.65
C ASN A 126 -1.16 -36.45 7.25
N ALA A 127 -0.24 -37.21 6.65
CA ALA A 127 1.19 -37.18 6.98
C ALA A 127 1.92 -37.17 5.63
N SER A 128 2.38 -35.99 5.21
CA SER A 128 2.87 -35.82 3.84
C SER A 128 4.20 -35.06 3.76
N SER A 129 4.22 -33.83 4.25
CA SER A 129 5.42 -33.01 4.16
C SER A 129 6.46 -33.44 5.21
N GLU A 130 7.66 -32.89 5.09
CA GLU A 130 8.76 -33.29 5.94
C GLU A 130 9.54 -32.04 6.36
N ASN A 131 10.50 -32.22 7.28
CA ASN A 131 11.27 -31.10 7.79
C ASN A 131 12.76 -31.27 7.48
N ASN A 132 13.09 -31.55 6.23
CA ASN A 132 14.46 -31.70 5.82
C ASN A 132 14.99 -30.38 5.24
N ALA A 133 15.95 -30.43 4.31
CA ALA A 133 16.66 -29.22 3.92
C ALA A 133 15.78 -28.26 3.09
N HIS A 134 14.88 -28.81 2.28
CA HIS A 134 13.90 -28.03 1.52
C HIS A 134 12.65 -28.88 1.37
N VAL A 135 11.58 -28.29 0.81
CA VAL A 135 10.32 -29.04 0.74
C VAL A 135 10.41 -30.24 -0.19
N LEU A 136 11.40 -30.27 -1.10
CA LEU A 136 11.53 -31.35 -2.06
C LEU A 136 12.42 -32.49 -1.55
N ASP A 137 12.81 -32.47 -0.27
CA ASP A 137 13.68 -33.49 0.31
C ASP A 137 12.81 -34.45 1.13
N TRP A 138 12.27 -35.47 0.47
CA TRP A 138 11.45 -36.49 1.13
C TRP A 138 12.31 -37.72 1.43
N ARG A 139 12.24 -38.20 2.68
CA ARG A 139 13.04 -39.32 3.12
C ARG A 139 12.24 -40.45 3.77
N VAL A 140 10.92 -40.30 3.89
CA VAL A 140 10.07 -41.39 4.34
C VAL A 140 9.92 -42.41 3.21
N THR A 141 10.37 -43.63 3.45
CA THR A 141 10.45 -44.64 2.41
C THR A 141 9.30 -45.65 2.49
N ALA A 142 8.98 -46.22 1.34
CA ALA A 142 8.07 -47.35 1.23
C ALA A 142 8.85 -48.49 0.59
N THR A 143 9.07 -49.55 1.34
CA THR A 143 9.84 -50.63 0.74
C THR A 143 8.96 -51.84 0.48
N PRO A 144 9.10 -52.48 -0.68
CA PRO A 144 8.18 -53.57 -1.05
C PRO A 144 8.23 -54.71 -0.06
N LEU A 145 7.07 -55.32 0.17
CA LEU A 145 7.02 -56.58 0.91
C LEU A 145 6.43 -57.67 0.04
N PRO A 146 6.44 -58.91 0.50
CA PRO A 146 5.71 -59.98 -0.18
C PRO A 146 4.23 -59.68 -0.32
N ASP A 147 3.61 -60.30 -1.32
CA ASP A 147 2.18 -60.21 -1.58
C ASP A 147 1.72 -58.80 -1.95
N GLY A 148 2.66 -57.90 -2.22
CA GLY A 148 2.31 -56.58 -2.72
C GLY A 148 2.18 -55.50 -1.66
N SER A 149 2.49 -55.78 -0.41
CA SER A 149 2.43 -54.76 0.60
C SER A 149 3.72 -53.93 0.60
N TYR A 150 3.68 -52.83 1.34
CA TYR A 150 4.81 -51.94 1.51
C TYR A 150 5.02 -51.67 2.99
N GLU A 151 6.27 -51.40 3.36
CA GLU A 151 6.63 -51.02 4.71
C GLU A 151 7.07 -49.56 4.71
N ILE A 152 6.47 -48.76 5.59
CA ILE A 152 6.75 -47.32 5.68
C ILE A 152 7.68 -47.08 6.86
N ASN A 153 8.73 -46.28 6.63
CA ASN A 153 9.68 -45.92 7.67
C ASN A 153 10.07 -44.45 7.54
N GLY A 154 9.95 -43.69 8.64
CA GLY A 154 10.41 -42.31 8.65
C GLY A 154 9.51 -41.34 9.39
N THR A 155 9.90 -40.07 9.42
CA THR A 155 9.17 -39.04 10.16
C THR A 155 8.64 -37.97 9.22
N LYS A 156 7.35 -37.66 9.37
CA LYS A 156 6.68 -36.59 8.64
C LYS A 156 6.45 -35.39 9.55
N ALA A 157 6.35 -34.21 8.95
CA ALA A 157 6.15 -32.97 9.66
C ALA A 157 4.84 -32.34 9.21
N PHE A 158 4.35 -31.38 10.01
CA PHE A 158 3.12 -30.64 9.70
C PHE A 158 1.96 -31.59 9.37
N CYS A 159 1.70 -32.55 10.26
CA CYS A 159 0.70 -33.57 9.99
C CYS A 159 -0.68 -33.14 10.51
N SER A 160 -1.27 -32.19 9.79
CA SER A 160 -2.51 -31.58 10.27
C SER A 160 -3.56 -32.65 10.53
N GLY A 161 -4.23 -32.52 11.68
CA GLY A 161 -5.32 -33.42 12.00
C GLY A 161 -4.87 -34.83 12.26
N SER A 162 -3.57 -35.03 12.51
CA SER A 162 -3.05 -36.36 12.79
C SER A 162 -3.61 -36.90 14.10
N ALA A 163 -3.70 -36.07 15.13
CA ALA A 163 -4.30 -36.48 16.39
C ALA A 163 -5.80 -36.68 16.22
N ASP A 164 -6.31 -37.78 16.76
CA ASP A 164 -7.73 -38.10 16.72
C ASP A 164 -8.22 -38.32 15.28
N ALA A 165 -7.30 -38.59 14.36
CA ALA A 165 -7.68 -38.94 13.00
C ALA A 165 -8.04 -40.42 12.93
N ASP A 166 -9.10 -40.72 12.18
CA ASP A 166 -9.51 -42.11 12.03
C ASP A 166 -8.71 -42.80 10.94
N ARG A 167 -8.40 -42.08 9.86
CA ARG A 167 -7.55 -42.57 8.79
C ARG A 167 -6.52 -41.51 8.48
N LEU A 168 -5.33 -41.95 8.08
CA LEU A 168 -4.26 -41.05 7.67
C LEU A 168 -3.97 -41.27 6.19
N LEU A 169 -3.99 -40.19 5.42
CA LEU A 169 -3.45 -40.19 4.07
C LEU A 169 -1.94 -40.01 4.17
N VAL A 170 -1.18 -40.99 3.70
CA VAL A 170 0.27 -41.01 3.89
C VAL A 170 0.96 -41.14 2.54
N PHE A 171 2.06 -40.41 2.38
CA PHE A 171 2.86 -40.38 1.16
C PHE A 171 4.27 -40.85 1.46
N ALA A 172 4.81 -41.68 0.58
CA ALA A 172 6.15 -42.20 0.76
C ALA A 172 6.80 -42.39 -0.60
N VAL A 173 8.12 -42.56 -0.58
CA VAL A 173 8.91 -42.78 -1.79
C VAL A 173 9.44 -44.20 -1.76
N THR A 174 9.26 -44.94 -2.87
CA THR A 174 9.67 -46.34 -2.89
C THR A 174 11.18 -46.46 -2.76
N SER A 175 11.61 -47.49 -2.05
CA SER A 175 13.01 -47.78 -1.80
C SER A 175 13.24 -49.27 -1.93
N ARG A 176 14.45 -49.64 -2.33
CA ARG A 176 14.81 -51.03 -2.56
C ARG A 176 13.71 -51.75 -3.34
N ASP A 177 13.25 -51.09 -4.41
CA ASP A 177 12.06 -51.52 -5.14
C ASP A 177 12.43 -52.05 -6.51
N PRO A 178 12.11 -53.32 -6.81
CA PRO A 178 12.38 -53.85 -8.15
C PRO A 178 11.72 -53.07 -9.27
N ASN A 179 10.50 -52.58 -9.06
CA ASN A 179 9.73 -51.93 -10.11
C ASN A 179 10.03 -50.45 -10.23
N GLY A 180 11.08 -49.97 -9.60
CA GLY A 180 11.54 -48.58 -9.69
C GLY A 180 11.49 -47.88 -8.34
N ASP A 181 12.61 -47.27 -7.98
CA ASP A 181 12.70 -46.50 -6.74
C ASP A 181 12.34 -45.04 -7.00
N GLY A 182 12.12 -44.31 -5.91
CA GLY A 182 11.77 -42.91 -6.00
C GLY A 182 10.36 -42.64 -6.49
N ARG A 183 9.54 -43.67 -6.64
CA ARG A 183 8.15 -43.49 -7.04
C ARG A 183 7.30 -43.15 -5.81
N ILE A 184 6.32 -42.28 -6.00
CA ILE A 184 5.48 -41.81 -4.90
C ILE A 184 4.32 -42.77 -4.70
N VAL A 185 4.24 -43.35 -3.50
CA VAL A 185 3.09 -44.15 -3.11
C VAL A 185 2.24 -43.35 -2.14
N ALA A 186 0.93 -43.41 -2.32
CA ALA A 186 -0.04 -42.83 -1.41
C ALA A 186 -0.91 -43.95 -0.87
N ALA A 187 -1.23 -43.88 0.42
CA ALA A 187 -2.00 -44.92 1.09
C ALA A 187 -2.92 -44.28 2.12
N LEU A 188 -4.07 -44.93 2.34
CA LEU A 188 -5.02 -44.52 3.37
C LEU A 188 -5.04 -45.60 4.45
N ILE A 189 -4.47 -45.31 5.62
CA ILE A 189 -4.31 -46.35 6.62
C ILE A 189 -4.99 -45.97 7.93
N PRO A 190 -5.41 -46.95 8.73
CA PRO A 190 -5.87 -46.63 10.09
C PRO A 190 -4.78 -45.92 10.86
N SER A 191 -5.18 -44.90 11.62
CA SER A 191 -4.20 -44.14 12.39
C SER A 191 -3.67 -44.93 13.57
N ASP A 192 -4.31 -46.03 13.94
CA ASP A 192 -3.85 -46.88 15.03
C ASP A 192 -3.13 -48.12 14.55
N ARG A 193 -2.79 -48.18 13.26
CA ARG A 193 -1.94 -49.26 12.75
C ARG A 193 -0.61 -49.28 13.50
N ALA A 194 -0.18 -50.49 13.87
CA ALA A 194 1.04 -50.64 14.65
C ALA A 194 2.23 -49.98 13.95
N GLY A 195 3.03 -49.25 14.71
CA GLY A 195 4.19 -48.57 14.18
C GLY A 195 3.99 -47.08 13.91
N VAL A 196 2.76 -46.59 13.97
CA VAL A 196 2.46 -45.18 13.75
C VAL A 196 2.49 -44.47 15.10
N GLN A 197 3.40 -43.51 15.25
CA GLN A 197 3.49 -42.73 16.49
C GLN A 197 3.24 -41.25 16.17
N VAL A 198 2.05 -40.76 16.53
CA VAL A 198 1.75 -39.33 16.51
C VAL A 198 2.43 -38.68 17.70
N ASN A 199 3.19 -37.61 17.45
CA ASN A 199 4.13 -37.10 18.44
C ASN A 199 3.63 -35.92 19.28
N GLY A 200 2.60 -35.21 18.83
CA GLY A 200 2.00 -34.17 19.68
C GLY A 200 2.88 -32.98 20.01
N ASP A 201 3.81 -32.60 19.12
CA ASP A 201 4.75 -31.52 19.35
C ASP A 201 4.30 -30.19 18.70
N TRP A 202 3.01 -30.02 18.44
CA TRP A 202 2.51 -28.80 17.81
C TRP A 202 2.33 -27.70 18.86
N ASP A 203 3.11 -26.63 18.73
CA ASP A 203 3.05 -25.51 19.68
C ASP A 203 3.37 -24.22 18.90
N SER A 204 2.34 -23.62 18.32
CA SER A 204 2.50 -22.66 17.25
C SER A 204 2.00 -21.27 17.67
N LEU A 205 2.44 -20.25 16.93
CA LEU A 205 1.97 -18.89 17.19
C LEU A 205 0.45 -18.82 17.04
N GLY A 206 -0.06 -19.37 15.94
CA GLY A 206 -1.48 -19.49 15.71
C GLY A 206 -1.79 -20.84 15.13
N MET A 207 -3.03 -21.05 14.69
CA MET A 207 -3.51 -22.37 14.29
C MET A 207 -3.11 -23.41 15.34
N ARG A 208 -3.32 -23.04 16.61
CA ARG A 208 -2.78 -23.79 17.74
C ARG A 208 -3.51 -25.10 18.03
N GLN A 209 -4.69 -25.34 17.46
CA GLN A 209 -5.40 -26.59 17.69
C GLN A 209 -5.52 -27.45 16.44
N THR A 210 -4.59 -27.30 15.49
CA THR A 210 -4.63 -28.10 14.27
C THR A 210 -3.84 -29.41 14.39
N ASP A 211 -3.10 -29.59 15.48
CA ASP A 211 -2.32 -30.81 15.70
C ASP A 211 -1.38 -31.10 14.53
N SER A 212 -0.84 -30.04 13.93
CA SER A 212 0.08 -30.19 12.80
C SER A 212 1.51 -30.46 13.26
N GLY A 213 1.70 -31.35 14.23
CA GLY A 213 3.02 -31.80 14.64
C GLY A 213 3.52 -32.90 13.73
N SER A 214 4.50 -33.66 14.23
CA SER A 214 5.17 -34.68 13.46
C SER A 214 4.63 -36.08 13.79
N VAL A 215 4.91 -37.02 12.89
CA VAL A 215 4.44 -38.41 12.99
C VAL A 215 5.54 -39.34 12.53
N THR A 216 5.83 -40.37 13.30
CA THR A 216 6.94 -41.28 13.02
C THR A 216 6.42 -42.66 12.64
N PHE A 217 6.96 -43.21 11.54
CA PHE A 217 6.57 -44.51 10.98
C PHE A 217 7.72 -45.49 11.17
N SER A 218 7.51 -46.53 11.98
CA SER A 218 8.49 -47.60 12.16
C SER A 218 7.84 -48.91 11.73
N GLY A 219 8.34 -49.48 10.62
CA GLY A 219 7.88 -50.78 10.17
C GLY A 219 6.40 -50.86 9.85
N VAL A 220 5.79 -49.75 9.45
CA VAL A 220 4.35 -49.69 9.29
C VAL A 220 3.96 -50.38 7.99
N VAL A 221 3.07 -51.37 8.09
CA VAL A 221 2.67 -52.16 6.93
C VAL A 221 1.48 -51.49 6.26
N VAL A 222 1.54 -51.40 4.94
CA VAL A 222 0.47 -50.90 4.09
C VAL A 222 0.06 -52.02 3.15
N TYR A 223 -1.25 -52.36 3.14
CA TYR A 223 -1.71 -53.46 2.31
C TYR A 223 -2.15 -52.97 0.93
N PRO A 224 -2.10 -53.84 -0.08
CA PRO A 224 -2.54 -53.45 -1.43
C PRO A 224 -3.90 -52.78 -1.47
N ASP A 225 -4.88 -53.24 -0.67
CA ASP A 225 -6.19 -52.61 -0.72
C ASP A 225 -6.22 -51.26 -0.01
N GLU A 226 -5.10 -50.77 0.51
CA GLU A 226 -4.97 -49.44 1.08
C GLU A 226 -4.21 -48.48 0.17
N LEU A 227 -3.60 -48.99 -0.89
CA LEU A 227 -2.84 -48.15 -1.81
C LEU A 227 -3.78 -47.33 -2.69
N LEU A 228 -3.43 -46.07 -2.91
CA LEU A 228 -4.24 -45.19 -3.74
C LEU A 228 -3.57 -45.14 -5.11
N GLY A 229 -3.97 -46.07 -5.97
CA GLY A 229 -3.33 -46.24 -7.26
C GLY A 229 -1.99 -46.95 -7.14
N THR A 230 -1.33 -47.11 -8.29
CA THR A 230 -0.04 -47.74 -8.28
C THR A 230 1.04 -46.75 -7.86
N PRO A 231 2.17 -47.24 -7.37
CA PRO A 231 3.27 -46.33 -7.03
C PRO A 231 3.68 -45.54 -8.27
N GLY A 232 3.84 -44.22 -8.09
CA GLY A 232 4.16 -43.34 -9.19
C GLY A 232 2.97 -42.82 -9.98
N GLN A 233 1.77 -43.39 -9.78
CA GLN A 233 0.60 -42.97 -10.55
C GLN A 233 0.29 -41.48 -10.33
N VAL A 234 0.46 -40.98 -9.11
CA VAL A 234 0.17 -39.57 -8.87
C VAL A 234 1.06 -38.71 -9.76
N THR A 235 2.33 -39.09 -9.92
CA THR A 235 3.21 -38.33 -10.78
C THR A 235 2.77 -38.38 -12.24
N ASP A 236 2.34 -39.56 -12.71
CA ASP A 236 1.80 -39.65 -14.07
C ASP A 236 0.54 -38.83 -14.23
N ALA A 237 -0.35 -38.88 -13.24
CA ALA A 237 -1.61 -38.14 -13.33
C ALA A 237 -1.37 -36.63 -13.39
N PHE A 238 -0.44 -36.12 -12.57
CA PHE A 238 -0.22 -34.67 -12.55
C PHE A 238 0.49 -34.20 -13.82
N ALA A 239 1.51 -34.94 -14.28
CA ALA A 239 2.22 -34.56 -15.48
C ALA A 239 1.32 -34.61 -16.71
N SER A 240 0.35 -35.53 -16.71
CA SER A 240 -0.56 -35.68 -17.84
C SER A 240 -1.70 -34.69 -17.80
N GLY A 241 -1.95 -34.06 -16.67
CA GLY A 241 -3.18 -33.32 -16.50
C GLY A 241 -4.42 -34.19 -16.44
N SER A 242 -4.28 -35.42 -15.96
CA SER A 242 -5.48 -36.22 -15.76
C SER A 242 -6.35 -35.56 -14.67
N LYS A 243 -7.55 -36.10 -14.52
CA LYS A 243 -8.49 -35.55 -13.55
C LYS A 243 -7.87 -35.35 -12.16
N PRO A 244 -7.02 -36.24 -11.64
CA PRO A 244 -6.42 -35.98 -10.31
C PRO A 244 -5.64 -34.68 -10.22
N SER A 245 -5.24 -34.07 -11.34
CA SER A 245 -4.52 -32.81 -11.26
C SER A 245 -5.39 -31.68 -10.72
N LEU A 246 -6.69 -31.93 -10.53
CA LEU A 246 -7.55 -30.94 -9.88
C LEU A 246 -7.28 -30.82 -8.39
N TRP A 247 -6.56 -31.78 -7.81
CA TRP A 247 -6.35 -31.75 -6.36
C TRP A 247 -5.73 -30.44 -5.91
N THR A 248 -4.71 -29.96 -6.63
CA THR A 248 -4.03 -28.74 -6.19
C THR A 248 -4.94 -27.54 -6.22
N PRO A 249 -5.63 -27.20 -7.33
CA PRO A 249 -6.52 -26.02 -7.27
C PRO A 249 -7.62 -26.17 -6.23
N ILE A 250 -8.16 -27.38 -6.06
CA ILE A 250 -9.15 -27.61 -5.00
C ILE A 250 -8.57 -27.25 -3.65
N THR A 251 -7.38 -27.77 -3.33
CA THR A 251 -6.79 -27.60 -2.02
C THR A 251 -6.36 -26.16 -1.78
N GLN A 252 -5.78 -25.51 -2.79
CA GLN A 252 -5.41 -24.11 -2.62
C GLN A 252 -6.65 -23.22 -2.47
N LEU A 253 -7.78 -23.61 -3.07
CA LEU A 253 -9.01 -22.85 -2.83
C LEU A 253 -9.55 -23.11 -1.43
N ILE A 254 -9.25 -24.29 -0.86
CA ILE A 254 -9.59 -24.54 0.54
C ILE A 254 -8.87 -23.53 1.43
N PHE A 255 -7.55 -23.40 1.24
CA PHE A 255 -6.76 -22.43 2.00
C PHE A 255 -7.32 -21.03 1.83
N THR A 256 -7.68 -20.66 0.60
CA THR A 256 -8.24 -19.34 0.32
C THR A 256 -9.48 -19.09 1.17
N HIS A 257 -10.32 -20.11 1.34
CA HIS A 257 -11.54 -19.93 2.11
C HIS A 257 -11.25 -19.85 3.61
N LEU A 258 -10.20 -20.52 4.09
CA LEU A 258 -9.74 -20.26 5.45
C LEU A 258 -9.42 -18.79 5.63
N TYR A 259 -8.67 -18.22 4.69
CA TYR A 259 -8.25 -16.82 4.83
C TYR A 259 -9.43 -15.88 4.77
N LEU A 260 -10.36 -16.12 3.83
CA LEU A 260 -11.56 -15.30 3.76
C LEU A 260 -12.43 -15.47 5.00
N GLY A 261 -12.48 -16.68 5.55
CA GLY A 261 -13.26 -16.88 6.76
C GLY A 261 -12.67 -16.12 7.94
N ILE A 262 -11.36 -16.24 8.13
CA ILE A 262 -10.67 -15.47 9.17
C ILE A 262 -10.92 -13.98 8.99
N ALA A 263 -10.81 -13.50 7.74
CA ALA A 263 -11.01 -12.08 7.48
C ALA A 263 -12.39 -11.62 7.92
N ARG A 264 -13.44 -12.34 7.50
CA ARG A 264 -14.80 -11.98 7.88
C ARG A 264 -15.00 -12.02 9.39
N GLY A 265 -14.46 -13.06 10.05
CA GLY A 265 -14.65 -13.17 11.49
C GLY A 265 -13.99 -12.03 12.25
N ALA A 266 -12.79 -11.66 11.83
CA ALA A 266 -12.10 -10.52 12.44
C ALA A 266 -12.85 -9.22 12.20
N LEU A 267 -13.33 -8.99 10.98
CA LEU A 267 -14.05 -7.75 10.67
C LEU A 267 -15.34 -7.66 11.47
N GLU A 268 -16.04 -8.78 11.65
CA GLU A 268 -17.30 -8.74 12.39
C GLU A 268 -17.05 -8.56 13.88
N GLU A 269 -16.04 -9.24 14.41
CA GLU A 269 -15.68 -9.10 15.82
C GLU A 269 -15.21 -7.68 16.14
N ALA A 270 -14.40 -7.09 15.26
CA ALA A 270 -14.01 -5.69 15.44
C ALA A 270 -15.23 -4.77 15.44
N ALA A 271 -16.15 -4.97 14.50
CA ALA A 271 -17.29 -4.07 14.40
C ALA A 271 -18.16 -4.16 15.65
N HIS A 272 -18.31 -5.36 16.21
CA HIS A 272 -19.09 -5.45 17.44
C HIS A 272 -18.44 -4.65 18.55
N TYR A 273 -17.11 -4.73 18.66
CA TYR A 273 -16.39 -3.95 19.66
C TYR A 273 -16.56 -2.46 19.40
N SER A 274 -16.40 -2.04 18.14
CA SER A 274 -16.53 -0.62 17.83
C SER A 274 -17.93 -0.10 18.18
N ARG A 275 -18.95 -0.93 17.99
CA ARG A 275 -20.32 -0.49 18.24
C ARG A 275 -20.61 -0.37 19.73
N SER A 276 -19.97 -1.20 20.56
CA SER A 276 -20.33 -1.29 21.96
C SER A 276 -19.33 -0.64 22.90
N HIS A 277 -18.07 -0.45 22.47
CA HIS A 277 -17.00 -0.14 23.42
C HIS A 277 -16.06 0.99 23.01
N SER A 278 -15.87 1.25 21.72
CA SER A 278 -14.98 2.33 21.31
C SER A 278 -15.51 3.69 21.78
N ARG A 279 -14.58 4.57 22.17
CA ARG A 279 -14.97 5.90 22.62
C ARG A 279 -14.72 6.93 21.52
N PRO A 280 -15.53 7.99 21.46
CA PRO A 280 -15.31 9.01 20.45
C PRO A 280 -14.07 9.81 20.79
N PHE A 281 -13.32 10.17 19.76
CA PHE A 281 -12.17 11.04 19.95
C PHE A 281 -12.70 12.48 20.01
N THR A 282 -13.24 12.84 21.18
CA THR A 282 -13.92 14.11 21.29
C THR A 282 -12.99 15.30 21.09
N LEU A 283 -11.68 15.10 21.26
CA LEU A 283 -10.72 16.14 20.91
C LEU A 283 -11.00 16.70 19.52
N ALA A 284 -11.38 15.82 18.59
CA ALA A 284 -11.67 16.22 17.21
C ALA A 284 -13.14 16.56 16.98
N GLY A 285 -13.93 16.65 18.04
CA GLY A 285 -15.34 16.94 17.90
C GLY A 285 -16.22 15.77 17.54
N VAL A 286 -15.67 14.55 17.56
CA VAL A 286 -16.47 13.37 17.29
C VAL A 286 -17.39 13.10 18.48
N GLU A 287 -18.64 12.72 18.19
CA GLU A 287 -19.62 12.44 19.23
C GLU A 287 -19.80 10.95 19.49
N LYS A 288 -19.71 10.11 18.47
CA LYS A 288 -19.78 8.66 18.62
C LYS A 288 -18.75 8.00 17.71
N ALA A 289 -18.06 6.98 18.23
CA ALA A 289 -17.01 6.32 17.45
C ALA A 289 -17.55 5.79 16.13
N THR A 290 -18.79 5.30 16.14
CA THR A 290 -19.37 4.72 14.93
C THR A 290 -19.65 5.76 13.85
N GLU A 291 -19.52 7.06 14.15
CA GLU A 291 -19.63 8.11 13.15
C GLU A 291 -18.28 8.74 12.80
N ASP A 292 -17.20 8.21 13.32
CA ASP A 292 -15.89 8.79 13.06
C ASP A 292 -15.52 8.57 11.59
N PRO A 293 -15.12 9.60 10.86
CA PRO A 293 -14.85 9.42 9.42
C PRO A 293 -13.73 8.44 9.13
N TYR A 294 -12.73 8.35 10.01
CA TYR A 294 -11.61 7.44 9.77
C TYR A 294 -11.92 6.02 10.25
N VAL A 295 -12.68 5.87 11.34
CA VAL A 295 -13.21 4.55 11.69
C VAL A 295 -14.01 3.99 10.52
N LEU A 296 -14.92 4.80 9.97
CA LEU A 296 -15.74 4.35 8.86
C LEU A 296 -14.90 4.00 7.63
N ALA A 297 -13.85 4.78 7.38
CA ALA A 297 -12.98 4.51 6.23
C ALA A 297 -12.26 3.17 6.36
N ILE A 298 -11.85 2.81 7.58
CA ILE A 298 -11.16 1.54 7.80
C ILE A 298 -12.09 0.38 7.52
N TYR A 299 -13.28 0.40 8.14
CA TYR A 299 -14.25 -0.66 7.87
C TYR A 299 -14.64 -0.69 6.40
N GLY A 300 -14.79 0.48 5.78
CA GLY A 300 -15.19 0.51 4.38
C GLY A 300 -14.14 -0.09 3.46
N GLU A 301 -12.88 0.31 3.66
CA GLU A 301 -11.81 -0.20 2.80
C GLU A 301 -11.73 -1.72 2.87
N PHE A 302 -11.78 -2.27 4.08
CA PHE A 302 -11.60 -3.72 4.24
C PHE A 302 -12.86 -4.50 3.90
N ALA A 303 -14.04 -4.01 4.29
CA ALA A 303 -15.26 -4.69 3.91
C ALA A 303 -15.42 -4.72 2.39
N ALA A 304 -15.01 -3.66 1.71
CA ALA A 304 -15.11 -3.62 0.24
C ALA A 304 -14.22 -4.69 -0.39
N GLN A 305 -12.95 -4.74 0.01
CA GLN A 305 -12.07 -5.78 -0.51
C GLN A 305 -12.63 -7.16 -0.23
N LEU A 306 -13.18 -7.35 0.98
CA LEU A 306 -13.74 -8.64 1.36
C LEU A 306 -14.93 -9.02 0.47
N GLN A 307 -15.84 -8.07 0.21
CA GLN A 307 -16.98 -8.36 -0.66
C GLN A 307 -16.53 -8.85 -2.02
N VAL A 308 -15.54 -8.16 -2.62
CA VAL A 308 -15.11 -8.53 -3.96
C VAL A 308 -14.42 -9.90 -3.93
N ALA A 309 -13.56 -10.13 -2.94
CA ALA A 309 -12.87 -11.41 -2.83
C ALA A 309 -13.87 -12.53 -2.61
N GLU A 310 -14.87 -12.31 -1.76
CA GLU A 310 -15.86 -13.36 -1.51
C GLU A 310 -16.67 -13.67 -2.75
N ALA A 311 -17.11 -12.64 -3.48
CA ALA A 311 -17.85 -12.87 -4.72
C ALA A 311 -16.99 -13.59 -5.74
N GLY A 312 -15.72 -13.19 -5.85
CA GLY A 312 -14.82 -13.88 -6.76
C GLY A 312 -14.63 -15.33 -6.35
N ALA A 313 -14.55 -15.59 -5.04
CA ALA A 313 -14.29 -16.95 -4.58
C ALA A 313 -15.48 -17.86 -4.84
N ARG A 314 -16.70 -17.33 -4.74
CA ARG A 314 -17.87 -18.12 -5.10
C ARG A 314 -17.84 -18.53 -6.57
N GLU A 315 -17.44 -17.61 -7.46
CA GLU A 315 -17.42 -17.96 -8.88
C GLU A 315 -16.41 -19.06 -9.17
N VAL A 316 -15.25 -19.02 -8.52
CA VAL A 316 -14.22 -20.03 -8.76
C VAL A 316 -14.64 -21.37 -8.17
N ALA A 317 -15.33 -21.34 -7.02
CA ALA A 317 -15.84 -22.57 -6.44
C ALA A 317 -16.83 -23.26 -7.38
N LEU A 318 -17.68 -22.48 -8.05
CA LEU A 318 -18.58 -23.07 -9.04
C LEU A 318 -17.80 -23.72 -10.18
N ARG A 319 -16.64 -23.15 -10.54
CA ARG A 319 -15.86 -23.72 -11.63
C ARG A 319 -15.17 -25.00 -11.20
N VAL A 320 -14.71 -25.05 -9.94
CA VAL A 320 -14.23 -26.31 -9.38
C VAL A 320 -15.28 -27.39 -9.55
N GLN A 321 -16.54 -27.07 -9.21
CA GLN A 321 -17.58 -28.10 -9.28
C GLN A 321 -17.82 -28.52 -10.72
N GLU A 322 -17.89 -27.55 -11.63
CA GLU A 322 -18.10 -27.86 -13.04
C GLU A 322 -17.03 -28.82 -13.56
N LEU A 323 -15.76 -28.52 -13.27
CA LEU A 323 -14.70 -29.39 -13.76
C LEU A 323 -14.67 -30.70 -13.01
N TRP A 324 -15.02 -30.68 -11.71
CA TRP A 324 -15.11 -31.89 -10.92
C TRP A 324 -16.03 -32.92 -11.57
N GLU A 325 -17.09 -32.44 -12.21
CA GLU A 325 -18.09 -33.31 -12.81
C GLU A 325 -17.74 -33.80 -14.21
N ARG A 326 -16.70 -33.23 -14.84
CA ARG A 326 -16.29 -33.66 -16.16
C ARG A 326 -15.55 -34.99 -16.10
N ASN A 327 -15.56 -35.71 -17.22
CA ASN A 327 -14.74 -36.91 -17.36
C ASN A 327 -13.28 -36.55 -17.52
N HIS A 328 -13.00 -35.55 -18.35
CA HIS A 328 -11.65 -35.14 -18.69
C HIS A 328 -11.57 -33.64 -18.54
N VAL A 329 -10.46 -33.16 -17.97
CA VAL A 329 -10.18 -31.74 -17.92
C VAL A 329 -8.93 -31.48 -18.75
N THR A 330 -9.04 -30.59 -19.74
CA THR A 330 -7.91 -30.27 -20.59
C THR A 330 -6.86 -29.47 -19.81
N PRO A 331 -5.60 -29.52 -20.24
CA PRO A 331 -4.57 -28.71 -19.58
C PRO A 331 -4.92 -27.24 -19.51
N GLU A 332 -5.63 -26.74 -20.53
CA GLU A 332 -6.03 -25.34 -20.52
C GLU A 332 -7.07 -25.07 -19.44
N GLN A 333 -8.05 -25.97 -19.31
CA GLN A 333 -9.06 -25.82 -18.28
C GLN A 333 -8.45 -25.92 -16.89
N ARG A 334 -7.59 -26.92 -16.67
CA ARG A 334 -6.91 -27.04 -15.38
C ARG A 334 -6.01 -25.84 -15.12
N GLY A 335 -5.28 -25.40 -16.14
CA GLY A 335 -4.39 -24.26 -15.98
C GLY A 335 -5.13 -22.98 -15.66
N GLN A 336 -6.21 -22.71 -16.39
CA GLN A 336 -7.01 -21.53 -16.12
C GLN A 336 -7.56 -21.56 -14.70
N LEU A 337 -8.05 -22.71 -14.27
CA LEU A 337 -8.56 -22.83 -12.91
C LEU A 337 -7.46 -22.55 -11.89
N MET A 338 -6.28 -23.15 -12.09
CA MET A 338 -5.20 -22.92 -11.14
C MET A 338 -4.81 -21.44 -11.08
N VAL A 339 -4.80 -20.76 -12.23
CA VAL A 339 -4.54 -19.32 -12.24
C VAL A 339 -5.59 -18.58 -11.42
N GLN A 340 -6.87 -18.91 -11.63
CA GLN A 340 -7.93 -18.25 -10.88
C GLN A 340 -7.80 -18.52 -9.39
N VAL A 341 -7.44 -19.75 -9.03
CA VAL A 341 -7.33 -20.10 -7.62
C VAL A 341 -6.12 -19.41 -7.00
N ALA A 342 -4.98 -19.45 -7.69
CA ALA A 342 -3.79 -18.77 -7.18
C ALA A 342 -4.07 -17.29 -6.98
N SER A 343 -4.78 -16.67 -7.92
CA SER A 343 -5.10 -15.24 -7.82
C SER A 343 -5.96 -14.97 -6.60
N ALA A 344 -6.99 -15.79 -6.40
CA ALA A 344 -7.83 -15.65 -5.21
C ALA A 344 -7.01 -15.80 -3.93
N LYS A 345 -6.11 -16.79 -3.90
CA LYS A 345 -5.33 -16.98 -2.68
C LYS A 345 -4.41 -15.80 -2.41
N ILE A 346 -3.79 -15.23 -3.45
CA ILE A 346 -2.94 -14.05 -3.28
C ILE A 346 -3.74 -12.89 -2.68
N VAL A 347 -4.88 -12.57 -3.29
CA VAL A 347 -5.71 -11.47 -2.82
C VAL A 347 -6.17 -11.72 -1.39
N ALA A 348 -6.56 -12.96 -1.08
CA ALA A 348 -7.07 -13.27 0.27
C ALA A 348 -5.95 -13.19 1.30
N THR A 349 -4.74 -13.60 0.91
CA THR A 349 -3.58 -13.55 1.78
C THR A 349 -3.26 -12.10 2.17
N ARG A 350 -3.12 -11.23 1.17
CA ARG A 350 -2.87 -9.81 1.46
C ARG A 350 -3.97 -9.22 2.33
N LEU A 351 -5.22 -9.53 2.00
CA LEU A 351 -6.34 -8.95 2.72
C LEU A 351 -6.33 -9.36 4.18
N VAL A 352 -6.22 -10.66 4.45
CA VAL A 352 -6.39 -11.11 5.83
C VAL A 352 -5.22 -10.65 6.70
N ILE A 353 -4.00 -10.62 6.13
CA ILE A 353 -2.85 -10.16 6.89
C ILE A 353 -2.97 -8.67 7.23
N GLU A 354 -3.43 -7.86 6.28
CA GLU A 354 -3.51 -6.43 6.59
C GLU A 354 -4.66 -6.16 7.54
N LEU A 355 -5.83 -6.74 7.26
CA LEU A 355 -7.04 -6.45 8.02
C LEU A 355 -6.90 -6.86 9.49
N THR A 356 -6.34 -8.04 9.76
CA THR A 356 -6.28 -8.51 11.15
C THR A 356 -5.35 -7.67 12.00
N SER A 357 -4.40 -6.97 11.39
CA SER A 357 -3.52 -6.06 12.11
C SER A 357 -4.11 -4.66 12.19
N ARG A 358 -4.58 -4.11 11.06
CA ARG A 358 -4.97 -2.71 11.02
C ARG A 358 -6.30 -2.42 11.71
N LEU A 359 -7.18 -3.43 11.89
CA LEU A 359 -8.48 -3.16 12.50
C LEU A 359 -8.37 -2.66 13.94
N TYR A 360 -7.27 -2.94 14.64
CA TYR A 360 -7.09 -2.35 15.96
C TYR A 360 -7.25 -0.84 15.90
N GLU A 361 -6.86 -0.22 14.79
CA GLU A 361 -6.93 1.23 14.68
C GLU A 361 -8.37 1.74 14.67
N ALA A 362 -9.32 0.90 14.30
CA ALA A 362 -10.73 1.24 14.37
C ALA A 362 -11.34 0.95 15.74
N MET A 363 -10.64 0.23 16.61
CA MET A 363 -11.16 -0.14 17.92
C MET A 363 -10.57 0.69 19.05
N GLY A 364 -9.28 0.96 19.02
CA GLY A 364 -8.61 1.77 20.03
C GLY A 364 -7.73 0.93 20.93
N ALA A 365 -7.04 1.65 21.83
CA ALA A 365 -5.97 1.05 22.63
C ALA A 365 -6.48 -0.03 23.58
N ARG A 366 -7.68 0.13 24.12
CA ARG A 366 -8.15 -0.84 25.10
C ARG A 366 -8.43 -2.20 24.47
N ALA A 367 -8.56 -2.28 23.14
CA ALA A 367 -8.67 -3.59 22.51
C ALA A 367 -7.37 -4.38 22.67
N ALA A 368 -6.24 -3.68 22.78
CA ALA A 368 -4.97 -4.32 23.04
C ALA A 368 -4.57 -4.32 24.51
N ALA A 369 -5.03 -3.35 25.29
CA ALA A 369 -4.60 -3.25 26.69
C ALA A 369 -5.12 -4.42 27.52
N SER A 370 -6.24 -5.03 27.12
CA SER A 370 -6.76 -6.23 27.77
C SER A 370 -6.41 -7.41 26.89
N ARG A 371 -5.32 -8.11 27.23
CA ARG A 371 -4.93 -9.30 26.49
C ARG A 371 -6.11 -10.25 26.30
N GLN A 372 -6.95 -10.41 27.33
CA GLN A 372 -7.99 -11.42 27.31
C GLN A 372 -9.05 -11.17 26.24
N PHE A 373 -9.19 -9.94 25.75
CA PHE A 373 -10.10 -9.70 24.62
C PHE A 373 -9.75 -10.63 23.45
N GLY A 374 -8.46 -10.92 23.27
CA GLY A 374 -8.01 -11.97 22.39
C GLY A 374 -8.18 -11.71 20.91
N PHE A 375 -8.31 -10.45 20.51
CA PHE A 375 -8.51 -10.18 19.08
C PHE A 375 -7.29 -10.59 18.25
N ASP A 376 -6.10 -10.63 18.86
CA ASP A 376 -4.89 -10.96 18.14
C ASP A 376 -4.90 -12.38 17.62
N ARG A 377 -5.81 -13.23 18.11
CA ARG A 377 -5.98 -14.57 17.58
C ARG A 377 -6.13 -14.57 16.06
N PHE A 378 -6.89 -13.62 15.52
CA PHE A 378 -7.10 -13.57 14.07
C PHE A 378 -5.79 -13.36 13.33
N TRP A 379 -5.02 -12.33 13.73
CA TRP A 379 -3.72 -12.12 13.08
C TRP A 379 -2.81 -13.33 13.28
N ARG A 380 -2.79 -13.91 14.48
CA ARG A 380 -1.87 -15.02 14.72
C ARG A 380 -2.22 -16.23 13.85
N ASP A 381 -3.52 -16.55 13.74
CA ASP A 381 -3.94 -17.65 12.88
C ASP A 381 -3.59 -17.37 11.42
N ALA A 382 -4.00 -16.20 10.90
CA ALA A 382 -3.70 -15.88 9.51
C ALA A 382 -2.20 -15.80 9.25
N ARG A 383 -1.45 -15.17 10.17
CA ARG A 383 -0.01 -15.01 9.95
C ARG A 383 0.69 -16.36 9.90
N THR A 384 0.20 -17.33 10.68
CA THR A 384 0.81 -18.66 10.69
C THR A 384 0.48 -19.41 9.40
N HIS A 385 -0.80 -19.44 9.02
CA HIS A 385 -1.16 -20.32 7.91
C HIS A 385 -0.75 -19.75 6.56
N THR A 386 -0.76 -18.43 6.39
CA THR A 386 -0.44 -17.84 5.10
C THR A 386 0.97 -18.14 4.64
N LEU A 387 1.83 -18.59 5.55
CA LEU A 387 3.18 -18.99 5.20
C LEU A 387 3.24 -20.44 4.72
N HIS A 388 2.12 -21.15 4.69
CA HIS A 388 2.05 -22.54 4.19
C HIS A 388 2.92 -22.75 2.96
N ASP A 389 2.65 -21.99 1.91
CA ASP A 389 3.60 -21.85 0.83
C ASP A 389 3.72 -20.37 0.50
N PRO A 390 4.91 -19.93 0.11
CA PRO A 390 5.17 -18.47 0.01
C PRO A 390 4.33 -17.82 -1.07
N VAL A 391 3.61 -16.76 -0.67
CA VAL A 391 2.77 -16.05 -1.61
C VAL A 391 3.60 -15.45 -2.74
N ALA A 392 4.87 -15.15 -2.46
CA ALA A 392 5.72 -14.53 -3.48
C ALA A 392 5.86 -15.42 -4.71
N TYR A 393 5.83 -16.74 -4.53
CA TYR A 393 5.91 -17.63 -5.70
C TYR A 393 4.57 -17.97 -6.30
N LYS A 394 3.47 -17.81 -5.55
CA LYS A 394 2.18 -17.77 -6.19
C LYS A 394 2.08 -16.56 -7.10
N ILE A 395 2.59 -15.42 -6.63
CA ILE A 395 2.59 -14.21 -7.46
C ILE A 395 3.46 -14.42 -8.70
N ARG A 396 4.60 -15.07 -8.53
CA ARG A 396 5.47 -15.32 -9.68
C ARG A 396 4.78 -16.23 -10.69
N GLU A 397 4.06 -17.25 -10.22
CA GLU A 397 3.36 -18.15 -11.13
C GLU A 397 2.29 -17.41 -11.94
N VAL A 398 1.51 -16.54 -11.29
CA VAL A 398 0.52 -15.78 -12.03
C VAL A 398 1.19 -14.83 -13.01
N GLY A 399 2.32 -14.24 -12.62
CA GLY A 399 3.03 -13.36 -13.54
C GLY A 399 3.61 -14.11 -14.73
N ASN A 400 4.09 -15.34 -14.50
CA ASN A 400 4.63 -16.17 -15.56
C ASN A 400 3.54 -16.62 -16.53
N TRP A 401 2.34 -16.87 -16.03
CA TRP A 401 1.19 -17.10 -16.90
C TRP A 401 0.86 -15.86 -17.72
N PHE A 402 0.71 -14.72 -17.06
CA PHE A 402 0.20 -13.56 -17.80
C PHE A 402 1.22 -13.06 -18.80
N LEU A 403 2.48 -12.96 -18.40
CA LEU A 403 3.49 -12.36 -19.27
C LEU A 403 3.99 -13.35 -20.31
N ASN A 404 4.24 -14.60 -19.89
CA ASN A 404 4.86 -15.60 -20.74
C ASN A 404 3.90 -16.67 -21.24
N HIS A 405 2.61 -16.57 -20.93
CA HIS A 405 1.59 -17.54 -21.36
C HIS A 405 1.92 -18.97 -20.94
N ARG A 406 2.55 -19.14 -19.78
CA ARG A 406 2.89 -20.46 -19.26
C ARG A 406 1.99 -20.80 -18.08
N PHE A 407 1.17 -21.84 -18.23
CA PHE A 407 0.40 -22.33 -17.09
C PHE A 407 1.34 -22.96 -16.06
N PRO A 408 1.03 -22.85 -14.78
CA PRO A 408 1.89 -23.45 -13.76
C PRO A 408 2.01 -24.96 -13.95
N THR A 409 3.13 -25.50 -13.53
CA THR A 409 3.40 -26.92 -13.67
C THR A 409 2.66 -27.69 -12.57
N PRO A 410 1.75 -28.60 -12.92
CA PRO A 410 1.01 -29.31 -11.87
C PRO A 410 1.97 -30.02 -10.93
N SER A 411 1.74 -29.81 -9.64
CA SER A 411 2.56 -30.41 -8.60
C SER A 411 1.70 -30.47 -7.35
N PHE A 412 2.32 -30.80 -6.23
CA PHE A 412 1.60 -30.71 -4.97
C PHE A 412 1.35 -29.26 -4.56
N TYR A 413 2.09 -28.30 -5.13
CA TYR A 413 1.96 -26.90 -4.73
C TYR A 413 1.51 -25.96 -5.83
N SER A 414 1.44 -26.41 -7.09
CA SER A 414 0.97 -25.55 -8.18
C SER A 414 0.17 -26.33 -9.25
N HIS B 15 29.24 10.40 23.77
CA HIS B 15 29.40 9.01 23.38
C HIS B 15 29.20 8.04 24.55
N ARG B 16 29.68 8.40 25.74
CA ARG B 16 29.67 7.45 26.84
C ARG B 16 28.24 7.04 27.21
N ALA B 17 27.34 8.03 27.31
CA ALA B 17 25.95 7.72 27.66
C ALA B 17 25.34 6.69 26.71
N LEU B 18 25.60 6.84 25.42
CA LEU B 18 25.00 5.92 24.46
C LEU B 18 25.62 4.53 24.58
N ASP B 19 26.91 4.45 24.93
CA ASP B 19 27.52 3.14 25.17
C ASP B 19 26.89 2.46 26.38
N VAL B 20 26.61 3.22 27.44
CA VAL B 20 25.92 2.64 28.59
C VAL B 20 24.56 2.11 28.20
N ALA B 21 23.80 2.92 27.43
CA ALA B 21 22.49 2.47 26.97
C ALA B 21 22.60 1.20 26.15
N THR B 22 23.61 1.15 25.27
CA THR B 22 23.81 -0.03 24.43
C THR B 22 24.09 -1.26 25.28
N GLU B 23 24.92 -1.10 26.32
CA GLU B 23 25.24 -2.23 27.18
C GLU B 23 24.03 -2.68 27.98
N LEU B 24 23.21 -1.74 28.46
CA LEU B 24 21.96 -2.12 29.10
C LEU B 24 21.10 -2.93 28.15
N ALA B 25 20.92 -2.44 26.92
CA ALA B 25 20.06 -3.13 25.95
C ALA B 25 20.51 -4.56 25.72
N LYS B 26 21.82 -4.75 25.59
CA LYS B 26 22.38 -6.09 25.40
C LYS B 26 21.93 -7.04 26.50
N THR B 27 22.05 -6.60 27.77
CA THR B 27 21.65 -7.48 28.85
C THR B 27 20.15 -7.73 28.85
N PHE B 28 19.36 -6.71 28.50
CA PHE B 28 17.91 -6.90 28.47
C PHE B 28 17.52 -7.95 27.42
N ARG B 29 18.19 -7.95 26.26
CA ARG B 29 17.83 -8.88 25.18
C ARG B 29 17.94 -10.33 25.62
N VAL B 30 18.84 -10.61 26.56
CA VAL B 30 19.04 -11.99 27.00
C VAL B 30 17.76 -12.55 27.61
N THR B 31 17.03 -11.73 28.36
CA THR B 31 15.95 -12.21 29.22
C THR B 31 14.55 -11.74 28.82
N VAL B 32 14.43 -10.89 27.79
CA VAL B 32 13.14 -10.25 27.52
C VAL B 32 12.06 -11.27 27.16
N ARG B 33 12.42 -12.28 26.37
CA ARG B 33 11.44 -13.27 25.93
C ARG B 33 10.73 -13.91 27.13
N GLU B 34 11.50 -14.35 28.12
CA GLU B 34 10.93 -14.96 29.32
C GLU B 34 10.22 -13.93 30.19
N ARG B 35 10.84 -12.78 30.43
CA ARG B 35 10.24 -11.80 31.34
C ARG B 35 8.92 -11.26 30.81
N GLU B 36 8.83 -10.94 29.52
CA GLU B 36 7.61 -10.28 29.05
C GLU B 36 6.42 -11.22 29.07
N ARG B 37 6.65 -12.53 28.89
CA ARG B 37 5.55 -13.49 29.04
C ARG B 37 4.92 -13.38 30.41
N ALA B 38 5.76 -13.25 31.46
CA ALA B 38 5.27 -13.18 32.82
C ALA B 38 4.54 -11.87 33.10
N GLY B 39 4.86 -10.81 32.36
CA GLY B 39 4.27 -9.54 32.72
C GLY B 39 4.80 -9.07 34.07
N GLY B 40 4.04 -8.20 34.71
CA GLY B 40 4.49 -7.73 36.01
C GLY B 40 5.65 -6.73 35.92
N THR B 41 6.30 -6.52 37.06
CA THR B 41 7.24 -5.43 37.25
C THR B 41 8.67 -5.91 37.02
N PRO B 42 9.44 -5.32 36.00
CA PRO B 42 10.84 -5.73 35.76
C PRO B 42 11.81 -5.06 36.74
N LYS B 43 11.68 -5.43 38.02
CA LYS B 43 12.37 -4.73 39.09
C LYS B 43 13.89 -4.76 38.91
N ALA B 44 14.45 -5.95 38.62
CA ALA B 44 15.89 -6.06 38.44
C ALA B 44 16.38 -5.12 37.34
N GLU B 45 15.60 -4.99 36.27
CA GLU B 45 16.03 -4.17 35.13
C GLU B 45 15.83 -2.69 35.42
N ARG B 46 14.74 -2.33 36.11
CA ARG B 46 14.60 -0.94 36.55
C ARG B 46 15.78 -0.53 37.44
N ASP B 47 16.25 -1.44 38.30
CA ASP B 47 17.38 -1.13 39.17
C ASP B 47 18.67 -1.00 38.35
N ALA B 48 18.87 -1.85 37.35
CA ALA B 48 20.03 -1.67 36.48
C ALA B 48 20.00 -0.30 35.81
N ILE B 49 18.82 0.20 35.47
CA ILE B 49 18.74 1.53 34.88
C ILE B 49 19.07 2.59 35.93
N ARG B 50 18.60 2.39 37.16
CA ARG B 50 18.96 3.29 38.25
C ARG B 50 20.47 3.36 38.44
N ARG B 51 21.15 2.19 38.45
CA ARG B 51 22.59 2.16 38.66
C ARG B 51 23.36 2.78 37.50
N SER B 52 22.77 2.81 36.30
CA SER B 52 23.48 3.30 35.12
C SER B 52 23.66 4.82 35.13
N GLY B 53 22.86 5.53 35.91
CA GLY B 53 22.88 6.98 35.90
C GLY B 53 22.10 7.66 34.78
N LEU B 54 21.58 6.89 33.81
CA LEU B 54 20.94 7.49 32.64
C LEU B 54 19.64 8.21 32.95
N LEU B 55 18.98 7.88 34.07
CA LEU B 55 17.77 8.61 34.46
C LEU B 55 18.03 10.10 34.68
N THR B 56 19.29 10.48 34.93
CA THR B 56 19.66 11.87 35.18
C THR B 56 20.18 12.59 33.93
N LEU B 57 19.94 12.01 32.73
CA LEU B 57 20.54 12.54 31.51
C LEU B 57 20.25 14.01 31.29
N LEU B 58 19.04 14.47 31.62
CA LEU B 58 18.63 15.84 31.30
C LEU B 58 18.78 16.80 32.47
N ILE B 59 19.12 16.30 33.65
CA ILE B 59 19.42 17.16 34.78
C ILE B 59 20.79 17.81 34.55
N SER B 60 20.89 19.10 34.85
CA SER B 60 22.15 19.80 34.59
C SER B 60 23.27 19.22 35.44
N LYS B 61 24.50 19.36 34.94
CA LYS B 61 25.65 18.96 35.72
C LYS B 61 25.72 19.74 37.03
N GLU B 62 25.32 21.01 37.00
CA GLU B 62 25.27 21.81 38.22
C GLU B 62 24.50 21.11 39.33
N ARG B 63 23.42 20.41 38.97
CA ARG B 63 22.56 19.78 39.94
C ARG B 63 22.85 18.28 40.11
N GLY B 64 23.96 17.79 39.56
CA GLY B 64 24.37 16.42 39.75
C GLY B 64 24.04 15.47 38.61
N GLY B 65 23.36 15.95 37.56
CA GLY B 65 23.00 15.10 36.45
C GLY B 65 24.07 15.07 35.38
N LEU B 66 23.72 14.44 34.26
CA LEU B 66 24.66 14.24 33.17
C LEU B 66 24.76 15.45 32.24
N GLY B 67 23.81 16.39 32.32
CA GLY B 67 23.85 17.58 31.48
C GLY B 67 23.81 17.27 30.00
N GLU B 68 23.12 16.21 29.61
CA GLU B 68 23.07 15.81 28.21
C GLU B 68 21.86 16.41 27.52
N SER B 69 21.64 16.02 26.26
CA SER B 69 20.69 16.68 25.39
C SER B 69 19.59 15.71 24.96
N TRP B 70 18.51 16.28 24.45
CA TRP B 70 17.41 15.44 23.99
C TRP B 70 17.83 14.49 22.86
N PRO B 71 18.63 14.90 21.87
CA PRO B 71 19.09 13.91 20.89
C PRO B 71 19.70 12.69 21.54
N THR B 72 20.48 12.86 22.62
CA THR B 72 21.05 11.71 23.30
C THR B 72 19.97 10.86 23.96
N VAL B 73 19.00 11.50 24.64
CA VAL B 73 17.89 10.79 25.26
C VAL B 73 17.12 9.97 24.22
N TYR B 74 16.81 10.58 23.08
CA TYR B 74 15.98 9.88 22.10
C TYR B 74 16.72 8.69 21.51
N GLU B 75 18.01 8.84 21.19
CA GLU B 75 18.76 7.70 20.70
C GLU B 75 18.82 6.60 21.75
N ALA B 76 18.96 6.97 23.02
CA ALA B 76 19.00 5.97 24.09
C ALA B 76 17.65 5.26 24.22
N ILE B 77 16.55 5.99 24.11
CA ILE B 77 15.22 5.38 24.14
C ILE B 77 15.09 4.33 23.04
N ALA B 78 15.47 4.69 21.82
CA ALA B 78 15.32 3.75 20.70
C ALA B 78 16.19 2.51 20.89
N GLU B 79 17.42 2.70 21.39
CA GLU B 79 18.32 1.56 21.57
C GLU B 79 17.75 0.58 22.58
N ILE B 80 17.28 1.08 23.72
CA ILE B 80 16.73 0.20 24.74
C ILE B 80 15.43 -0.44 24.24
N ALA B 81 14.56 0.36 23.61
CA ALA B 81 13.33 -0.19 23.05
C ALA B 81 13.60 -1.32 22.07
N SER B 82 14.69 -1.22 21.29
CA SER B 82 14.98 -2.24 20.30
C SER B 82 15.28 -3.58 20.96
N ALA B 83 15.67 -3.56 22.23
CA ALA B 83 15.97 -4.77 23.00
C ALA B 83 14.76 -5.24 23.81
N ASP B 84 14.06 -4.30 24.44
CA ASP B 84 12.95 -4.61 25.33
C ASP B 84 12.02 -3.41 25.27
N ALA B 85 10.88 -3.57 24.59
CA ALA B 85 10.02 -2.44 24.34
C ALA B 85 9.42 -1.90 25.64
N SER B 86 9.17 -2.76 26.61
CA SER B 86 8.60 -2.29 27.88
C SER B 86 9.61 -1.45 28.63
N LEU B 87 10.88 -1.87 28.62
CA LEU B 87 11.90 -1.10 29.33
C LEU B 87 12.22 0.19 28.59
N GLY B 88 12.16 0.19 27.26
CA GLY B 88 12.27 1.44 26.52
C GLY B 88 11.13 2.40 26.82
N HIS B 89 9.91 1.86 26.91
CA HIS B 89 8.73 2.64 27.29
C HIS B 89 8.89 3.22 28.69
N LEU B 90 9.22 2.37 29.67
CA LEU B 90 9.43 2.86 31.03
C LEU B 90 10.48 3.98 31.05
N PHE B 91 11.60 3.74 30.38
CA PHE B 91 12.70 4.71 30.30
C PHE B 91 12.23 6.00 29.63
N GLY B 92 11.59 5.87 28.46
CA GLY B 92 11.09 7.04 27.76
C GLY B 92 10.07 7.83 28.56
N TYR B 93 9.11 7.15 29.18
CA TYR B 93 8.07 7.87 29.93
C TYR B 93 8.67 8.62 31.11
N HIS B 94 9.71 8.07 31.73
CA HIS B 94 10.41 8.80 32.78
C HIS B 94 10.82 10.18 32.30
N PHE B 95 11.30 10.28 31.06
CA PHE B 95 11.70 11.57 30.52
C PHE B 95 10.50 12.44 30.16
N SER B 96 9.38 11.84 29.73
CA SER B 96 8.17 12.65 29.58
C SER B 96 7.73 13.23 30.92
N ASN B 97 7.76 12.42 31.98
CA ASN B 97 7.44 12.94 33.31
C ASN B 97 8.43 14.04 33.71
N PHE B 98 9.71 13.77 33.52
CA PHE B 98 10.72 14.78 33.86
C PHE B 98 10.48 16.08 33.10
N ALA B 99 10.16 15.97 31.80
CA ALA B 99 9.95 17.18 31.00
C ALA B 99 8.80 18.01 31.55
N TYR B 100 7.69 17.36 31.91
CA TYR B 100 6.60 18.12 32.52
C TYR B 100 7.06 18.82 33.78
N VAL B 101 7.77 18.10 34.65
CA VAL B 101 8.27 18.72 35.88
C VAL B 101 9.15 19.92 35.56
N ASP B 102 10.08 19.74 34.61
CA ASP B 102 11.00 20.82 34.29
C ASP B 102 10.28 22.03 33.69
N LEU B 103 9.18 21.80 32.98
CA LEU B 103 8.51 22.89 32.27
C LEU B 103 7.57 23.69 33.16
N PHE B 104 7.13 23.12 34.28
CA PHE B 104 6.17 23.77 35.16
C PHE B 104 6.68 24.04 36.57
N ALA B 105 7.76 23.40 36.98
CA ALA B 105 8.23 23.56 38.35
C ALA B 105 8.97 24.87 38.52
N SER B 106 8.95 25.40 39.74
CA SER B 106 9.66 26.64 40.03
C SER B 106 11.15 26.38 40.15
N PRO B 107 11.98 27.43 40.04
CA PRO B 107 13.41 27.24 40.31
C PRO B 107 13.67 26.68 41.70
N GLU B 108 12.92 27.12 42.70
CA GLU B 108 13.10 26.59 44.05
C GLU B 108 12.81 25.09 44.11
N GLN B 109 11.75 24.66 43.41
CA GLN B 109 11.41 23.24 43.41
C GLN B 109 12.52 22.40 42.78
N LYS B 110 13.06 22.86 41.63
CA LYS B 110 14.09 22.09 40.96
C LYS B 110 15.38 22.04 41.77
N ALA B 111 15.70 23.14 42.45
CA ALA B 111 16.90 23.15 43.28
C ALA B 111 16.87 22.05 44.33
N ARG B 112 15.68 21.71 44.85
CA ARG B 112 15.55 20.64 45.82
C ARG B 112 15.34 19.28 45.14
N TRP B 113 14.42 19.21 44.18
CA TRP B 113 14.07 17.93 43.58
C TRP B 113 15.23 17.32 42.80
N TYR B 114 15.95 18.12 42.04
CA TYR B 114 16.85 17.47 41.07
C TYR B 114 18.07 16.86 41.74
N PRO B 115 18.72 17.52 42.72
CA PRO B 115 19.76 16.79 43.46
C PRO B 115 19.19 15.58 44.19
N GLN B 116 17.96 15.67 44.69
CA GLN B 116 17.33 14.52 45.32
C GLN B 116 17.19 13.36 44.33
N ALA B 117 16.69 13.66 43.13
CA ALA B 117 16.50 12.61 42.13
C ALA B 117 17.81 11.92 41.76
N VAL B 118 18.92 12.66 41.78
CA VAL B 118 20.24 12.08 41.50
C VAL B 118 20.68 11.15 42.62
N ARG B 119 20.66 11.66 43.86
CA ARG B 119 21.17 10.91 45.00
C ARG B 119 20.32 9.68 45.28
N GLU B 120 19.00 9.79 45.13
CA GLU B 120 18.08 8.71 45.41
C GLU B 120 17.74 7.88 44.17
N ARG B 121 18.32 8.21 43.01
CA ARG B 121 18.15 7.46 41.77
C ARG B 121 16.68 7.30 41.40
N TRP B 122 15.99 8.43 41.31
CA TRP B 122 14.56 8.42 41.05
C TRP B 122 14.25 7.90 39.64
N PHE B 123 13.27 7.00 39.57
CA PHE B 123 12.65 6.51 38.34
C PHE B 123 11.20 6.96 38.44
N LEU B 124 10.78 7.88 37.57
CA LEU B 124 9.46 8.52 37.69
C LEU B 124 8.37 7.69 37.00
N GLY B 125 7.16 7.76 37.56
CA GLY B 125 5.96 7.24 36.92
C GLY B 125 4.87 8.29 36.91
N ASN B 126 3.73 7.93 36.31
CA ASN B 126 2.65 8.89 36.22
C ASN B 126 1.30 8.22 36.42
N ALA B 127 0.33 9.02 36.85
CA ALA B 127 -1.06 8.61 37.01
C ALA B 127 -1.90 9.77 36.50
N SER B 128 -2.36 9.67 35.25
CA SER B 128 -2.83 10.84 34.52
C SER B 128 -4.17 10.59 33.81
N SER B 129 -4.21 9.61 32.91
CA SER B 129 -5.42 9.37 32.14
C SER B 129 -6.42 8.55 32.95
N GLU B 130 -7.65 8.46 32.44
CA GLU B 130 -8.74 7.80 33.12
C GLU B 130 -9.56 6.99 32.13
N ASN B 131 -10.46 6.16 32.65
CA ASN B 131 -11.21 5.22 31.81
C ASN B 131 -12.70 5.50 31.82
N ASN B 132 -13.09 6.68 31.36
CA ASN B 132 -14.51 7.02 31.33
C ASN B 132 -14.97 7.23 29.88
N ALA B 133 -15.92 8.14 29.65
CA ALA B 133 -16.64 8.13 28.37
C ALA B 133 -15.76 8.49 27.18
N HIS B 134 -14.69 9.23 27.41
CA HIS B 134 -13.75 9.64 26.37
C HIS B 134 -12.52 10.17 27.09
N VAL B 135 -11.45 10.41 26.33
CA VAL B 135 -10.22 10.85 26.97
C VAL B 135 -10.39 12.28 27.48
N LEU B 136 -9.69 12.58 28.57
CA LEU B 136 -9.82 13.86 29.27
C LEU B 136 -11.26 14.17 29.69
N ASP B 137 -12.09 13.14 29.83
CA ASP B 137 -13.29 13.19 30.69
C ASP B 137 -12.81 12.70 32.04
N TRP B 138 -12.39 13.64 32.89
CA TRP B 138 -11.64 13.30 34.10
C TRP B 138 -12.53 13.42 35.34
N ARG B 139 -12.49 12.39 36.18
CA ARG B 139 -13.28 12.34 37.41
C ARG B 139 -12.44 12.28 38.68
N VAL B 140 -11.12 12.16 38.59
CA VAL B 140 -10.28 12.17 39.78
C VAL B 140 -10.18 13.62 40.25
N THR B 141 -10.61 13.88 41.47
CA THR B 141 -10.80 15.24 41.94
C THR B 141 -9.68 15.68 42.88
N ALA B 142 -9.50 16.99 42.93
CA ALA B 142 -8.57 17.65 43.84
C ALA B 142 -9.39 18.62 44.68
N THR B 143 -9.58 18.31 45.96
CA THR B 143 -10.39 19.22 46.77
C THR B 143 -9.49 20.11 47.60
N PRO B 144 -9.62 21.43 47.53
CA PRO B 144 -8.67 22.29 48.26
C PRO B 144 -8.89 22.22 49.77
N LEU B 145 -7.80 22.20 50.47
CA LEU B 145 -7.73 22.27 51.92
C LEU B 145 -7.30 23.65 52.37
N PRO B 146 -7.59 24.03 53.61
CA PRO B 146 -7.37 25.43 54.03
C PRO B 146 -5.94 25.93 53.84
N ASP B 147 -4.94 25.04 53.95
CA ASP B 147 -3.54 25.42 53.90
C ASP B 147 -3.00 25.51 52.47
N GLY B 148 -3.83 25.23 51.46
CA GLY B 148 -3.34 25.14 50.10
C GLY B 148 -3.02 23.75 49.62
N SER B 149 -3.04 22.75 50.49
CA SER B 149 -2.92 21.38 50.02
C SER B 149 -4.18 21.00 49.24
N TYR B 150 -4.13 19.85 48.57
CA TYR B 150 -5.32 19.29 47.94
C TYR B 150 -5.49 17.84 48.37
N GLU B 151 -6.74 17.43 48.52
CA GLU B 151 -7.09 16.02 48.75
C GLU B 151 -7.55 15.41 47.43
N ILE B 152 -6.91 14.30 47.04
CA ILE B 152 -7.14 13.64 45.75
C ILE B 152 -7.99 12.40 45.99
N ASN B 153 -9.00 12.22 45.12
CA ASN B 153 -9.85 11.03 45.19
C ASN B 153 -10.21 10.55 43.80
N GLY B 154 -10.10 9.24 43.59
CA GLY B 154 -10.48 8.61 42.34
C GLY B 154 -9.43 7.63 41.87
N THR B 155 -9.72 7.00 40.74
CA THR B 155 -8.84 5.98 40.18
C THR B 155 -8.38 6.43 38.80
N LYS B 156 -7.07 6.36 38.57
CA LYS B 156 -6.45 6.65 37.30
C LYS B 156 -6.19 5.34 36.56
N ALA B 157 -6.17 5.42 35.24
CA ALA B 157 -5.90 4.28 34.36
C ALA B 157 -4.65 4.55 33.55
N PHE B 158 -4.06 3.45 33.06
CA PHE B 158 -2.88 3.51 32.19
C PHE B 158 -1.76 4.27 32.87
N CYS B 159 -1.41 3.83 34.08
CA CYS B 159 -0.45 4.56 34.93
C CYS B 159 0.96 3.99 34.73
N SER B 160 1.50 4.19 33.53
CA SER B 160 2.78 3.60 33.18
C SER B 160 3.84 3.87 34.24
N GLY B 161 4.59 2.84 34.59
CA GLY B 161 5.68 3.02 35.53
C GLY B 161 5.24 3.33 36.93
N SER B 162 3.96 3.08 37.24
CA SER B 162 3.41 3.34 38.55
C SER B 162 4.05 2.45 39.62
N ALA B 163 4.33 1.21 39.26
CA ALA B 163 4.95 0.27 40.18
C ALA B 163 6.43 0.58 40.35
N ASP B 164 6.91 0.53 41.59
CA ASP B 164 8.33 0.75 41.86
C ASP B 164 8.76 2.17 41.50
N ALA B 165 7.81 3.10 41.43
CA ALA B 165 8.14 4.48 41.11
C ALA B 165 8.59 5.20 42.37
N ASP B 166 9.64 6.02 42.24
CA ASP B 166 10.07 6.86 43.35
C ASP B 166 9.18 8.07 43.54
N ARG B 167 8.65 8.62 42.43
CA ARG B 167 7.68 9.70 42.46
C ARG B 167 6.67 9.47 41.33
N LEU B 168 5.44 9.91 41.56
CA LEU B 168 4.39 9.87 40.56
C LEU B 168 4.03 11.29 40.16
N LEU B 169 4.00 11.54 38.86
CA LEU B 169 3.41 12.75 38.33
C LEU B 169 1.91 12.50 38.23
N VAL B 170 1.10 13.30 38.92
CA VAL B 170 -0.34 13.06 39.00
C VAL B 170 -1.11 14.31 38.58
N PHE B 171 -2.26 14.08 37.92
CA PHE B 171 -3.14 15.13 37.45
C PHE B 171 -4.54 14.94 38.03
N ALA B 172 -5.17 16.04 38.43
CA ALA B 172 -6.53 16.01 38.95
C ALA B 172 -7.23 17.31 38.57
N VAL B 173 -8.55 17.33 38.78
CA VAL B 173 -9.39 18.46 38.43
C VAL B 173 -10.00 19.01 39.72
N THR B 174 -9.92 20.32 39.92
CA THR B 174 -10.40 20.88 41.18
C THR B 174 -11.88 20.60 41.37
N SER B 175 -12.27 20.39 42.63
CA SER B 175 -13.65 20.15 43.03
C SER B 175 -13.90 20.85 44.36
N ARG B 176 -15.12 21.37 44.53
CA ARG B 176 -15.45 22.12 45.75
C ARG B 176 -14.48 23.28 45.95
N ASP B 177 -14.22 24.01 44.87
CA ASP B 177 -13.15 24.99 44.82
C ASP B 177 -13.75 26.37 44.60
N PRO B 178 -13.69 27.28 45.58
CA PRO B 178 -14.27 28.61 45.36
C PRO B 178 -13.61 29.36 44.23
N ASN B 179 -12.34 29.08 43.96
CA ASN B 179 -11.61 29.73 42.88
C ASN B 179 -11.85 29.08 41.52
N GLY B 180 -12.75 28.10 41.43
CA GLY B 180 -13.14 27.54 40.16
C GLY B 180 -12.99 26.03 40.11
N ASP B 181 -14.08 25.32 39.84
CA ASP B 181 -14.01 23.87 39.71
C ASP B 181 -13.52 23.50 38.31
N GLY B 182 -13.01 22.28 38.20
CA GLY B 182 -12.61 21.75 36.91
C GLY B 182 -11.30 22.28 36.37
N ARG B 183 -10.47 22.88 37.21
CA ARG B 183 -9.15 23.33 36.77
C ARG B 183 -8.14 22.21 37.02
N ILE B 184 -7.27 21.96 36.04
CA ILE B 184 -6.33 20.85 36.15
C ILE B 184 -5.17 21.25 37.05
N VAL B 185 -4.93 20.44 38.10
CA VAL B 185 -3.75 20.57 38.92
C VAL B 185 -2.84 19.38 38.64
N ALA B 186 -1.54 19.60 38.78
CA ALA B 186 -0.54 18.55 38.64
C ALA B 186 0.39 18.60 39.85
N ALA B 187 0.96 17.45 40.20
CA ALA B 187 1.85 17.39 41.36
C ALA B 187 2.80 16.22 41.18
N LEU B 188 3.92 16.28 41.89
CA LEU B 188 4.89 15.20 41.92
C LEU B 188 4.97 14.69 43.36
N ILE B 189 4.51 13.46 43.59
CA ILE B 189 4.34 12.98 44.96
C ILE B 189 4.97 11.61 45.14
N PRO B 190 5.37 11.27 46.37
CA PRO B 190 5.85 9.91 46.65
C PRO B 190 4.78 8.87 46.35
N SER B 191 5.21 7.74 45.80
CA SER B 191 4.25 6.68 45.46
C SER B 191 3.72 5.95 46.69
N ASP B 192 4.31 6.15 47.86
CA ASP B 192 3.78 5.54 49.08
C ASP B 192 3.15 6.56 50.03
N ARG B 193 2.81 7.74 49.52
CA ARG B 193 1.97 8.68 50.25
C ARG B 193 0.69 7.98 50.70
N ALA B 194 0.28 8.24 51.93
CA ALA B 194 -0.91 7.59 52.49
C ALA B 194 -2.10 7.75 51.55
N GLY B 195 -2.78 6.63 51.29
CA GLY B 195 -3.95 6.64 50.43
C GLY B 195 -3.69 6.33 48.98
N VAL B 196 -2.43 6.21 48.56
CA VAL B 196 -2.11 5.82 47.19
C VAL B 196 -2.03 4.30 47.13
N GLN B 197 -2.81 3.69 46.24
CA GLN B 197 -2.76 2.25 46.03
C GLN B 197 -2.46 1.99 44.56
N VAL B 198 -1.28 1.44 44.28
CA VAL B 198 -0.88 1.04 42.93
C VAL B 198 -1.40 -0.37 42.73
N ASN B 199 -2.22 -0.59 41.69
CA ASN B 199 -3.10 -1.77 41.66
C ASN B 199 -2.56 -2.99 40.94
N GLY B 200 -1.56 -2.86 40.07
CA GLY B 200 -1.02 -4.06 39.44
C GLY B 200 -1.98 -4.82 38.53
N ASP B 201 -2.93 -4.13 37.92
CA ASP B 201 -3.92 -4.75 37.03
C ASP B 201 -3.57 -4.47 35.56
N TRP B 202 -2.42 -4.94 35.12
CA TRP B 202 -1.95 -4.73 33.75
C TRP B 202 -1.65 -6.09 33.15
N ASP B 203 -2.47 -6.50 32.19
CA ASP B 203 -2.31 -7.79 31.52
C ASP B 203 -2.66 -7.57 30.05
N SER B 204 -1.66 -7.17 29.26
CA SER B 204 -1.86 -6.55 27.95
C SER B 204 -1.32 -7.43 26.83
N LEU B 205 -1.72 -7.10 25.60
CA LEU B 205 -1.23 -7.81 24.41
C LEU B 205 0.28 -7.67 24.27
N GLY B 206 0.77 -6.43 24.22
CA GLY B 206 2.18 -6.11 24.23
C GLY B 206 2.46 -5.04 25.27
N MET B 207 3.69 -4.52 25.31
CA MET B 207 4.14 -3.62 26.37
C MET B 207 3.82 -4.22 27.73
N ARG B 208 4.13 -5.52 27.88
CA ARG B 208 3.59 -6.25 29.01
C ARG B 208 4.27 -5.94 30.33
N GLN B 209 5.43 -5.27 30.33
CA GLN B 209 6.10 -4.97 31.59
C GLN B 209 6.16 -3.47 31.88
N THR B 210 5.23 -2.68 31.31
CA THR B 210 5.18 -1.25 31.55
C THR B 210 4.39 -0.90 32.79
N ASP B 211 3.77 -1.87 33.46
CA ASP B 211 2.98 -1.62 34.67
C ASP B 211 1.96 -0.50 34.47
N SER B 212 1.27 -0.54 33.33
CA SER B 212 0.30 0.51 33.04
C SER B 212 -1.09 0.20 33.58
N GLY B 213 -1.17 -0.38 34.78
CA GLY B 213 -2.43 -0.63 35.46
C GLY B 213 -2.98 0.63 36.09
N SER B 214 -3.90 0.45 37.03
CA SER B 214 -4.54 1.61 37.62
C SER B 214 -3.90 1.99 38.96
N VAL B 215 -4.18 3.22 39.37
CA VAL B 215 -3.76 3.74 40.67
C VAL B 215 -4.97 4.40 41.31
N THR B 216 -5.27 4.01 42.56
CA THR B 216 -6.43 4.51 43.26
C THR B 216 -5.98 5.49 44.34
N PHE B 217 -6.64 6.64 44.38
CA PHE B 217 -6.35 7.68 45.37
C PHE B 217 -7.51 7.73 46.35
N SER B 218 -7.24 7.39 47.61
CA SER B 218 -8.23 7.41 48.69
C SER B 218 -7.81 8.48 49.69
N GLY B 219 -8.36 9.69 49.56
CA GLY B 219 -8.02 10.78 50.46
C GLY B 219 -6.54 11.14 50.49
N VAL B 220 -5.90 11.16 49.34
CA VAL B 220 -4.47 11.41 49.26
C VAL B 220 -4.22 12.90 49.36
N VAL B 221 -3.37 13.32 50.31
CA VAL B 221 -3.07 14.74 50.48
C VAL B 221 -1.83 15.08 49.67
N VAL B 222 -1.93 16.15 48.88
CA VAL B 222 -0.83 16.70 48.11
C VAL B 222 -0.50 18.05 48.72
N TYR B 223 0.75 18.23 49.12
CA TYR B 223 1.16 19.41 49.86
C TYR B 223 1.56 20.55 48.91
N PRO B 224 1.50 21.80 49.37
CA PRO B 224 1.66 22.90 48.40
C PRO B 224 3.00 22.91 47.72
N ASP B 225 4.05 22.40 48.36
CA ASP B 225 5.36 22.40 47.71
C ASP B 225 5.52 21.27 46.70
N GLU B 226 4.49 20.43 46.52
CA GLU B 226 4.52 19.38 45.50
C GLU B 226 3.76 19.77 44.24
N LEU B 227 3.02 20.87 44.29
CA LEU B 227 2.22 21.32 43.16
C LEU B 227 3.10 21.89 42.04
N LEU B 228 2.72 21.58 40.81
CA LEU B 228 3.40 22.07 39.61
C LEU B 228 2.54 23.17 39.01
N GLY B 229 2.99 24.42 39.20
CA GLY B 229 2.21 25.54 38.75
C GLY B 229 0.91 25.70 39.54
N THR B 230 0.03 26.52 38.98
CA THR B 230 -1.25 26.83 39.57
C THR B 230 -2.37 26.11 38.85
N PRO B 231 -3.56 26.01 39.45
CA PRO B 231 -4.65 25.23 38.84
C PRO B 231 -5.07 25.82 37.50
N GLY B 232 -5.10 24.97 36.48
CA GLY B 232 -5.41 25.40 35.13
C GLY B 232 -4.24 26.00 34.38
N GLN B 233 -3.05 26.10 34.99
CA GLN B 233 -1.92 26.70 34.29
C GLN B 233 -1.54 25.86 33.06
N VAL B 234 -1.66 24.54 33.14
CA VAL B 234 -1.33 23.74 31.96
C VAL B 234 -2.29 24.07 30.81
N THR B 235 -3.58 24.24 31.14
CA THR B 235 -4.56 24.57 30.11
C THR B 235 -4.24 25.91 29.46
N ASP B 236 -3.81 26.89 30.25
CA ASP B 236 -3.48 28.20 29.68
C ASP B 236 -2.19 28.14 28.87
N ALA B 237 -1.19 27.41 29.34
CA ALA B 237 0.01 27.25 28.53
C ALA B 237 -0.31 26.61 27.18
N PHE B 238 -1.18 25.59 27.19
CA PHE B 238 -1.63 24.98 25.94
C PHE B 238 -2.28 26.01 25.02
N ALA B 239 -3.25 26.77 25.57
CA ALA B 239 -3.96 27.77 24.77
C ALA B 239 -3.00 28.81 24.22
N SER B 240 -1.95 29.16 24.97
CA SER B 240 -0.96 30.12 24.53
C SER B 240 0.01 29.56 23.51
N GLY B 241 0.10 28.23 23.40
CA GLY B 241 1.19 27.63 22.65
C GLY B 241 2.54 28.12 23.14
N SER B 242 2.68 28.38 24.43
CA SER B 242 3.94 28.87 24.97
C SER B 242 4.84 27.67 25.34
N LYS B 243 5.95 27.96 26.01
CA LYS B 243 7.00 26.95 26.15
C LYS B 243 6.56 25.68 26.86
N PRO B 244 5.76 25.72 27.92
CA PRO B 244 5.37 24.46 28.55
C PRO B 244 4.57 23.55 27.63
N SER B 245 3.95 24.12 26.59
CA SER B 245 3.23 23.29 25.64
C SER B 245 4.17 22.45 24.77
N LEU B 246 5.48 22.63 24.90
CA LEU B 246 6.44 21.72 24.26
C LEU B 246 6.30 20.30 24.79
N TRP B 247 5.66 20.12 25.95
CA TRP B 247 5.56 18.78 26.51
C TRP B 247 5.02 17.77 25.50
N THR B 248 4.02 18.18 24.71
CA THR B 248 3.40 17.21 23.80
C THR B 248 4.32 16.82 22.66
N PRO B 249 4.91 17.75 21.88
CA PRO B 249 5.83 17.30 20.83
C PRO B 249 6.99 16.48 21.39
N ILE B 250 7.52 16.87 22.57
CA ILE B 250 8.58 16.08 23.19
C ILE B 250 8.12 14.65 23.42
N THR B 251 6.92 14.50 23.98
CA THR B 251 6.42 13.19 24.37
C THR B 251 6.01 12.38 23.14
N GLN B 252 5.40 13.03 22.15
CA GLN B 252 5.06 12.34 20.92
C GLN B 252 6.32 11.89 20.17
N LEU B 253 7.43 12.63 20.29
CA LEU B 253 8.67 12.14 19.69
C LEU B 253 9.28 11.00 20.49
N ILE B 254 9.02 10.94 21.81
CA ILE B 254 9.40 9.75 22.59
C ILE B 254 8.70 8.51 22.04
N PHE B 255 7.38 8.59 21.87
CA PHE B 255 6.66 7.46 21.28
C PHE B 255 7.26 7.09 19.94
N THR B 256 7.54 8.10 19.11
CA THR B 256 8.12 7.84 17.80
C THR B 256 9.37 7.01 17.89
N HIS B 257 10.22 7.30 18.88
CA HIS B 257 11.46 6.55 19.01
C HIS B 257 11.24 5.15 19.57
N LEU B 258 10.17 4.93 20.33
CA LEU B 258 9.81 3.55 20.66
C LEU B 258 9.51 2.76 19.38
N TYR B 259 8.78 3.37 18.45
CA TYR B 259 8.41 2.69 17.20
C TYR B 259 9.63 2.44 16.33
N LEU B 260 10.53 3.43 16.25
CA LEU B 260 11.74 3.23 15.47
C LEU B 260 12.63 2.16 16.09
N GLY B 261 12.70 2.12 17.43
CA GLY B 261 13.50 1.09 18.06
C GLY B 261 12.95 -0.31 17.87
N ILE B 262 11.62 -0.47 18.03
CA ILE B 262 10.99 -1.77 17.81
C ILE B 262 11.23 -2.24 16.37
N ALA B 263 11.08 -1.31 15.42
CA ALA B 263 11.29 -1.64 14.01
C ALA B 263 12.71 -2.12 13.76
N ARG B 264 13.70 -1.42 14.34
CA ARG B 264 15.08 -1.82 14.14
C ARG B 264 15.36 -3.18 14.79
N GLY B 265 14.83 -3.40 16.00
CA GLY B 265 15.03 -4.68 16.66
C GLY B 265 14.38 -5.82 15.90
N ALA B 266 13.16 -5.61 15.39
CA ALA B 266 12.50 -6.66 14.62
C ALA B 266 13.29 -6.99 13.36
N LEU B 267 13.77 -5.96 12.66
CA LEU B 267 14.50 -6.20 11.42
C LEU B 267 15.78 -6.99 11.67
N GLU B 268 16.51 -6.65 12.73
CA GLU B 268 17.76 -7.35 12.99
C GLU B 268 17.50 -8.77 13.52
N GLU B 269 16.42 -8.98 14.28
CA GLU B 269 16.07 -10.33 14.73
C GLU B 269 15.61 -11.21 13.58
N ALA B 270 14.79 -10.67 12.68
CA ALA B 270 14.38 -11.45 11.52
C ALA B 270 15.60 -11.81 10.67
N ALA B 271 16.53 -10.86 10.51
CA ALA B 271 17.68 -11.11 9.66
C ALA B 271 18.51 -12.27 10.20
N HIS B 272 18.74 -12.29 11.53
CA HIS B 272 19.42 -13.42 12.14
C HIS B 272 18.73 -14.74 11.81
N TYR B 273 17.40 -14.80 11.92
CA TYR B 273 16.69 -16.04 11.60
C TYR B 273 16.84 -16.39 10.12
N SER B 274 16.72 -15.41 9.23
CA SER B 274 16.83 -15.71 7.81
C SER B 274 18.21 -16.30 7.48
N ARG B 275 19.27 -15.76 8.07
CA ARG B 275 20.60 -16.28 7.77
C ARG B 275 20.79 -17.68 8.33
N SER B 276 20.14 -18.01 9.45
CA SER B 276 20.39 -19.26 10.15
C SER B 276 19.39 -20.37 9.85
N HIS B 277 18.12 -20.04 9.56
CA HIS B 277 17.08 -21.07 9.64
C HIS B 277 16.24 -21.23 8.39
N SER B 278 16.04 -20.14 7.64
CA SER B 278 15.15 -20.20 6.48
C SER B 278 15.64 -21.22 5.46
N ARG B 279 14.68 -21.94 4.84
CA ARG B 279 15.08 -22.88 3.82
C ARG B 279 14.81 -22.31 2.42
N PRO B 280 15.66 -22.66 1.45
CA PRO B 280 15.42 -22.21 0.08
C PRO B 280 14.19 -22.86 -0.52
N PHE B 281 13.50 -22.10 -1.36
CA PHE B 281 12.34 -22.60 -2.10
C PHE B 281 12.86 -23.28 -3.36
N THR B 282 13.27 -24.54 -3.21
CA THR B 282 13.89 -25.26 -4.31
C THR B 282 12.91 -25.46 -5.46
N LEU B 283 11.60 -25.51 -5.16
CA LEU B 283 10.58 -25.55 -6.22
C LEU B 283 10.84 -24.49 -7.29
N ALA B 284 11.40 -23.34 -6.90
CA ALA B 284 11.72 -22.26 -7.82
C ALA B 284 13.19 -22.25 -8.23
N GLY B 285 13.93 -23.30 -7.86
CA GLY B 285 15.34 -23.37 -8.17
C GLY B 285 16.25 -22.54 -7.29
N VAL B 286 15.74 -21.84 -6.28
CA VAL B 286 16.62 -21.04 -5.44
C VAL B 286 17.40 -21.97 -4.50
N GLU B 287 18.62 -21.56 -4.15
CA GLU B 287 19.59 -22.41 -3.46
C GLU B 287 19.93 -21.95 -2.06
N LYS B 288 19.88 -20.65 -1.78
CA LYS B 288 20.02 -20.14 -0.42
C LYS B 288 18.92 -19.11 -0.20
N ALA B 289 18.30 -19.15 0.99
CA ALA B 289 17.23 -18.20 1.27
C ALA B 289 17.77 -16.77 1.30
N THR B 290 19.01 -16.58 1.74
CA THR B 290 19.59 -15.25 1.74
C THR B 290 19.88 -14.72 0.34
N GLU B 291 19.68 -15.52 -0.70
CA GLU B 291 19.79 -15.08 -2.08
C GLU B 291 18.46 -15.06 -2.81
N ASP B 292 17.36 -15.37 -2.13
CA ASP B 292 16.05 -15.29 -2.72
C ASP B 292 15.75 -13.83 -3.08
N PRO B 293 15.33 -13.53 -4.32
CA PRO B 293 15.08 -12.12 -4.68
C PRO B 293 13.97 -11.48 -3.88
N TYR B 294 12.98 -12.27 -3.45
CA TYR B 294 11.83 -11.71 -2.75
C TYR B 294 12.13 -11.52 -1.27
N VAL B 295 12.92 -12.43 -0.68
CA VAL B 295 13.45 -12.20 0.67
C VAL B 295 14.26 -10.92 0.70
N LEU B 296 15.16 -10.75 -0.28
CA LEU B 296 15.99 -9.55 -0.29
C LEU B 296 15.15 -8.30 -0.49
N ALA B 297 14.08 -8.40 -1.28
CA ALA B 297 13.24 -7.23 -1.51
C ALA B 297 12.54 -6.80 -0.22
N ILE B 298 12.10 -7.75 0.60
CA ILE B 298 11.44 -7.40 1.85
C ILE B 298 12.40 -6.67 2.79
N TYR B 299 13.61 -7.22 2.96
CA TYR B 299 14.60 -6.56 3.81
C TYR B 299 14.98 -5.19 3.25
N GLY B 300 15.12 -5.09 1.93
CA GLY B 300 15.51 -3.82 1.34
C GLY B 300 14.44 -2.74 1.52
N GLU B 301 13.18 -3.10 1.25
CA GLU B 301 12.11 -2.11 1.34
C GLU B 301 11.99 -1.55 2.76
N PHE B 302 12.08 -2.42 3.77
CA PHE B 302 11.87 -1.98 5.14
C PHE B 302 13.13 -1.32 5.72
N ALA B 303 14.32 -1.88 5.43
CA ALA B 303 15.56 -1.25 5.86
C ALA B 303 15.71 0.15 5.25
N ALA B 304 15.32 0.32 3.99
CA ALA B 304 15.38 1.62 3.36
C ALA B 304 14.48 2.62 4.08
N GLN B 305 13.21 2.24 4.30
CA GLN B 305 12.31 3.15 5.00
C GLN B 305 12.82 3.45 6.40
N LEU B 306 13.41 2.45 7.07
CA LEU B 306 13.95 2.69 8.41
C LEU B 306 15.10 3.71 8.38
N GLN B 307 16.01 3.61 7.40
CA GLN B 307 17.12 4.56 7.33
C GLN B 307 16.60 5.99 7.23
N VAL B 308 15.65 6.23 6.33
CA VAL B 308 15.13 7.58 6.11
C VAL B 308 14.40 8.08 7.34
N ALA B 309 13.58 7.20 7.94
CA ALA B 309 12.84 7.59 9.13
C ALA B 309 13.79 7.96 10.26
N GLU B 310 14.83 7.15 10.47
CA GLU B 310 15.79 7.44 11.55
C GLU B 310 16.54 8.74 11.29
N ALA B 311 16.96 8.96 10.03
CA ALA B 311 17.67 10.18 9.71
C ALA B 311 16.77 11.39 9.91
N GLY B 312 15.50 11.29 9.51
CA GLY B 312 14.56 12.37 9.76
C GLY B 312 14.37 12.64 11.24
N ALA B 313 14.29 11.57 12.05
CA ALA B 313 14.03 11.75 13.47
C ALA B 313 15.16 12.50 14.15
N ARG B 314 16.41 12.26 13.73
CA ARG B 314 17.53 12.96 14.34
C ARG B 314 17.42 14.47 14.16
N GLU B 315 16.92 14.91 13.01
CA GLU B 315 16.82 16.34 12.79
C GLU B 315 15.73 16.97 13.65
N VAL B 316 14.59 16.27 13.80
CA VAL B 316 13.53 16.79 14.68
C VAL B 316 14.01 16.83 16.12
N ALA B 317 14.76 15.81 16.55
CA ALA B 317 15.28 15.80 17.91
C ALA B 317 16.20 16.99 18.15
N LEU B 318 17.00 17.35 17.15
CA LEU B 318 17.82 18.57 17.24
C LEU B 318 16.97 19.80 17.51
N ARG B 319 15.82 19.93 16.83
CA ARG B 319 14.97 21.09 17.04
C ARG B 319 14.33 21.07 18.42
N VAL B 320 14.05 19.88 18.96
CA VAL B 320 13.55 19.79 20.33
C VAL B 320 14.56 20.43 21.29
N GLN B 321 15.83 20.08 21.13
CA GLN B 321 16.86 20.63 22.01
C GLN B 321 16.93 22.14 21.89
N GLU B 322 16.93 22.66 20.64
CA GLU B 322 16.97 24.10 20.44
C GLU B 322 15.88 24.81 21.22
N LEU B 323 14.63 24.35 21.09
CA LEU B 323 13.56 25.08 21.77
C LEU B 323 13.55 24.82 23.27
N TRP B 324 13.99 23.63 23.70
CA TRP B 324 14.13 23.31 25.12
C TRP B 324 15.01 24.34 25.83
N GLU B 325 16.05 24.82 25.13
CA GLU B 325 17.02 25.75 25.71
C GLU B 325 16.55 27.19 25.75
N ARG B 326 15.52 27.55 24.98
CA ARG B 326 15.07 28.93 24.91
C ARG B 326 14.30 29.33 26.18
N ASN B 327 14.39 30.61 26.51
CA ASN B 327 13.56 31.12 27.60
C ASN B 327 12.11 31.25 27.18
N HIS B 328 11.88 31.62 25.92
CA HIS B 328 10.53 31.80 25.42
C HIS B 328 10.39 31.06 24.10
N VAL B 329 9.19 30.54 23.86
CA VAL B 329 8.88 29.79 22.66
C VAL B 329 7.54 30.29 22.14
N THR B 330 7.48 30.61 20.86
CA THR B 330 6.28 31.15 20.26
C THR B 330 5.35 30.04 19.78
N PRO B 331 4.06 30.33 19.68
CA PRO B 331 3.13 29.35 19.09
C PRO B 331 3.59 28.84 17.73
N GLU B 332 4.21 29.70 16.93
CA GLU B 332 4.65 29.29 15.60
C GLU B 332 5.80 28.31 15.67
N GLN B 333 6.76 28.55 16.57
CA GLN B 333 7.84 27.59 16.73
C GLN B 333 7.30 26.28 17.31
N ARG B 334 6.41 26.36 18.29
CA ARG B 334 5.83 25.15 18.86
C ARG B 334 5.01 24.39 17.81
N GLY B 335 4.19 25.12 17.05
CA GLY B 335 3.36 24.46 16.05
C GLY B 335 4.16 23.78 14.96
N GLN B 336 5.21 24.46 14.47
CA GLN B 336 6.08 23.86 13.46
C GLN B 336 6.77 22.60 13.99
N LEU B 337 7.23 22.64 15.25
CA LEU B 337 7.84 21.44 15.83
C LEU B 337 6.82 20.32 15.93
N MET B 338 5.61 20.62 16.40
CA MET B 338 4.60 19.57 16.54
C MET B 338 4.29 18.94 15.19
N VAL B 339 4.21 19.75 14.13
CA VAL B 339 3.96 19.20 12.81
C VAL B 339 5.08 18.26 12.39
N GLN B 340 6.35 18.64 12.65
CA GLN B 340 7.46 17.77 12.30
C GLN B 340 7.43 16.48 13.13
N VAL B 341 7.08 16.58 14.41
CA VAL B 341 6.99 15.39 15.26
C VAL B 341 5.87 14.49 14.78
N ALA B 342 4.70 15.07 14.52
CA ALA B 342 3.57 14.30 14.01
C ALA B 342 3.94 13.55 12.74
N SER B 343 4.63 14.23 11.82
CA SER B 343 5.05 13.58 10.59
C SER B 343 5.97 12.39 10.85
N ALA B 344 6.95 12.56 11.75
CA ALA B 344 7.81 11.44 12.11
C ALA B 344 7.03 10.31 12.73
N LYS B 345 6.07 10.63 13.62
CA LYS B 345 5.28 9.57 14.25
C LYS B 345 4.45 8.81 13.24
N ILE B 346 3.88 9.52 12.27
CA ILE B 346 3.06 8.87 11.25
C ILE B 346 3.89 7.86 10.45
N VAL B 347 5.06 8.30 9.97
CA VAL B 347 5.91 7.44 9.15
C VAL B 347 6.39 6.24 9.97
N ALA B 348 6.80 6.48 11.22
CA ALA B 348 7.28 5.41 12.10
C ALA B 348 6.16 4.43 12.44
N THR B 349 4.95 4.94 12.66
CA THR B 349 3.81 4.07 12.97
C THR B 349 3.53 3.12 11.81
N ARG B 350 3.35 3.67 10.61
CA ARG B 350 3.07 2.81 9.46
C ARG B 350 4.20 1.81 9.25
N LEU B 351 5.45 2.25 9.38
CA LEU B 351 6.60 1.37 9.17
C LEU B 351 6.61 0.20 10.15
N VAL B 352 6.50 0.49 11.44
CA VAL B 352 6.66 -0.58 12.42
C VAL B 352 5.49 -1.55 12.34
N ILE B 353 4.28 -1.06 12.06
CA ILE B 353 3.12 -1.95 12.00
C ILE B 353 3.24 -2.90 10.80
N GLU B 354 3.68 -2.39 9.65
CA GLU B 354 3.80 -3.25 8.48
C GLU B 354 4.93 -4.26 8.65
N LEU B 355 6.08 -3.77 9.11
CA LEU B 355 7.31 -4.57 9.14
C LEU B 355 7.21 -5.72 10.14
N THR B 356 6.66 -5.47 11.33
CA THR B 356 6.63 -6.54 12.34
C THR B 356 5.72 -7.69 11.95
N SER B 357 4.78 -7.46 11.01
CA SER B 357 3.93 -8.51 10.45
C SER B 357 4.53 -9.12 9.19
N ARG B 358 4.95 -8.27 8.23
CA ARG B 358 5.37 -8.78 6.92
C ARG B 358 6.70 -9.53 6.97
N LEU B 359 7.55 -9.26 7.96
CA LEU B 359 8.86 -9.91 8.00
C LEU B 359 8.74 -11.42 8.13
N TYR B 360 7.60 -11.94 8.63
CA TYR B 360 7.43 -13.39 8.61
C TYR B 360 7.60 -13.97 7.21
N GLU B 361 7.23 -13.20 6.18
CA GLU B 361 7.27 -13.68 4.81
C GLU B 361 8.70 -13.88 4.30
N ALA B 362 9.68 -13.22 4.94
CA ALA B 362 11.08 -13.40 4.62
C ALA B 362 11.74 -14.48 5.46
N MET B 363 11.05 -15.01 6.47
CA MET B 363 11.58 -16.06 7.34
C MET B 363 11.00 -17.43 7.06
N GLY B 364 9.70 -17.55 6.79
CA GLY B 364 9.09 -18.82 6.45
C GLY B 364 8.22 -19.37 7.57
N ALA B 365 7.45 -20.40 7.21
CA ALA B 365 6.41 -20.93 8.10
C ALA B 365 6.95 -21.32 9.47
N ARG B 366 8.19 -21.82 9.54
CA ARG B 366 8.67 -22.32 10.83
C ARG B 366 8.96 -21.19 11.81
N ALA B 367 9.10 -19.95 11.34
CA ALA B 367 9.21 -18.85 12.30
C ALA B 367 7.92 -18.68 13.09
N ALA B 368 6.77 -19.03 12.51
CA ALA B 368 5.49 -18.99 13.21
C ALA B 368 5.11 -20.32 13.82
N ALA B 369 5.48 -21.43 13.15
CA ALA B 369 5.13 -22.76 13.63
C ALA B 369 5.68 -23.03 15.02
N SER B 370 6.78 -22.39 15.38
CA SER B 370 7.42 -22.55 16.68
C SER B 370 7.12 -21.29 17.49
N ARG B 371 6.14 -21.40 18.39
CA ARG B 371 5.75 -20.24 19.20
C ARG B 371 6.94 -19.71 19.99
N GLN B 372 7.80 -20.60 20.48
CA GLN B 372 8.86 -20.17 21.39
C GLN B 372 9.89 -19.28 20.72
N PHE B 373 9.94 -19.24 19.38
CA PHE B 373 10.78 -18.25 18.72
C PHE B 373 10.44 -16.84 19.23
N GLY B 374 9.15 -16.54 19.34
CA GLY B 374 8.71 -15.35 20.04
C GLY B 374 8.83 -14.08 19.24
N PHE B 375 8.99 -14.17 17.92
CA PHE B 375 9.17 -12.97 17.11
C PHE B 375 7.94 -12.06 17.16
N ASP B 376 6.77 -12.64 17.40
CA ASP B 376 5.53 -11.88 17.48
C ASP B 376 5.54 -10.83 18.59
N ARG B 377 6.50 -10.89 19.52
CA ARG B 377 6.61 -9.84 20.54
C ARG B 377 6.73 -8.46 19.90
N PHE B 378 7.45 -8.35 18.79
CA PHE B 378 7.63 -7.05 18.14
C PHE B 378 6.30 -6.48 17.67
N TRP B 379 5.52 -7.28 16.93
CA TRP B 379 4.21 -6.83 16.48
C TRP B 379 3.29 -6.53 17.67
N ARG B 380 3.28 -7.40 18.68
CA ARG B 380 2.40 -7.15 19.82
C ARG B 380 2.77 -5.85 20.52
N ASP B 381 4.06 -5.59 20.71
CA ASP B 381 4.46 -4.35 21.40
C ASP B 381 4.08 -3.13 20.58
N ALA B 382 4.37 -3.16 19.27
CA ALA B 382 4.11 -2.00 18.43
C ALA B 382 2.61 -1.81 18.21
N ARG B 383 1.88 -2.91 17.99
CA ARG B 383 0.44 -2.80 17.78
C ARG B 383 -0.26 -2.24 19.01
N THR B 384 0.22 -2.59 20.20
CA THR B 384 -0.35 -2.03 21.42
C THR B 384 -0.05 -0.54 21.53
N HIS B 385 1.22 -0.15 21.43
CA HIS B 385 1.54 1.23 21.77
C HIS B 385 1.06 2.21 20.70
N THR B 386 1.14 1.83 19.41
CA THR B 386 0.75 2.77 18.36
C THR B 386 -0.70 3.24 18.50
N LEU B 387 -1.50 2.59 19.32
CA LEU B 387 -2.88 2.97 19.57
C LEU B 387 -3.03 4.03 20.65
N HIS B 388 -1.92 4.45 21.27
CA HIS B 388 -1.95 5.45 22.35
C HIS B 388 -2.91 6.60 22.04
N ASP B 389 -2.70 7.23 20.90
CA ASP B 389 -3.64 8.18 20.34
C ASP B 389 -3.72 7.89 18.85
N PRO B 390 -4.86 8.18 18.22
CA PRO B 390 -5.10 7.67 16.86
C PRO B 390 -4.25 8.38 15.81
N VAL B 391 -3.51 7.58 15.04
CA VAL B 391 -2.65 8.14 13.99
C VAL B 391 -3.47 8.84 12.92
N ALA B 392 -4.75 8.45 12.77
CA ALA B 392 -5.59 9.16 11.81
C ALA B 392 -5.67 10.65 12.13
N TYR B 393 -5.65 11.04 13.41
CA TYR B 393 -5.76 12.46 13.72
C TYR B 393 -4.42 13.17 13.71
N LYS B 394 -3.31 12.43 13.88
CA LYS B 394 -2.01 13.00 13.54
C LYS B 394 -1.96 13.32 12.06
N ILE B 395 -2.47 12.41 11.21
CA ILE B 395 -2.51 12.67 9.78
C ILE B 395 -3.37 13.89 9.48
N ARG B 396 -4.56 13.97 10.08
CA ARG B 396 -5.39 15.15 9.89
C ARG B 396 -4.66 16.42 10.30
N GLU B 397 -3.92 16.37 11.42
CA GLU B 397 -3.23 17.57 11.90
C GLU B 397 -2.18 18.05 10.90
N VAL B 398 -1.40 17.13 10.34
CA VAL B 398 -0.42 17.53 9.34
C VAL B 398 -1.12 18.05 8.09
N GLY B 399 -2.23 17.42 7.71
CA GLY B 399 -2.96 17.88 6.53
C GLY B 399 -3.58 19.26 6.72
N ASN B 400 -4.09 19.53 7.93
CA ASN B 400 -4.68 20.83 8.23
C ASN B 400 -3.61 21.91 8.23
N TRP B 401 -2.42 21.59 8.73
CA TRP B 401 -1.30 22.51 8.63
C TRP B 401 -0.91 22.76 7.17
N PHE B 402 -0.69 21.69 6.40
CA PHE B 402 -0.19 21.90 5.05
C PHE B 402 -1.21 22.63 4.18
N LEU B 403 -2.47 22.23 4.25
CA LEU B 403 -3.48 22.77 3.34
C LEU B 403 -4.02 24.11 3.82
N ASN B 404 -4.27 24.24 5.11
CA ASN B 404 -4.94 25.41 5.66
C ASN B 404 -4.04 26.31 6.50
N HIS B 405 -2.76 25.96 6.63
CA HIS B 405 -1.82 26.73 7.44
C HIS B 405 -2.27 26.85 8.90
N ARG B 406 -2.99 25.86 9.40
CA ARG B 406 -3.40 25.84 10.81
C ARG B 406 -2.50 24.88 11.58
N PHE B 407 -1.81 25.41 12.59
CA PHE B 407 -1.09 24.52 13.49
C PHE B 407 -2.08 23.75 14.35
N PRO B 408 -1.67 22.59 14.86
CA PRO B 408 -2.56 21.81 15.72
C PRO B 408 -2.93 22.61 16.96
N THR B 409 -4.14 22.38 17.46
CA THR B 409 -4.54 22.94 18.75
C THR B 409 -3.77 22.23 19.84
N PRO B 410 -2.96 22.92 20.64
CA PRO B 410 -2.18 22.23 21.67
C PRO B 410 -3.07 21.55 22.71
N SER B 411 -2.67 20.35 23.10
CA SER B 411 -3.41 19.53 24.05
C SER B 411 -2.47 18.48 24.58
N PHE B 412 -2.99 17.58 25.41
CA PHE B 412 -2.14 16.47 25.83
C PHE B 412 -1.82 15.51 24.69
N TYR B 413 -2.50 15.65 23.55
CA TYR B 413 -2.31 14.73 22.43
C TYR B 413 -1.84 15.40 21.14
N SER B 414 -1.86 16.72 21.07
CA SER B 414 -1.50 17.44 19.85
C SER B 414 -0.85 18.77 20.16
N HIS C 15 23.32 31.96 2.65
CA HIS C 15 21.95 31.88 2.15
C HIS C 15 21.81 32.59 0.80
N ARG C 16 22.86 33.29 0.39
CA ARG C 16 22.80 34.05 -0.86
C ARG C 16 22.55 33.14 -2.06
N ALA C 17 23.31 32.05 -2.15
CA ALA C 17 23.18 31.15 -3.30
C ALA C 17 21.77 30.56 -3.38
N LEU C 18 21.23 30.10 -2.25
CA LEU C 18 19.87 29.56 -2.25
C LEU C 18 18.85 30.62 -2.61
N ASP C 19 19.07 31.88 -2.21
CA ASP C 19 18.16 32.94 -2.61
C ASP C 19 18.14 33.09 -4.13
N VAL C 20 19.32 33.04 -4.77
CA VAL C 20 19.38 33.13 -6.23
C VAL C 20 18.61 31.98 -6.87
N ALA C 21 18.82 30.76 -6.36
CA ALA C 21 18.11 29.61 -6.90
C ALA C 21 16.60 29.77 -6.73
N THR C 22 16.18 30.27 -5.57
CA THR C 22 14.75 30.50 -5.33
C THR C 22 14.17 31.49 -6.32
N GLU C 23 14.91 32.56 -6.64
CA GLU C 23 14.40 33.56 -7.58
C GLU C 23 14.35 33.00 -8.99
N LEU C 24 15.38 32.27 -9.41
CA LEU C 24 15.32 31.58 -10.71
C LEU C 24 14.10 30.67 -10.78
N ALA C 25 13.85 29.90 -9.72
CA ALA C 25 12.74 28.96 -9.73
C ALA C 25 11.41 29.70 -9.88
N LYS C 26 11.24 30.80 -9.14
CA LYS C 26 10.04 31.64 -9.29
C LYS C 26 9.81 32.02 -10.75
N THR C 27 10.86 32.51 -11.42
CA THR C 27 10.69 32.90 -12.81
C THR C 27 10.38 31.71 -13.70
N PHE C 28 11.01 30.55 -13.44
CA PHE C 28 10.71 29.38 -14.25
C PHE C 28 9.27 28.93 -14.08
N ARG C 29 8.74 29.05 -12.87
CA ARG C 29 7.36 28.62 -12.62
C ARG C 29 6.38 29.33 -13.55
N VAL C 30 6.68 30.59 -13.91
CA VAL C 30 5.74 31.39 -14.69
C VAL C 30 5.46 30.75 -16.05
N THR C 31 6.47 30.14 -16.65
CA THR C 31 6.41 29.73 -18.05
C THR C 31 6.52 28.22 -18.28
N VAL C 32 6.71 27.42 -17.24
CA VAL C 32 7.00 26.00 -17.46
C VAL C 32 5.84 25.33 -18.20
N ARG C 33 4.61 25.64 -17.84
CA ARG C 33 3.47 24.98 -18.47
C ARG C 33 3.53 25.10 -19.99
N GLU C 34 3.78 26.31 -20.49
CA GLU C 34 3.82 26.50 -21.94
C GLU C 34 5.09 25.92 -22.55
N ARG C 35 6.24 26.08 -21.87
CA ARG C 35 7.51 25.67 -22.46
C ARG C 35 7.60 24.16 -22.63
N GLU C 36 7.20 23.39 -21.62
CA GLU C 36 7.45 21.95 -21.69
C GLU C 36 6.54 21.27 -22.71
N ARG C 37 5.36 21.83 -22.96
CA ARG C 37 4.53 21.37 -24.06
C ARG C 37 5.33 21.20 -25.34
N ALA C 38 6.11 22.23 -25.71
CA ALA C 38 6.81 22.22 -26.98
C ALA C 38 8.05 21.35 -26.97
N GLY C 39 8.57 21.01 -25.80
CA GLY C 39 9.79 20.23 -25.78
C GLY C 39 10.94 21.11 -26.25
N GLY C 40 11.98 20.47 -26.73
CA GLY C 40 13.08 21.24 -27.26
C GLY C 40 13.88 21.95 -26.18
N THR C 41 14.72 22.89 -26.63
CA THR C 41 15.82 23.40 -25.82
C THR C 41 15.42 24.68 -25.11
N PRO C 42 15.44 24.72 -23.67
CA PRO C 42 15.08 25.96 -22.96
C PRO C 42 16.26 26.93 -22.88
N LYS C 43 16.61 27.48 -24.04
CA LYS C 43 17.83 28.28 -24.15
C LYS C 43 17.80 29.50 -23.24
N ALA C 44 16.67 30.23 -23.22
CA ALA C 44 16.59 31.42 -22.38
C ALA C 44 16.79 31.07 -20.92
N GLU C 45 16.21 29.94 -20.47
CA GLU C 45 16.33 29.58 -19.07
C GLU C 45 17.73 29.07 -18.74
N ARG C 46 18.36 28.32 -19.65
CA ARG C 46 19.75 27.93 -19.47
C ARG C 46 20.64 29.16 -19.36
N ASP C 47 20.43 30.16 -20.23
CA ASP C 47 21.21 31.39 -20.15
C ASP C 47 20.97 32.10 -18.83
N ALA C 48 19.74 32.07 -18.33
CA ALA C 48 19.48 32.66 -17.02
C ALA C 48 20.30 31.97 -15.93
N ILE C 49 20.45 30.66 -16.02
CA ILE C 49 21.27 29.96 -15.04
C ILE C 49 22.74 30.37 -15.19
N ARG C 50 23.20 30.51 -16.44
CA ARG C 50 24.55 31.01 -16.69
C ARG C 50 24.79 32.36 -16.01
N ARG C 51 23.87 33.31 -16.21
CA ARG C 51 24.04 34.64 -15.62
C ARG C 51 24.03 34.59 -14.10
N SER C 52 23.41 33.57 -13.51
CA SER C 52 23.28 33.51 -12.06
C SER C 52 24.58 33.16 -11.36
N GLY C 53 25.52 32.52 -12.05
CA GLY C 53 26.74 32.05 -11.43
C GLY C 53 26.64 30.70 -10.74
N LEU C 54 25.43 30.19 -10.52
CA LEU C 54 25.26 28.96 -9.75
C LEU C 54 25.97 27.77 -10.38
N LEU C 55 26.25 27.80 -11.70
CA LEU C 55 26.99 26.69 -12.30
C LEU C 55 28.39 26.55 -11.70
N THR C 56 28.88 27.56 -11.01
CA THR C 56 30.19 27.55 -10.38
C THR C 56 30.14 27.32 -8.87
N LEU C 57 29.04 26.74 -8.36
CA LEU C 57 28.90 26.54 -6.92
C LEU C 57 30.06 25.77 -6.31
N LEU C 58 30.58 24.77 -7.03
CA LEU C 58 31.59 23.87 -6.46
C LEU C 58 33.01 24.20 -6.88
N ILE C 59 33.21 25.20 -7.71
CA ILE C 59 34.56 25.65 -8.03
C ILE C 59 35.01 26.63 -6.95
N SER C 60 36.30 26.55 -6.60
CA SER C 60 36.80 27.34 -5.49
C SER C 60 36.77 28.83 -5.84
N LYS C 61 36.61 29.65 -4.80
CA LYS C 61 36.63 31.10 -5.02
C LYS C 61 37.93 31.54 -5.68
N GLU C 62 39.05 30.89 -5.32
CA GLU C 62 40.36 31.21 -5.86
C GLU C 62 40.54 30.76 -7.31
N ARG C 63 39.51 30.16 -7.91
CA ARG C 63 39.49 29.93 -9.35
C ARG C 63 38.35 30.70 -10.00
N GLY C 64 37.68 31.57 -9.25
CA GLY C 64 36.58 32.36 -9.74
C GLY C 64 35.21 31.85 -9.35
N GLY C 65 35.12 30.67 -8.75
CA GLY C 65 33.85 30.07 -8.40
C GLY C 65 33.28 30.61 -7.10
N LEU C 66 32.22 29.95 -6.63
CA LEU C 66 31.52 30.35 -5.42
C LEU C 66 32.02 29.62 -4.18
N GLY C 67 32.82 28.57 -4.32
CA GLY C 67 33.33 27.87 -3.14
C GLY C 67 32.26 27.41 -2.18
N GLU C 68 31.12 26.97 -2.71
CA GLU C 68 30.01 26.48 -1.89
C GLU C 68 30.11 24.96 -1.71
N SER C 69 29.06 24.36 -1.17
CA SER C 69 29.12 22.97 -0.71
C SER C 69 28.01 22.14 -1.36
N TRP C 70 28.17 20.81 -1.28
CA TRP C 70 27.16 19.93 -1.86
C TRP C 70 25.77 20.12 -1.26
N PRO C 71 25.59 20.29 0.05
CA PRO C 71 24.24 20.57 0.57
C PRO C 71 23.59 21.76 -0.12
N THR C 72 24.35 22.83 -0.37
CA THR C 72 23.80 23.96 -1.11
C THR C 72 23.36 23.54 -2.52
N VAL C 73 24.21 22.80 -3.22
CA VAL C 73 23.86 22.30 -4.55
C VAL C 73 22.58 21.48 -4.50
N TYR C 74 22.50 20.54 -3.55
CA TYR C 74 21.32 19.67 -3.47
C TYR C 74 20.05 20.47 -3.18
N GLU C 75 20.13 21.45 -2.28
CA GLU C 75 18.97 22.30 -2.02
C GLU C 75 18.56 23.06 -3.28
N ALA C 76 19.53 23.62 -3.99
CA ALA C 76 19.22 24.37 -5.20
C ALA C 76 18.59 23.47 -6.26
N ILE C 77 19.09 22.24 -6.39
CA ILE C 77 18.51 21.27 -7.31
C ILE C 77 17.03 21.05 -6.99
N ALA C 78 16.73 20.76 -5.72
CA ALA C 78 15.35 20.45 -5.36
C ALA C 78 14.46 21.68 -5.56
N GLU C 79 14.96 22.86 -5.19
CA GLU C 79 14.18 24.08 -5.36
C GLU C 79 13.87 24.34 -6.84
N ILE C 80 14.87 24.25 -7.70
CA ILE C 80 14.62 24.48 -9.12
C ILE C 80 13.70 23.40 -9.68
N ALA C 81 13.93 22.14 -9.29
CA ALA C 81 13.10 21.04 -9.78
C ALA C 81 11.63 21.22 -9.38
N SER C 82 11.37 21.81 -8.21
CA SER C 82 9.99 22.02 -7.79
C SER C 82 9.25 22.97 -8.73
N ALA C 83 9.98 23.84 -9.43
CA ALA C 83 9.39 24.78 -10.37
C ALA C 83 9.36 24.21 -11.77
N ASP C 84 10.43 23.51 -12.17
CA ASP C 84 10.60 23.05 -13.53
C ASP C 84 11.53 21.83 -13.47
N ALA C 85 10.96 20.63 -13.61
CA ALA C 85 11.75 19.43 -13.44
C ALA C 85 12.86 19.34 -14.48
N SER C 86 12.60 19.79 -15.71
CA SER C 86 13.63 19.70 -16.74
C SER C 86 14.80 20.61 -16.43
N LEU C 87 14.53 21.84 -16.02
CA LEU C 87 15.61 22.73 -15.64
C LEU C 87 16.34 22.22 -14.40
N GLY C 88 15.60 21.64 -13.43
CA GLY C 88 16.27 21.05 -12.29
C GLY C 88 17.16 19.89 -12.69
N HIS C 89 16.69 19.07 -13.62
CA HIS C 89 17.48 17.97 -14.18
C HIS C 89 18.73 18.48 -14.90
N LEU C 90 18.56 19.48 -15.78
CA LEU C 90 19.73 20.03 -16.46
C LEU C 90 20.76 20.56 -15.45
N PHE C 91 20.28 21.33 -14.47
CA PHE C 91 21.15 21.90 -13.45
C PHE C 91 21.87 20.81 -12.65
N GLY C 92 21.11 19.81 -12.20
CA GLY C 92 21.71 18.74 -11.41
C GLY C 92 22.69 17.90 -12.20
N TYR C 93 22.37 17.58 -13.45
CA TYR C 93 23.29 16.79 -14.26
C TYR C 93 24.57 17.54 -14.56
N HIS C 94 24.49 18.87 -14.65
CA HIS C 94 25.71 19.67 -14.75
C HIS C 94 26.66 19.34 -13.61
N PHE C 95 26.13 19.18 -12.39
CA PHE C 95 26.99 18.93 -11.25
C PHE C 95 27.45 17.48 -11.18
N SER C 96 26.65 16.54 -11.70
CA SER C 96 27.15 15.18 -11.89
C SER C 96 28.29 15.14 -12.89
N ASN C 97 28.14 15.86 -14.01
CA ASN C 97 29.23 15.99 -14.99
C ASN C 97 30.46 16.63 -14.33
N PHE C 98 30.25 17.73 -13.61
CA PHE C 98 31.37 18.39 -12.95
C PHE C 98 32.04 17.47 -11.94
N ALA C 99 31.25 16.72 -11.17
CA ALA C 99 31.82 15.82 -10.18
C ALA C 99 32.72 14.79 -10.85
N TYR C 100 32.28 14.21 -11.98
CA TYR C 100 33.13 13.26 -12.70
C TYR C 100 34.44 13.91 -13.12
N VAL C 101 34.35 15.07 -13.74
CA VAL C 101 35.55 15.81 -14.16
C VAL C 101 36.46 16.06 -12.96
N ASP C 102 35.90 16.54 -11.86
CA ASP C 102 36.74 16.87 -10.72
C ASP C 102 37.41 15.64 -10.13
N LEU C 103 36.76 14.47 -10.23
CA LEU C 103 37.29 13.26 -9.63
C LEU C 103 38.41 12.62 -10.45
N PHE C 104 38.46 12.88 -11.76
CA PHE C 104 39.46 12.27 -12.63
C PHE C 104 40.44 13.26 -13.27
N ALA C 105 40.14 14.56 -13.25
CA ALA C 105 40.95 15.53 -13.97
C ALA C 105 42.32 15.67 -13.32
N SER C 106 43.34 15.88 -14.16
CA SER C 106 44.69 16.14 -13.69
C SER C 106 44.79 17.55 -13.10
N PRO C 107 45.83 17.80 -12.30
CA PRO C 107 46.02 19.15 -11.77
C PRO C 107 46.13 20.22 -12.86
N GLU C 108 46.78 19.93 -13.98
CA GLU C 108 46.87 20.96 -15.02
C GLU C 108 45.53 21.12 -15.75
N GLN C 109 44.74 20.05 -15.87
CA GLN C 109 43.40 20.20 -16.42
C GLN C 109 42.55 21.13 -15.54
N LYS C 110 42.60 20.93 -14.22
CA LYS C 110 41.82 21.77 -13.32
C LYS C 110 42.27 23.23 -13.40
N ALA C 111 43.58 23.46 -13.55
CA ALA C 111 44.11 24.82 -13.57
C ALA C 111 43.66 25.58 -14.81
N ARG C 112 43.48 24.90 -15.94
CA ARG C 112 43.03 25.54 -17.17
C ARG C 112 41.50 25.59 -17.26
N TRP C 113 40.85 24.46 -16.95
CA TRP C 113 39.41 24.32 -17.18
C TRP C 113 38.58 25.17 -16.22
N TYR C 114 38.96 25.22 -14.94
CA TYR C 114 37.99 25.78 -14.00
C TYR C 114 37.88 27.30 -14.14
N PRO C 115 38.98 28.05 -14.31
CA PRO C 115 38.81 29.48 -14.60
C PRO C 115 38.11 29.70 -15.93
N GLN C 116 38.39 28.86 -16.91
CA GLN C 116 37.70 28.94 -18.19
C GLN C 116 36.21 28.70 -18.03
N ALA C 117 35.84 27.71 -17.22
CA ALA C 117 34.42 27.41 -17.00
C ALA C 117 33.69 28.57 -16.34
N VAL C 118 34.38 29.33 -15.49
CA VAL C 118 33.81 30.52 -14.89
C VAL C 118 33.68 31.63 -15.94
N ARG C 119 34.80 31.97 -16.59
CA ARG C 119 34.81 33.04 -17.59
C ARG C 119 33.73 32.84 -18.64
N GLU C 120 33.69 31.64 -19.22
CA GLU C 120 32.82 31.32 -20.34
C GLU C 120 31.46 30.80 -19.88
N ARG C 121 31.19 30.81 -18.59
CA ARG C 121 29.89 30.41 -18.01
C ARG C 121 29.44 29.05 -18.55
N TRP C 122 30.30 28.06 -18.32
CA TRP C 122 30.09 26.73 -18.86
C TRP C 122 28.87 26.04 -18.22
N PHE C 123 28.05 25.43 -19.08
CA PHE C 123 26.92 24.57 -18.72
C PHE C 123 27.19 23.24 -19.39
N LEU C 124 27.47 22.20 -18.60
CA LEU C 124 27.94 20.91 -19.12
C LEU C 124 26.81 19.96 -19.48
N GLY C 125 27.04 19.17 -20.54
CA GLY C 125 26.21 18.03 -20.88
C GLY C 125 27.06 16.76 -20.95
N ASN C 126 26.38 15.64 -21.25
CA ASN C 126 27.09 14.36 -21.37
C ASN C 126 26.49 13.52 -22.49
N ALA C 127 27.28 12.57 -22.96
CA ALA C 127 26.88 11.59 -23.98
C ALA C 127 27.53 10.28 -23.57
N SER C 128 26.78 9.43 -22.87
CA SER C 128 27.38 8.32 -22.13
C SER C 128 26.72 6.99 -22.42
N SER C 129 25.40 6.90 -22.25
CA SER C 129 24.69 5.65 -22.41
C SER C 129 24.35 5.39 -23.88
N GLU C 130 23.90 4.16 -24.15
CA GLU C 130 23.62 3.73 -25.52
C GLU C 130 22.37 2.87 -25.54
N ASN C 131 21.90 2.57 -26.76
CA ASN C 131 20.66 1.82 -26.92
C ASN C 131 20.91 0.46 -27.57
N ASN C 132 21.82 -0.31 -27.01
CA ASN C 132 22.03 -1.66 -27.51
C ASN C 132 21.27 -2.66 -26.63
N ALA C 133 21.74 -3.91 -26.55
CA ALA C 133 20.93 -4.99 -26.00
C ALA C 133 20.65 -4.81 -24.52
N HIS C 134 21.54 -4.14 -23.80
CA HIS C 134 21.40 -3.91 -22.37
C HIS C 134 22.33 -2.76 -22.02
N VAL C 135 22.22 -2.25 -20.79
CA VAL C 135 22.92 -1.00 -20.48
C VAL C 135 24.44 -1.18 -20.42
N LEU C 136 24.94 -2.40 -20.27
CA LEU C 136 26.39 -2.59 -20.27
C LEU C 136 26.99 -2.61 -21.67
N ASP C 137 26.15 -2.77 -22.70
CA ASP C 137 26.55 -3.04 -24.08
C ASP C 137 26.90 -1.72 -24.78
N TRP C 138 28.17 -1.33 -24.70
CA TRP C 138 28.66 -0.07 -25.26
C TRP C 138 29.44 -0.33 -26.55
N ARG C 139 29.06 0.37 -27.62
CA ARG C 139 29.68 0.15 -28.92
C ARG C 139 30.28 1.40 -29.54
N VAL C 140 30.13 2.56 -28.92
CA VAL C 140 30.83 3.76 -29.38
C VAL C 140 32.32 3.58 -29.09
N THR C 141 33.14 3.63 -30.14
CA THR C 141 34.54 3.25 -30.08
C THR C 141 35.47 4.46 -29.97
N ALA C 142 36.61 4.24 -29.34
CA ALA C 142 37.73 5.18 -29.30
C ALA C 142 38.91 4.50 -29.98
N THR C 143 39.30 4.99 -31.16
CA THR C 143 40.40 4.30 -31.83
C THR C 143 41.64 5.19 -31.86
N PRO C 144 42.81 4.62 -31.61
CA PRO C 144 44.02 5.44 -31.43
C PRO C 144 44.37 6.23 -32.68
N LEU C 145 44.77 7.48 -32.46
CA LEU C 145 45.34 8.31 -33.52
C LEU C 145 46.77 8.62 -33.12
N PRO C 146 47.56 9.29 -33.97
CA PRO C 146 48.92 9.64 -33.57
C PRO C 146 48.93 10.67 -32.46
N ASP C 147 50.06 10.71 -31.75
CA ASP C 147 50.29 11.68 -30.68
C ASP C 147 49.36 11.48 -29.51
N GLY C 148 48.81 10.27 -29.33
CA GLY C 148 47.99 9.97 -28.17
C GLY C 148 46.53 10.39 -28.30
N SER C 149 46.14 10.92 -29.46
CA SER C 149 44.74 11.27 -29.66
C SER C 149 43.90 10.02 -29.90
N TYR C 150 42.59 10.19 -29.81
CA TYR C 150 41.62 9.16 -30.13
C TYR C 150 40.61 9.72 -31.12
N GLU C 151 40.03 8.82 -31.90
CA GLU C 151 38.91 9.13 -32.79
C GLU C 151 37.69 8.37 -32.30
N ILE C 152 36.58 9.10 -32.11
CA ILE C 152 35.34 8.55 -31.56
C ILE C 152 34.34 8.35 -32.68
N ASN C 153 33.70 7.18 -32.72
CA ASN C 153 32.68 6.85 -33.72
C ASN C 153 31.52 6.11 -33.06
N GLY C 154 30.30 6.54 -33.39
CA GLY C 154 29.09 5.86 -32.97
C GLY C 154 28.08 6.81 -32.38
N THR C 155 26.96 6.24 -31.95
CA THR C 155 25.83 7.03 -31.47
C THR C 155 25.53 6.73 -30.00
N LYS C 156 25.38 7.80 -29.22
CA LYS C 156 24.97 7.77 -27.83
C LYS C 156 23.48 8.08 -27.72
N ALA C 157 22.86 7.53 -26.68
CA ALA C 157 21.46 7.78 -26.37
C ALA C 157 21.36 8.48 -25.02
N PHE C 158 20.24 9.17 -24.80
CA PHE C 158 19.96 9.79 -23.50
C PHE C 158 21.04 10.80 -23.13
N CYS C 159 21.36 11.70 -24.05
CA CYS C 159 22.49 12.63 -23.85
C CYS C 159 21.97 13.94 -23.23
N SER C 160 21.70 13.88 -21.93
CA SER C 160 21.05 15.01 -21.25
C SER C 160 21.92 16.26 -21.33
N GLY C 161 21.28 17.39 -21.62
CA GLY C 161 21.98 18.65 -21.71
C GLY C 161 22.92 18.75 -22.87
N SER C 162 22.74 17.94 -23.91
CA SER C 162 23.70 17.96 -25.02
C SER C 162 23.46 19.15 -25.96
N ALA C 163 22.23 19.66 -26.02
CA ALA C 163 21.99 20.88 -26.79
C ALA C 163 22.42 22.10 -26.00
N ASP C 164 23.09 23.04 -26.66
CA ASP C 164 23.56 24.27 -26.03
C ASP C 164 24.61 24.00 -24.96
N ALA C 165 25.26 22.85 -25.01
CA ALA C 165 26.31 22.53 -24.05
C ALA C 165 27.61 23.24 -24.42
N ASP C 166 28.30 23.75 -23.41
CA ASP C 166 29.61 24.31 -23.65
C ASP C 166 30.69 23.25 -23.76
N ARG C 167 30.52 22.13 -23.06
CA ARG C 167 31.37 20.96 -23.20
C ARG C 167 30.51 19.73 -23.02
N LEU C 168 30.90 18.63 -23.67
CA LEU C 168 30.27 17.34 -23.44
C LEU C 168 31.24 16.41 -22.74
N LEU C 169 30.78 15.79 -21.66
CA LEU C 169 31.45 14.62 -21.10
C LEU C 169 31.05 13.39 -21.91
N VAL C 170 32.04 12.70 -22.48
CA VAL C 170 31.80 11.63 -23.44
C VAL C 170 32.55 10.38 -23.01
N PHE C 171 31.90 9.22 -23.17
CA PHE C 171 32.48 7.93 -22.82
C PHE C 171 32.54 7.05 -24.06
N ALA C 172 33.68 6.39 -24.27
CA ALA C 172 33.86 5.44 -25.37
C ALA C 172 34.70 4.27 -24.87
N VAL C 173 34.76 3.22 -25.68
CA VAL C 173 35.55 2.03 -25.37
C VAL C 173 36.61 1.88 -26.45
N THR C 174 37.82 1.50 -26.03
CA THR C 174 38.93 1.48 -26.97
C THR C 174 38.77 0.36 -27.97
N SER C 175 39.19 0.63 -29.21
CA SER C 175 39.16 -0.34 -30.29
C SER C 175 40.44 -0.19 -31.10
N ARG C 176 40.94 -1.30 -31.64
CA ARG C 176 42.16 -1.29 -32.44
C ARG C 176 43.31 -0.61 -31.67
N ASP C 177 43.38 -0.87 -30.38
CA ASP C 177 44.27 -0.18 -29.46
C ASP C 177 45.41 -1.10 -29.04
N PRO C 178 46.66 -0.86 -29.45
CA PRO C 178 47.74 -1.76 -29.02
C PRO C 178 47.96 -1.77 -27.51
N ASN C 179 47.60 -0.69 -26.81
CA ASN C 179 47.67 -0.65 -25.36
C ASN C 179 46.43 -1.27 -24.68
N GLY C 180 45.53 -1.89 -25.44
CA GLY C 180 44.39 -2.69 -24.91
C GLY C 180 43.01 -2.25 -25.36
N ASP C 181 42.22 -3.23 -25.80
CA ASP C 181 40.88 -2.99 -26.35
C ASP C 181 39.82 -3.07 -25.26
N GLY C 182 38.73 -2.33 -25.46
CA GLY C 182 37.61 -2.39 -24.53
C GLY C 182 37.80 -1.66 -23.21
N ARG C 183 38.83 -0.82 -23.09
CA ARG C 183 38.96 0.03 -21.92
C ARG C 183 38.06 1.24 -22.07
N ILE C 184 37.44 1.67 -20.97
CA ILE C 184 36.56 2.84 -21.01
C ILE C 184 37.39 4.11 -20.91
N VAL C 185 37.22 5.00 -21.89
CA VAL C 185 37.84 6.32 -21.85
C VAL C 185 36.75 7.36 -21.68
N ALA C 186 37.10 8.44 -20.99
CA ALA C 186 36.20 9.58 -20.81
C ALA C 186 36.95 10.84 -21.23
N ALA C 187 36.22 11.78 -21.82
CA ALA C 187 36.83 13.02 -22.28
C ALA C 187 35.81 14.15 -22.18
N LEU C 188 36.33 15.36 -22.04
CA LEU C 188 35.50 16.57 -22.00
C LEU C 188 35.84 17.38 -23.23
N ILE C 189 34.87 17.52 -24.14
CA ILE C 189 35.18 18.12 -25.45
C ILE C 189 34.14 19.18 -25.79
N PRO C 190 34.47 20.03 -26.76
CA PRO C 190 33.50 21.01 -27.26
C PRO C 190 32.35 20.32 -27.99
N SER C 191 31.14 20.81 -27.77
CA SER C 191 29.98 20.21 -28.42
C SER C 191 29.94 20.47 -29.91
N ASP C 192 30.71 21.44 -30.41
CA ASP C 192 30.76 21.72 -31.84
C ASP C 192 32.05 21.25 -32.48
N ARG C 193 32.83 20.42 -31.81
CA ARG C 193 33.95 19.78 -32.49
C ARG C 193 33.45 19.12 -33.77
N ALA C 194 34.27 19.17 -34.81
CA ALA C 194 33.91 18.55 -36.07
C ALA C 194 33.52 17.09 -35.87
N GLY C 195 32.40 16.70 -36.47
CA GLY C 195 31.92 15.33 -36.40
C GLY C 195 30.94 15.04 -35.28
N VAL C 196 30.70 15.98 -34.37
CA VAL C 196 29.68 15.82 -33.33
C VAL C 196 28.35 16.31 -33.88
N GLN C 197 27.35 15.44 -33.91
CA GLN C 197 26.01 15.76 -34.40
C GLN C 197 24.99 15.47 -33.31
N VAL C 198 24.52 16.53 -32.64
CA VAL C 198 23.39 16.45 -31.72
C VAL C 198 22.11 16.31 -32.53
N ASN C 199 21.37 15.22 -32.33
CA ASN C 199 20.30 14.87 -33.26
C ASN C 199 18.96 15.53 -32.98
N GLY C 200 18.71 16.02 -31.77
CA GLY C 200 17.46 16.73 -31.52
C GLY C 200 16.21 15.88 -31.62
N ASP C 201 16.29 14.61 -31.20
CA ASP C 201 15.18 13.65 -31.30
C ASP C 201 14.56 13.32 -29.94
N TRP C 202 14.78 14.14 -28.92
CA TRP C 202 14.17 13.92 -27.61
C TRP C 202 12.71 14.33 -27.66
N ASP C 203 11.81 13.38 -27.48
CA ASP C 203 10.37 13.66 -27.47
C ASP C 203 9.75 12.72 -26.46
N SER C 204 9.66 13.18 -25.21
CA SER C 204 9.47 12.33 -24.06
C SER C 204 8.12 12.57 -23.39
N LEU C 205 7.67 11.56 -22.64
CA LEU C 205 6.48 11.71 -21.82
C LEU C 205 6.65 12.85 -20.82
N GLY C 206 7.69 12.78 -19.99
CA GLY C 206 8.05 13.85 -19.10
C GLY C 206 9.50 14.25 -19.31
N MET C 207 9.99 15.15 -18.44
CA MET C 207 11.33 15.71 -18.60
C MET C 207 11.53 16.25 -20.01
N ARG C 208 10.53 16.97 -20.52
CA ARG C 208 10.51 17.21 -21.95
C ARG C 208 11.54 18.24 -22.43
N GLN C 209 12.17 18.99 -21.54
CA GLN C 209 13.16 19.98 -21.98
C GLN C 209 14.58 19.66 -21.50
N THR C 210 14.87 18.40 -21.25
CA THR C 210 16.23 18.02 -20.85
C THR C 210 17.15 17.76 -22.04
N ASP C 211 16.60 17.72 -23.26
CA ASP C 211 17.38 17.46 -24.48
C ASP C 211 18.15 16.14 -24.40
N SER C 212 17.52 15.12 -23.83
CA SER C 212 18.20 13.84 -23.65
C SER C 212 18.08 12.91 -24.86
N GLY C 213 18.22 13.45 -26.07
CA GLY C 213 18.21 12.65 -27.27
C GLY C 213 19.57 12.07 -27.62
N SER C 214 19.70 11.62 -28.86
CA SER C 214 20.91 10.94 -29.30
C SER C 214 21.93 11.94 -29.84
N VAL C 215 23.19 11.52 -29.82
CA VAL C 215 24.30 12.29 -30.37
C VAL C 215 25.16 11.32 -31.17
N THR C 216 25.47 11.68 -32.40
CA THR C 216 26.21 10.80 -33.29
C THR C 216 27.62 11.35 -33.48
N PHE C 217 28.62 10.49 -33.31
CA PHE C 217 30.03 10.87 -33.41
C PHE C 217 30.59 10.27 -34.69
N SER C 218 31.10 11.14 -35.56
CA SER C 218 31.64 10.76 -36.87
C SER C 218 33.08 11.29 -36.95
N GLY C 219 34.05 10.40 -36.74
CA GLY C 219 35.45 10.78 -36.80
C GLY C 219 35.84 11.89 -35.88
N VAL C 220 35.31 11.89 -34.65
CA VAL C 220 35.52 13.01 -33.74
C VAL C 220 36.86 12.82 -33.04
N VAL C 221 37.73 13.81 -33.15
CA VAL C 221 39.05 13.72 -32.56
C VAL C 221 38.98 14.16 -31.11
N VAL C 222 39.61 13.37 -30.23
CA VAL C 222 39.81 13.74 -28.84
C VAL C 222 41.31 13.72 -28.59
N TYR C 223 41.80 14.74 -28.01
CA TYR C 223 43.17 15.04 -27.70
C TYR C 223 43.54 14.57 -26.29
N PRO C 224 44.82 14.25 -26.06
CA PRO C 224 45.24 13.84 -24.71
C PRO C 224 44.88 14.81 -23.60
N ASP C 225 44.96 16.13 -23.82
CA ASP C 225 44.63 17.06 -22.75
C ASP C 225 43.13 17.19 -22.51
N GLU C 226 42.31 16.41 -23.22
CA GLU C 226 40.88 16.33 -22.98
C GLU C 226 40.45 15.03 -22.31
N LEU C 227 41.34 14.06 -22.22
CA LEU C 227 41.01 12.78 -21.61
C LEU C 227 41.03 12.88 -20.09
N LEU C 228 40.06 12.24 -19.44
CA LEU C 228 39.95 12.26 -17.99
C LEU C 228 40.51 10.94 -17.49
N GLY C 229 41.79 10.96 -17.18
CA GLY C 229 42.49 9.75 -16.81
C GLY C 229 42.77 8.85 -18.00
N THR C 230 43.47 7.77 -17.71
CA THR C 230 43.85 6.80 -18.72
C THR C 230 42.69 5.86 -19.02
N PRO C 231 42.69 5.27 -20.21
CA PRO C 231 41.65 4.30 -20.55
C PRO C 231 41.60 3.19 -19.50
N GLY C 232 40.40 2.86 -19.06
CA GLY C 232 40.22 1.85 -18.04
C GLY C 232 40.39 2.34 -16.62
N GLN C 233 40.75 3.61 -16.42
CA GLN C 233 40.97 4.10 -15.07
C GLN C 233 39.68 4.13 -14.26
N VAL C 234 38.54 4.45 -14.89
CA VAL C 234 37.29 4.52 -14.15
C VAL C 234 36.91 3.13 -13.63
N THR C 235 37.15 2.10 -14.43
CA THR C 235 36.89 0.72 -14.00
C THR C 235 37.68 0.38 -12.75
N ASP C 236 38.96 0.76 -12.71
CA ASP C 236 39.80 0.48 -11.54
C ASP C 236 39.39 1.32 -10.33
N ALA C 237 39.06 2.59 -10.56
CA ALA C 237 38.72 3.44 -9.43
C ALA C 237 37.42 2.98 -8.77
N PHE C 238 36.45 2.54 -9.58
CA PHE C 238 35.19 2.07 -9.01
C PHE C 238 35.37 0.73 -8.31
N ALA C 239 36.08 -0.21 -8.94
CA ALA C 239 36.23 -1.53 -8.36
C ALA C 239 37.04 -1.49 -7.07
N SER C 240 38.01 -0.58 -6.97
CA SER C 240 38.82 -0.47 -5.77
C SER C 240 38.20 0.42 -4.70
N GLY C 241 37.11 1.12 -5.03
CA GLY C 241 36.58 2.07 -4.07
C GLY C 241 37.48 3.25 -3.80
N SER C 242 38.33 3.64 -4.75
CA SER C 242 39.07 4.86 -4.56
C SER C 242 38.10 6.04 -4.67
N LYS C 243 38.62 7.25 -4.43
CA LYS C 243 37.77 8.42 -4.25
C LYS C 243 36.76 8.63 -5.37
N PRO C 244 37.10 8.43 -6.65
CA PRO C 244 36.10 8.63 -7.71
C PRO C 244 34.88 7.73 -7.57
N SER C 245 34.94 6.69 -6.73
CA SER C 245 33.74 5.88 -6.54
C SER C 245 32.63 6.65 -5.82
N LEU C 246 32.91 7.85 -5.30
CA LEU C 246 31.85 8.71 -4.80
C LEU C 246 30.93 9.21 -5.90
N TRP C 247 31.32 9.09 -7.16
CA TRP C 247 30.52 9.68 -8.23
C TRP C 247 29.08 9.15 -8.20
N THR C 248 28.92 7.86 -7.96
CA THR C 248 27.59 7.26 -8.07
C THR C 248 26.67 7.69 -6.93
N PRO C 249 27.07 7.59 -5.66
CA PRO C 249 26.19 8.14 -4.61
C PRO C 249 25.92 9.62 -4.77
N ILE C 250 26.92 10.41 -5.19
CA ILE C 250 26.66 11.82 -5.49
C ILE C 250 25.53 11.96 -6.49
N THR C 251 25.63 11.22 -7.59
CA THR C 251 24.70 11.39 -8.70
C THR C 251 23.32 10.82 -8.36
N GLN C 252 23.28 9.66 -7.69
CA GLN C 252 21.99 9.10 -7.29
C GLN C 252 21.29 10.00 -6.28
N LEU C 253 22.04 10.74 -5.46
CA LEU C 253 21.39 11.70 -4.58
C LEU C 253 20.91 12.93 -5.35
N ILE C 254 21.57 13.26 -6.46
CA ILE C 254 21.04 14.29 -7.36
C ILE C 254 19.66 13.89 -7.86
N PHE C 255 19.53 12.64 -8.33
CA PHE C 255 18.24 12.11 -8.76
C PHE C 255 17.21 12.19 -7.63
N THR C 256 17.62 11.80 -6.41
CA THR C 256 16.72 11.85 -5.26
C THR C 256 16.16 13.24 -5.05
N HIS C 257 16.99 14.27 -5.21
CA HIS C 257 16.50 15.63 -4.98
C HIS C 257 15.59 16.12 -6.11
N LEU C 258 15.74 15.58 -7.32
CA LEU C 258 14.74 15.83 -8.35
C LEU C 258 13.37 15.32 -7.90
N TYR C 259 13.34 14.10 -7.34
CA TYR C 259 12.07 13.51 -6.92
C TYR C 259 11.47 14.27 -5.75
N LEU C 260 12.29 14.66 -4.77
CA LEU C 260 11.79 15.44 -3.65
C LEU C 260 11.29 16.81 -4.11
N GLY C 261 11.98 17.43 -5.06
CA GLY C 261 11.54 18.72 -5.56
C GLY C 261 10.23 18.62 -6.32
N ILE C 262 10.11 17.62 -7.19
CA ILE C 262 8.84 17.41 -7.89
C ILE C 262 7.73 17.16 -6.88
N ALA C 263 8.00 16.33 -5.87
CA ALA C 263 6.95 16.02 -4.89
C ALA C 263 6.47 17.28 -4.17
N ARG C 264 7.40 18.12 -3.70
CA ARG C 264 7.01 19.35 -3.03
C ARG C 264 6.25 20.27 -3.97
N GLY C 265 6.70 20.38 -5.23
CA GLY C 265 6.02 21.25 -6.18
C GLY C 265 4.60 20.79 -6.47
N ALA C 266 4.41 19.48 -6.63
CA ALA C 266 3.07 18.96 -6.90
C ALA C 266 2.15 19.13 -5.70
N LEU C 267 2.67 18.85 -4.50
CA LEU C 267 1.86 19.01 -3.29
C LEU C 267 1.41 20.46 -3.11
N GLU C 268 2.30 21.43 -3.34
CA GLU C 268 1.95 22.84 -3.17
C GLU C 268 0.99 23.30 -4.26
N GLU C 269 1.19 22.86 -5.50
CA GLU C 269 0.27 23.23 -6.58
C GLU C 269 -1.12 22.65 -6.33
N ALA C 270 -1.18 21.40 -5.87
CA ALA C 270 -2.47 20.78 -5.56
C ALA C 270 -3.20 21.54 -4.45
N ALA C 271 -2.47 21.90 -3.39
CA ALA C 271 -3.11 22.60 -2.27
C ALA C 271 -3.72 23.91 -2.74
N HIS C 272 -3.05 24.61 -3.66
CA HIS C 272 -3.62 25.85 -4.17
C HIS C 272 -4.95 25.61 -4.85
N TYR C 273 -5.02 24.58 -5.70
CA TYR C 273 -6.28 24.23 -6.36
C TYR C 273 -7.35 23.85 -5.34
N SER C 274 -6.98 23.03 -4.34
CA SER C 274 -7.95 22.64 -3.32
C SER C 274 -8.48 23.86 -2.57
N ARG C 275 -7.60 24.80 -2.24
CA ARG C 275 -8.03 25.99 -1.53
C ARG C 275 -8.97 26.85 -2.37
N SER C 276 -8.75 26.93 -3.69
CA SER C 276 -9.53 27.91 -4.43
C SER C 276 -10.55 27.36 -5.41
N HIS C 277 -10.45 26.09 -5.82
CA HIS C 277 -11.37 25.57 -6.85
C HIS C 277 -12.16 24.34 -6.45
N SER C 278 -11.67 23.54 -5.51
CA SER C 278 -12.36 22.31 -5.15
C SER C 278 -13.72 22.63 -4.52
N ARG C 279 -14.72 21.81 -4.87
CA ARG C 279 -16.06 22.00 -4.34
C ARG C 279 -16.34 21.04 -3.19
N PRO C 280 -17.12 21.46 -2.22
CA PRO C 280 -17.50 20.56 -1.12
C PRO C 280 -18.45 19.47 -1.59
N PHE C 281 -18.26 18.25 -1.07
CA PHE C 281 -19.15 17.13 -1.39
C PHE C 281 -20.37 17.22 -0.47
N THR C 282 -21.28 18.12 -0.84
CA THR C 282 -22.45 18.41 -0.02
C THR C 282 -23.38 17.22 0.13
N LEU C 283 -23.30 16.23 -0.76
CA LEU C 283 -24.09 15.02 -0.55
C LEU C 283 -23.79 14.40 0.80
N ALA C 284 -22.57 14.58 1.31
CA ALA C 284 -22.22 14.07 2.63
C ALA C 284 -22.19 15.16 3.69
N GLY C 285 -22.75 16.33 3.40
CA GLY C 285 -22.82 17.37 4.39
C GLY C 285 -21.55 18.16 4.60
N VAL C 286 -20.62 18.12 3.65
CA VAL C 286 -19.40 18.91 3.73
C VAL C 286 -19.70 20.33 3.25
N GLU C 287 -19.27 21.32 4.03
CA GLU C 287 -19.49 22.72 3.66
C GLU C 287 -18.30 23.33 2.93
N LYS C 288 -17.08 22.89 3.21
CA LYS C 288 -15.87 23.39 2.55
C LYS C 288 -14.98 22.22 2.21
N ALA C 289 -14.47 22.19 0.97
CA ALA C 289 -13.56 21.12 0.58
C ALA C 289 -12.33 21.08 1.47
N THR C 290 -11.86 22.26 1.93
CA THR C 290 -10.67 22.32 2.78
C THR C 290 -10.91 21.76 4.17
N GLU C 291 -12.16 21.50 4.54
CA GLU C 291 -12.50 20.85 5.81
C GLU C 291 -12.92 19.40 5.64
N ASP C 292 -12.90 18.89 4.41
CA ASP C 292 -13.27 17.50 4.16
C ASP C 292 -12.26 16.56 4.84
N PRO C 293 -12.72 15.58 5.62
CA PRO C 293 -11.77 14.73 6.37
C PRO C 293 -10.86 13.92 5.47
N TYR C 294 -11.35 13.51 4.31
CA TYR C 294 -10.55 12.68 3.43
C TYR C 294 -9.61 13.53 2.56
N VAL C 295 -10.02 14.75 2.20
CA VAL C 295 -9.07 15.68 1.58
C VAL C 295 -7.91 15.95 2.53
N LEU C 296 -8.23 16.25 3.79
CA LEU C 296 -7.20 16.53 4.77
C LEU C 296 -6.29 15.32 4.99
N ALA C 297 -6.85 14.11 4.93
CA ALA C 297 -6.07 12.90 5.11
C ALA C 297 -5.06 12.71 3.99
N ILE C 298 -5.45 13.02 2.75
CA ILE C 298 -4.51 12.89 1.63
C ILE C 298 -3.35 13.85 1.80
N TYR C 299 -3.64 15.13 2.07
CA TYR C 299 -2.55 16.09 2.26
C TYR C 299 -1.66 15.68 3.45
N GLY C 300 -2.27 15.23 4.55
CA GLY C 300 -1.49 14.84 5.71
C GLY C 300 -0.56 13.68 5.46
N GLU C 301 -1.08 12.62 4.83
CA GLU C 301 -0.27 11.44 4.50
C GLU C 301 0.98 11.86 3.73
N PHE C 302 0.79 12.59 2.65
CA PHE C 302 1.90 12.87 1.74
C PHE C 302 2.81 13.97 2.29
N ALA C 303 2.24 15.00 2.93
CA ALA C 303 3.09 16.02 3.55
C ALA C 303 3.95 15.41 4.65
N ALA C 304 3.38 14.50 5.46
CA ALA C 304 4.16 13.85 6.51
C ALA C 304 5.33 13.08 5.92
N GLN C 305 5.07 12.27 4.89
CA GLN C 305 6.14 11.49 4.28
C GLN C 305 7.19 12.41 3.67
N LEU C 306 6.75 13.51 3.06
CA LEU C 306 7.70 14.43 2.45
C LEU C 306 8.59 15.09 3.51
N GLN C 307 8.00 15.50 4.63
CA GLN C 307 8.79 16.10 5.71
C GLN C 307 9.90 15.16 6.16
N VAL C 308 9.56 13.89 6.40
CA VAL C 308 10.55 12.93 6.86
C VAL C 308 11.60 12.69 5.78
N ALA C 309 11.16 12.52 4.52
CA ALA C 309 12.10 12.28 3.44
C ALA C 309 13.06 13.45 3.27
N GLU C 310 12.55 14.68 3.35
CA GLU C 310 13.40 15.86 3.17
C GLU C 310 14.41 15.98 4.31
N ALA C 311 13.95 15.81 5.56
CA ALA C 311 14.87 15.87 6.69
C ALA C 311 15.96 14.81 6.56
N GLY C 312 15.58 13.59 6.14
CA GLY C 312 16.56 12.55 5.95
C GLY C 312 17.55 12.87 4.85
N ALA C 313 17.07 13.50 3.77
CA ALA C 313 17.93 13.84 2.65
C ALA C 313 18.99 14.86 3.05
N ARG C 314 18.63 15.81 3.92
CA ARG C 314 19.60 16.78 4.39
C ARG C 314 20.76 16.08 5.08
N GLU C 315 20.48 15.08 5.91
CA GLU C 315 21.56 14.39 6.59
C GLU C 315 22.50 13.72 5.60
N VAL C 316 21.95 13.07 4.58
CA VAL C 316 22.79 12.34 3.64
C VAL C 316 23.60 13.30 2.77
N ALA C 317 23.04 14.47 2.46
CA ALA C 317 23.79 15.46 1.70
C ALA C 317 25.00 15.96 2.50
N LEU C 318 24.85 16.13 3.81
CA LEU C 318 25.99 16.56 4.63
C LEU C 318 27.09 15.51 4.60
N ARG C 319 26.72 14.22 4.65
CA ARG C 319 27.72 13.17 4.60
C ARG C 319 28.47 13.17 3.27
N VAL C 320 27.76 13.47 2.17
CA VAL C 320 28.42 13.62 0.88
C VAL C 320 29.54 14.63 0.97
N GLN C 321 29.24 15.82 1.52
CA GLN C 321 30.25 16.85 1.65
C GLN C 321 31.41 16.38 2.52
N GLU C 322 31.10 15.69 3.61
CA GLU C 322 32.15 15.23 4.52
C GLU C 322 33.13 14.29 3.81
N LEU C 323 32.61 13.34 3.05
CA LEU C 323 33.47 12.39 2.34
C LEU C 323 34.10 13.03 1.12
N TRP C 324 33.40 13.98 0.48
CA TRP C 324 33.98 14.74 -0.63
C TRP C 324 35.28 15.42 -0.23
N GLU C 325 35.37 15.85 1.03
CA GLU C 325 36.55 16.56 1.54
C GLU C 325 37.65 15.63 2.02
N ARG C 326 37.39 14.33 2.12
CA ARG C 326 38.39 13.39 2.59
C ARG C 326 39.41 13.10 1.50
N ASN C 327 40.63 12.79 1.91
CA ASN C 327 41.62 12.35 0.92
C ASN C 327 41.37 10.91 0.49
N HIS C 328 41.03 10.04 1.43
CA HIS C 328 40.71 8.65 1.15
C HIS C 328 39.38 8.30 1.82
N VAL C 329 38.56 7.52 1.12
CA VAL C 329 37.28 7.04 1.62
C VAL C 329 37.32 5.51 1.58
N THR C 330 37.12 4.87 2.75
CA THR C 330 37.15 3.42 2.83
C THR C 330 35.94 2.81 2.14
N PRO C 331 35.96 1.50 1.91
CA PRO C 331 34.74 0.85 1.37
C PRO C 331 33.57 0.90 2.33
N GLU C 332 33.82 0.83 3.64
CA GLU C 332 32.71 0.96 4.59
C GLU C 332 32.07 2.34 4.48
N GLN C 333 32.89 3.38 4.39
CA GLN C 333 32.36 4.74 4.27
C GLN C 333 31.61 4.93 2.96
N ARG C 334 32.19 4.48 1.86
CA ARG C 334 31.52 4.61 0.55
C ARG C 334 30.27 3.76 0.49
N GLY C 335 30.36 2.52 0.98
CA GLY C 335 29.23 1.62 0.91
C GLY C 335 28.08 2.02 1.82
N GLN C 336 28.39 2.58 2.99
CA GLN C 336 27.33 3.06 3.87
C GLN C 336 26.66 4.30 3.30
N LEU C 337 27.45 5.18 2.66
CA LEU C 337 26.86 6.33 1.97
C LEU C 337 25.96 5.87 0.83
N MET C 338 26.44 4.92 0.02
CA MET C 338 25.62 4.46 -1.11
C MET C 338 24.33 3.82 -0.61
N VAL C 339 24.38 3.10 0.51
CA VAL C 339 23.18 2.51 1.08
C VAL C 339 22.21 3.60 1.54
N GLN C 340 22.73 4.64 2.21
CA GLN C 340 21.88 5.73 2.67
C GLN C 340 21.29 6.50 1.48
N VAL C 341 22.09 6.72 0.43
CA VAL C 341 21.57 7.37 -0.78
C VAL C 341 20.51 6.51 -1.43
N ALA C 342 20.79 5.21 -1.59
CA ALA C 342 19.81 4.32 -2.21
C ALA C 342 18.51 4.30 -1.41
N SER C 343 18.63 4.28 -0.08
CA SER C 343 17.43 4.30 0.77
C SER C 343 16.62 5.58 0.53
N ALA C 344 17.30 6.73 0.53
CA ALA C 344 16.64 7.99 0.27
C ALA C 344 15.95 7.99 -1.09
N LYS C 345 16.62 7.44 -2.11
CA LYS C 345 16.03 7.43 -3.44
C LYS C 345 14.81 6.52 -3.50
N ILE C 346 14.87 5.35 -2.84
CA ILE C 346 13.73 4.43 -2.83
C ILE C 346 12.51 5.11 -2.23
N VAL C 347 12.69 5.74 -1.07
CA VAL C 347 11.57 6.40 -0.39
C VAL C 347 11.05 7.55 -1.23
N ALA C 348 11.95 8.37 -1.79
CA ALA C 348 11.52 9.49 -2.63
C ALA C 348 10.80 9.01 -3.88
N THR C 349 11.28 7.92 -4.48
CA THR C 349 10.63 7.38 -5.67
C THR C 349 9.19 6.94 -5.38
N ARG C 350 9.00 6.07 -4.39
CA ARG C 350 7.65 5.67 -4.03
C ARG C 350 6.76 6.88 -3.74
N LEU C 351 7.29 7.84 -2.99
CA LEU C 351 6.51 9.00 -2.59
C LEU C 351 6.05 9.81 -3.79
N VAL C 352 6.98 10.16 -4.69
CA VAL C 352 6.60 11.10 -5.75
C VAL C 352 5.66 10.42 -6.75
N ILE C 353 5.83 9.10 -6.96
CA ILE C 353 4.96 8.42 -7.92
C ILE C 353 3.55 8.26 -7.37
N GLU C 354 3.40 7.96 -6.08
CA GLU C 354 2.05 7.91 -5.50
C GLU C 354 1.42 9.30 -5.43
N LEU C 355 2.16 10.28 -4.92
CA LEU C 355 1.61 11.61 -4.66
C LEU C 355 1.12 12.28 -5.95
N THR C 356 1.94 12.24 -7.00
CA THR C 356 1.57 12.97 -8.23
C THR C 356 0.33 12.38 -8.89
N SER C 357 0.02 11.13 -8.60
CA SER C 357 -1.20 10.48 -9.10
C SER C 357 -2.38 10.65 -8.14
N ARG C 358 -2.17 10.36 -6.85
CA ARG C 358 -3.27 10.33 -5.89
C ARG C 358 -3.80 11.72 -5.52
N LEU C 359 -3.01 12.77 -5.73
CA LEU C 359 -3.48 14.09 -5.29
C LEU C 359 -4.67 14.58 -6.09
N TYR C 360 -4.93 14.02 -7.27
CA TYR C 360 -6.17 14.34 -7.98
C TYR C 360 -7.40 14.06 -7.10
N GLU C 361 -7.33 13.01 -6.28
CA GLU C 361 -8.45 12.70 -5.38
C GLU C 361 -8.68 13.79 -4.34
N ALA C 362 -7.70 14.63 -4.06
CA ALA C 362 -7.91 15.77 -3.17
C ALA C 362 -8.37 17.01 -3.90
N MET C 363 -8.38 16.99 -5.24
CA MET C 363 -8.74 18.16 -6.02
C MET C 363 -10.09 18.04 -6.71
N GLY C 364 -10.38 16.89 -7.30
CA GLY C 364 -11.65 16.66 -7.95
C GLY C 364 -11.51 16.50 -9.46
N ALA C 365 -12.63 16.11 -10.07
CA ALA C 365 -12.64 15.73 -11.48
C ALA C 365 -12.19 16.86 -12.40
N ARG C 366 -12.61 18.10 -12.10
CA ARG C 366 -12.30 19.18 -13.03
C ARG C 366 -10.82 19.47 -13.11
N ALA C 367 -10.04 19.00 -12.13
CA ALA C 367 -8.59 19.14 -12.19
C ALA C 367 -7.99 18.31 -13.32
N ALA C 368 -8.63 17.19 -13.69
CA ALA C 368 -8.21 16.40 -14.84
C ALA C 368 -9.01 16.73 -16.09
N ALA C 369 -10.27 17.11 -15.93
CA ALA C 369 -11.13 17.34 -17.08
C ALA C 369 -10.74 18.61 -17.84
N SER C 370 -10.10 19.57 -17.19
CA SER C 370 -9.53 20.73 -17.87
C SER C 370 -8.06 20.43 -18.13
N ARG C 371 -7.73 19.94 -19.33
CA ARG C 371 -6.35 19.56 -19.62
C ARG C 371 -5.39 20.71 -19.40
N GLN C 372 -5.85 21.94 -19.63
CA GLN C 372 -4.98 23.11 -19.55
C GLN C 372 -4.41 23.31 -18.14
N PHE C 373 -5.10 22.80 -17.11
CA PHE C 373 -4.57 22.94 -15.76
C PHE C 373 -3.15 22.36 -15.66
N GLY C 374 -2.87 21.28 -16.40
CA GLY C 374 -1.51 20.82 -16.53
C GLY C 374 -0.90 20.17 -15.31
N PHE C 375 -1.72 19.76 -14.33
CA PHE C 375 -1.14 19.15 -13.13
C PHE C 375 -0.47 17.82 -13.43
N ASP C 376 -0.85 17.14 -14.51
CA ASP C 376 -0.23 15.86 -14.84
C ASP C 376 1.25 16.01 -15.16
N ARG C 377 1.75 17.23 -15.39
CA ARG C 377 3.18 17.42 -15.65
C ARG C 377 4.01 16.79 -14.54
N PHE C 378 3.55 16.89 -13.29
CA PHE C 378 4.35 16.35 -12.19
C PHE C 378 4.46 14.83 -12.28
N TRP C 379 3.35 14.13 -12.50
CA TRP C 379 3.42 12.68 -12.69
C TRP C 379 4.24 12.33 -13.93
N ARG C 380 4.05 13.06 -15.04
CA ARG C 380 4.80 12.75 -16.24
C ARG C 380 6.30 12.88 -16.00
N ASP C 381 6.72 13.96 -15.34
CA ASP C 381 8.14 14.18 -15.08
C ASP C 381 8.69 13.10 -14.15
N ALA C 382 8.00 12.87 -13.04
CA ALA C 382 8.45 11.88 -12.06
C ALA C 382 8.43 10.48 -12.64
N ARG C 383 7.34 10.11 -13.34
CA ARG C 383 7.25 8.75 -13.86
C ARG C 383 8.36 8.48 -14.87
N THR C 384 8.69 9.49 -15.68
CA THR C 384 9.78 9.32 -16.64
C THR C 384 11.13 9.16 -15.93
N HIS C 385 11.48 10.10 -15.04
CA HIS C 385 12.85 10.06 -14.51
C HIS C 385 13.08 8.86 -13.58
N THR C 386 12.08 8.50 -12.77
CA THR C 386 12.29 7.42 -11.80
C THR C 386 12.68 6.09 -12.44
N LEU C 387 12.52 5.93 -13.76
CA LEU C 387 12.91 4.72 -14.46
C LEU C 387 14.36 4.71 -14.89
N HIS C 388 15.11 5.79 -14.61
CA HIS C 388 16.52 5.93 -14.98
C HIS C 388 17.30 4.63 -14.77
N ASP C 389 17.28 4.14 -13.54
CA ASP C 389 17.66 2.77 -13.26
C ASP C 389 16.61 2.16 -12.34
N PRO C 390 16.43 0.84 -12.39
CA PRO C 390 15.24 0.24 -11.76
C PRO C 390 15.29 0.29 -10.25
N VAL C 391 14.23 0.86 -9.65
CA VAL C 391 14.19 0.97 -8.20
C VAL C 391 14.21 -0.41 -7.55
N ALA C 392 13.75 -1.44 -8.26
CA ALA C 392 13.74 -2.77 -7.66
C ALA C 392 15.15 -3.23 -7.31
N TYR C 393 16.16 -2.82 -8.09
CA TYR C 393 17.52 -3.24 -7.79
C TYR C 393 18.19 -2.34 -6.77
N LYS C 394 17.76 -1.09 -6.65
CA LYS C 394 18.14 -0.32 -5.47
C LYS C 394 17.62 -1.00 -4.21
N ILE C 395 16.38 -1.48 -4.25
CA ILE C 395 15.81 -2.19 -3.10
C ILE C 395 16.62 -3.46 -2.80
N ARG C 396 16.99 -4.21 -3.85
CA ARG C 396 17.79 -5.41 -3.63
C ARG C 396 19.13 -5.06 -3.02
N GLU C 397 19.73 -3.95 -3.47
CA GLU C 397 21.02 -3.54 -2.93
C GLU C 397 20.93 -3.20 -1.45
N VAL C 398 19.89 -2.49 -1.03
CA VAL C 398 19.74 -2.22 0.39
C VAL C 398 19.47 -3.52 1.15
N GLY C 399 18.68 -4.41 0.56
CA GLY C 399 18.38 -5.66 1.24
C GLY C 399 19.60 -6.56 1.35
N ASN C 400 20.41 -6.61 0.28
CA ASN C 400 21.63 -7.40 0.31
C ASN C 400 22.61 -6.87 1.36
N TRP C 401 22.62 -5.55 1.59
CA TRP C 401 23.45 -5.00 2.65
C TRP C 401 22.92 -5.37 4.02
N PHE C 402 21.63 -5.15 4.27
CA PHE C 402 21.11 -5.38 5.60
C PHE C 402 21.16 -6.87 5.96
N LEU C 403 20.73 -7.74 5.05
CA LEU C 403 20.69 -9.16 5.36
C LEU C 403 22.07 -9.81 5.32
N ASN C 404 22.84 -9.53 4.28
CA ASN C 404 24.07 -10.26 4.01
C ASN C 404 25.32 -9.43 4.28
N HIS C 405 25.17 -8.22 4.79
CA HIS C 405 26.29 -7.31 5.07
C HIS C 405 27.16 -7.10 3.84
N ARG C 406 26.57 -7.16 2.65
CA ARG C 406 27.28 -6.93 1.39
C ARG C 406 26.97 -5.52 0.89
N PHE C 407 27.98 -4.67 0.83
CA PHE C 407 27.81 -3.35 0.23
C PHE C 407 27.61 -3.49 -1.28
N PRO C 408 26.98 -2.50 -1.92
CA PRO C 408 26.79 -2.56 -3.37
C PRO C 408 28.14 -2.57 -4.08
N THR C 409 28.25 -3.36 -5.13
CA THR C 409 29.52 -3.25 -5.85
C THR C 409 29.48 -2.02 -6.75
N PRO C 410 30.46 -1.13 -6.65
CA PRO C 410 30.36 0.15 -7.35
C PRO C 410 30.30 -0.03 -8.87
N SER C 411 29.45 0.78 -9.49
CA SER C 411 29.27 0.84 -10.94
C SER C 411 28.76 2.23 -11.27
N PHE C 412 28.37 2.44 -12.54
CA PHE C 412 27.69 3.68 -12.86
C PHE C 412 26.30 3.77 -12.24
N TYR C 413 25.77 2.66 -11.71
CA TYR C 413 24.42 2.62 -11.18
C TYR C 413 24.35 2.31 -9.69
N SER C 414 25.44 1.86 -9.08
CA SER C 414 25.41 1.47 -7.67
C SER C 414 26.78 1.66 -7.04
N HIS D 15 -22.74 -14.96 -26.78
CA HIS D 15 -21.45 -15.18 -27.44
C HIS D 15 -21.36 -14.43 -28.77
N ARG D 16 -22.40 -14.53 -29.60
CA ARG D 16 -22.44 -13.74 -30.82
C ARG D 16 -22.18 -12.27 -30.50
N ALA D 17 -22.92 -11.72 -29.53
CA ALA D 17 -22.80 -10.30 -29.22
C ALA D 17 -21.40 -9.96 -28.72
N LEU D 18 -20.85 -10.79 -27.83
CA LEU D 18 -19.50 -10.51 -27.35
C LEU D 18 -18.47 -10.61 -28.47
N ASP D 19 -18.66 -11.52 -29.43
CA ASP D 19 -17.76 -11.58 -30.59
C ASP D 19 -17.79 -10.30 -31.39
N VAL D 20 -18.98 -9.72 -31.57
CA VAL D 20 -19.10 -8.46 -32.30
C VAL D 20 -18.36 -7.35 -31.56
N ALA D 21 -18.47 -7.32 -30.23
CA ALA D 21 -17.79 -6.29 -29.45
C ALA D 21 -16.28 -6.48 -29.50
N THR D 22 -15.82 -7.72 -29.43
CA THR D 22 -14.39 -8.00 -29.56
C THR D 22 -13.85 -7.50 -30.89
N GLU D 23 -14.61 -7.66 -31.99
CA GLU D 23 -14.12 -7.24 -33.29
C GLU D 23 -14.09 -5.72 -33.41
N LEU D 24 -15.12 -5.05 -32.88
CA LEU D 24 -15.08 -3.59 -32.79
C LEU D 24 -13.86 -3.13 -32.02
N ALA D 25 -13.60 -3.74 -30.86
CA ALA D 25 -12.45 -3.33 -30.06
C ALA D 25 -11.16 -3.48 -30.83
N LYS D 26 -11.02 -4.57 -31.59
CA LYS D 26 -9.81 -4.81 -32.35
C LYS D 26 -9.59 -3.72 -33.39
N THR D 27 -10.65 -3.28 -34.06
CA THR D 27 -10.47 -2.18 -35.00
C THR D 27 -10.13 -0.88 -34.26
N PHE D 28 -10.80 -0.60 -33.13
CA PHE D 28 -10.55 0.67 -32.43
C PHE D 28 -9.11 0.76 -31.96
N ARG D 29 -8.55 -0.37 -31.52
CA ARG D 29 -7.17 -0.44 -31.06
C ARG D 29 -6.19 0.08 -32.10
N VAL D 30 -6.49 -0.15 -33.38
CA VAL D 30 -5.56 0.20 -34.46
C VAL D 30 -5.31 1.71 -34.49
N THR D 31 -6.34 2.51 -34.19
CA THR D 31 -6.29 3.94 -34.39
C THR D 31 -6.42 4.77 -33.12
N VAL D 32 -6.52 4.17 -31.94
CA VAL D 32 -6.89 4.95 -30.77
C VAL D 32 -5.79 5.95 -30.41
N ARG D 33 -4.52 5.54 -30.52
CA ARG D 33 -3.42 6.43 -30.12
C ARG D 33 -3.48 7.74 -30.89
N GLU D 34 -3.67 7.67 -32.22
CA GLU D 34 -3.75 8.87 -33.03
C GLU D 34 -5.03 9.64 -32.78
N ARG D 35 -6.17 8.94 -32.70
CA ARG D 35 -7.45 9.61 -32.56
C ARG D 35 -7.53 10.41 -31.26
N GLU D 36 -7.10 9.81 -30.15
CA GLU D 36 -7.36 10.45 -28.87
C GLU D 36 -6.51 11.70 -28.67
N ARG D 37 -5.32 11.77 -29.29
CA ARG D 37 -4.57 13.03 -29.27
C ARG D 37 -5.44 14.18 -29.77
N ALA D 38 -6.14 13.95 -30.88
CA ALA D 38 -6.94 14.99 -31.49
C ALA D 38 -8.12 15.39 -30.62
N GLY D 39 -8.60 14.49 -29.77
CA GLY D 39 -9.82 14.87 -29.07
C GLY D 39 -10.98 14.93 -30.05
N GLY D 40 -12.02 15.67 -29.67
CA GLY D 40 -13.12 15.81 -30.60
C GLY D 40 -13.93 14.52 -30.75
N THR D 41 -14.75 14.49 -31.81
CA THR D 41 -15.81 13.50 -31.84
C THR D 41 -15.45 12.30 -32.70
N PRO D 42 -15.49 11.03 -32.15
CA PRO D 42 -15.09 9.87 -32.98
C PRO D 42 -16.25 9.31 -33.80
N LYS D 43 -16.65 10.11 -34.80
CA LYS D 43 -17.86 9.85 -35.57
C LYS D 43 -17.81 8.50 -36.29
N ALA D 44 -16.70 8.22 -36.98
CA ALA D 44 -16.61 6.96 -37.70
C ALA D 44 -16.77 5.78 -36.77
N GLU D 45 -16.20 5.85 -35.57
CA GLU D 45 -16.30 4.74 -34.63
C GLU D 45 -17.68 4.65 -34.00
N ARG D 46 -18.31 5.79 -33.72
CA ARG D 46 -19.70 5.78 -33.28
C ARG D 46 -20.60 5.15 -34.34
N ASP D 47 -20.30 5.39 -35.63
CA ASP D 47 -21.14 4.83 -36.69
C ASP D 47 -20.91 3.32 -36.81
N ALA D 48 -19.67 2.87 -36.61
CA ALA D 48 -19.42 1.43 -36.55
C ALA D 48 -20.21 0.78 -35.42
N ILE D 49 -20.30 1.44 -34.27
CA ILE D 49 -21.12 0.90 -33.18
C ILE D 49 -22.59 0.87 -33.59
N ARG D 50 -23.06 1.93 -34.23
CA ARG D 50 -24.43 1.94 -34.76
C ARG D 50 -24.68 0.77 -35.69
N ARG D 51 -23.74 0.48 -36.59
CA ARG D 51 -23.93 -0.60 -37.56
C ARG D 51 -23.91 -1.97 -36.89
N SER D 52 -23.22 -2.09 -35.75
CA SER D 52 -23.04 -3.39 -35.10
C SER D 52 -24.33 -3.92 -34.51
N GLY D 53 -25.31 -3.06 -34.26
CA GLY D 53 -26.51 -3.45 -33.55
C GLY D 53 -26.40 -3.46 -32.04
N LEU D 54 -25.19 -3.34 -31.48
CA LEU D 54 -25.04 -3.55 -30.04
C LEU D 54 -25.70 -2.45 -29.20
N LEU D 55 -25.99 -1.27 -29.75
CA LEU D 55 -26.75 -0.29 -28.98
C LEU D 55 -28.13 -0.80 -28.60
N THR D 56 -28.62 -1.86 -29.23
CA THR D 56 -29.94 -2.40 -28.95
C THR D 56 -29.89 -3.63 -28.02
N LEU D 57 -28.75 -3.85 -27.35
CA LEU D 57 -28.54 -5.07 -26.58
C LEU D 57 -29.67 -5.34 -25.59
N LEU D 58 -30.13 -4.31 -24.89
CA LEU D 58 -31.12 -4.49 -23.83
C LEU D 58 -32.55 -4.34 -24.33
N ILE D 59 -32.76 -3.83 -25.54
CA ILE D 59 -34.12 -3.79 -26.11
C ILE D 59 -34.57 -5.19 -26.45
N SER D 60 -35.79 -5.56 -26.02
CA SER D 60 -36.29 -6.91 -26.24
C SER D 60 -36.38 -7.21 -27.73
N LYS D 61 -36.23 -8.50 -28.06
CA LYS D 61 -36.45 -8.92 -29.45
C LYS D 61 -37.81 -8.47 -29.94
N GLU D 62 -38.81 -8.48 -29.05
CA GLU D 62 -40.15 -8.06 -29.43
C GLU D 62 -40.17 -6.64 -29.99
N ARG D 63 -39.26 -5.79 -29.53
CA ARG D 63 -39.20 -4.42 -30.03
C ARG D 63 -38.05 -4.21 -31.00
N GLY D 64 -37.56 -5.29 -31.59
CA GLY D 64 -36.52 -5.23 -32.62
C GLY D 64 -35.10 -5.26 -32.10
N GLY D 65 -34.89 -5.37 -30.79
CA GLY D 65 -33.56 -5.40 -30.21
C GLY D 65 -33.01 -6.80 -30.11
N LEU D 66 -31.87 -6.91 -29.40
CA LEU D 66 -31.16 -8.17 -29.30
C LEU D 66 -31.66 -9.06 -28.16
N GLY D 67 -32.48 -8.52 -27.26
CA GLY D 67 -32.96 -9.30 -26.13
C GLY D 67 -31.85 -9.86 -25.26
N GLU D 68 -30.79 -9.10 -25.06
CA GLU D 68 -29.64 -9.56 -24.29
C GLU D 68 -29.75 -9.06 -22.84
N SER D 69 -28.74 -9.40 -22.04
CA SER D 69 -28.76 -9.18 -20.59
C SER D 69 -27.66 -8.24 -20.15
N TRP D 70 -27.79 -7.76 -18.91
CA TRP D 70 -26.77 -6.86 -18.36
C TRP D 70 -25.39 -7.50 -18.27
N PRO D 71 -25.22 -8.77 -17.87
CA PRO D 71 -23.88 -9.36 -17.92
C PRO D 71 -23.23 -9.25 -19.29
N THR D 72 -23.98 -9.47 -20.37
CA THR D 72 -23.42 -9.27 -21.70
C THR D 72 -23.04 -7.82 -21.92
N VAL D 73 -23.92 -6.91 -21.50
CA VAL D 73 -23.63 -5.49 -21.69
C VAL D 73 -22.36 -5.09 -20.95
N TYR D 74 -22.25 -5.50 -19.68
CA TYR D 74 -21.08 -5.11 -18.89
C TYR D 74 -19.80 -5.68 -19.48
N GLU D 75 -19.86 -6.91 -20.00
CA GLU D 75 -18.66 -7.50 -20.58
C GLU D 75 -18.28 -6.80 -21.88
N ALA D 76 -19.28 -6.38 -22.66
CA ALA D 76 -19.00 -5.63 -23.87
C ALA D 76 -18.40 -4.26 -23.54
N ILE D 77 -18.90 -3.60 -22.50
CA ILE D 77 -18.31 -2.32 -22.10
C ILE D 77 -16.84 -2.50 -21.75
N ALA D 78 -16.53 -3.49 -20.90
CA ALA D 78 -15.14 -3.71 -20.52
C ALA D 78 -14.29 -4.05 -21.74
N GLU D 79 -14.83 -4.86 -22.66
CA GLU D 79 -14.07 -5.22 -23.85
C GLU D 79 -13.71 -3.98 -24.65
N ILE D 80 -14.71 -3.16 -24.98
CA ILE D 80 -14.44 -1.98 -25.79
C ILE D 80 -13.53 -1.01 -25.04
N ALA D 81 -13.79 -0.81 -23.75
CA ALA D 81 -12.96 0.10 -22.95
C ALA D 81 -11.48 -0.30 -22.98
N SER D 82 -11.20 -1.62 -23.01
CA SER D 82 -9.81 -2.07 -23.00
C SER D 82 -9.07 -1.64 -24.24
N ALA D 83 -9.79 -1.41 -25.34
CA ALA D 83 -9.18 -0.96 -26.59
C ALA D 83 -9.20 0.56 -26.71
N ASP D 84 -10.31 1.20 -26.30
CA ASP D 84 -10.47 2.65 -26.44
C ASP D 84 -11.40 3.08 -25.30
N ALA D 85 -10.83 3.70 -24.27
CA ALA D 85 -11.64 4.03 -23.09
C ALA D 85 -12.74 5.03 -23.45
N SER D 86 -12.45 5.97 -24.35
CA SER D 86 -13.49 6.93 -24.73
C SER D 86 -14.67 6.23 -25.37
N LEU D 87 -14.41 5.29 -26.29
CA LEU D 87 -15.50 4.56 -26.93
C LEU D 87 -16.20 3.64 -25.94
N GLY D 88 -15.45 3.02 -25.02
CA GLY D 88 -16.11 2.24 -23.98
C GLY D 88 -17.00 3.09 -23.11
N HIS D 89 -16.53 4.29 -22.75
CA HIS D 89 -17.32 5.27 -22.00
C HIS D 89 -18.58 5.66 -22.76
N LEU D 90 -18.43 6.11 -24.01
CA LEU D 90 -19.60 6.49 -24.79
C LEU D 90 -20.61 5.35 -24.85
N PHE D 91 -20.13 4.15 -25.16
CA PHE D 91 -20.95 2.96 -25.20
C PHE D 91 -21.65 2.72 -23.86
N GLY D 92 -20.88 2.71 -22.77
CA GLY D 92 -21.48 2.45 -21.47
C GLY D 92 -22.49 3.51 -21.04
N TYR D 93 -22.19 4.78 -21.29
CA TYR D 93 -23.14 5.82 -20.91
C TYR D 93 -24.42 5.72 -21.73
N HIS D 94 -24.34 5.28 -22.99
CA HIS D 94 -25.56 4.98 -23.73
C HIS D 94 -26.48 4.06 -22.93
N PHE D 95 -25.92 3.02 -22.31
CA PHE D 95 -26.77 2.12 -21.55
C PHE D 95 -27.22 2.69 -20.20
N SER D 96 -26.43 3.60 -19.60
CA SER D 96 -26.95 4.33 -18.44
C SER D 96 -28.13 5.21 -18.83
N ASN D 97 -28.02 5.89 -19.97
CA ASN D 97 -29.15 6.68 -20.47
C ASN D 97 -30.35 5.80 -20.79
N PHE D 98 -30.10 4.70 -21.51
CA PHE D 98 -31.19 3.76 -21.77
C PHE D 98 -31.80 3.24 -20.47
N ALA D 99 -30.97 2.93 -19.47
CA ALA D 99 -31.50 2.42 -18.21
C ALA D 99 -32.45 3.42 -17.56
N TYR D 100 -32.07 4.70 -17.54
CA TYR D 100 -32.97 5.70 -16.97
C TYR D 100 -34.30 5.70 -17.71
N VAL D 101 -34.26 5.70 -19.04
CA VAL D 101 -35.48 5.70 -19.83
C VAL D 101 -36.32 4.47 -19.50
N ASP D 102 -35.69 3.31 -19.42
CA ASP D 102 -36.47 2.09 -19.20
C ASP D 102 -37.13 2.09 -17.83
N LEU D 103 -36.48 2.66 -16.82
CA LEU D 103 -37.01 2.63 -15.47
C LEU D 103 -38.09 3.67 -15.22
N PHE D 104 -38.18 4.73 -16.04
CA PHE D 104 -39.12 5.82 -15.80
C PHE D 104 -40.14 6.05 -16.92
N ALA D 105 -39.91 5.56 -18.13
CA ALA D 105 -40.85 5.78 -19.22
C ALA D 105 -42.04 4.84 -19.15
N SER D 106 -43.16 5.25 -19.71
CA SER D 106 -44.34 4.41 -19.72
C SER D 106 -44.21 3.30 -20.75
N PRO D 107 -44.98 2.22 -20.61
CA PRO D 107 -44.99 1.20 -21.68
C PRO D 107 -45.38 1.77 -23.02
N GLU D 108 -46.30 2.74 -23.04
CA GLU D 108 -46.68 3.38 -24.29
C GLU D 108 -45.51 4.12 -24.91
N GLN D 109 -44.71 4.80 -24.10
CA GLN D 109 -43.53 5.49 -24.62
C GLN D 109 -42.51 4.48 -25.14
N LYS D 110 -42.25 3.42 -24.38
CA LYS D 110 -41.23 2.48 -24.81
C LYS D 110 -41.66 1.71 -26.06
N ALA D 111 -42.97 1.53 -26.27
CA ALA D 111 -43.43 0.82 -27.46
C ALA D 111 -43.21 1.64 -28.72
N ARG D 112 -43.15 2.96 -28.62
CA ARG D 112 -42.81 3.81 -29.75
C ARG D 112 -41.30 4.02 -29.86
N TRP D 113 -40.65 4.41 -28.76
CA TRP D 113 -39.24 4.79 -28.79
C TRP D 113 -38.33 3.62 -29.17
N TYR D 114 -38.58 2.44 -28.62
CA TYR D 114 -37.56 1.40 -28.75
C TYR D 114 -37.49 0.88 -30.18
N PRO D 115 -38.61 0.60 -30.85
CA PRO D 115 -38.52 0.29 -32.29
C PRO D 115 -37.87 1.41 -33.09
N GLN D 116 -38.16 2.67 -32.75
CA GLN D 116 -37.53 3.78 -33.43
C GLN D 116 -36.02 3.80 -33.18
N ALA D 117 -35.60 3.54 -31.94
CA ALA D 117 -34.18 3.47 -31.63
C ALA D 117 -33.47 2.38 -32.43
N VAL D 118 -34.16 1.25 -32.67
CA VAL D 118 -33.56 0.17 -33.46
C VAL D 118 -33.43 0.60 -34.92
N ARG D 119 -34.53 1.07 -35.49
CA ARG D 119 -34.62 1.44 -36.89
C ARG D 119 -33.69 2.61 -37.22
N GLU D 120 -33.59 3.59 -36.32
CA GLU D 120 -32.79 4.78 -36.55
C GLU D 120 -31.38 4.68 -35.97
N ARG D 121 -31.01 3.52 -35.41
CA ARG D 121 -29.68 3.28 -34.84
C ARG D 121 -29.30 4.39 -33.86
N TRP D 122 -30.12 4.53 -32.82
CA TRP D 122 -29.93 5.60 -31.83
C TRP D 122 -28.73 5.34 -30.94
N PHE D 123 -27.92 6.38 -30.78
CA PHE D 123 -26.80 6.44 -29.84
C PHE D 123 -27.13 7.60 -28.91
N LEU D 124 -27.38 7.29 -27.64
CA LEU D 124 -27.90 8.27 -26.69
C LEU D 124 -26.79 9.04 -25.99
N GLY D 125 -27.07 10.32 -25.69
CA GLY D 125 -26.22 11.13 -24.82
C GLY D 125 -27.06 11.76 -23.72
N ASN D 126 -26.37 12.51 -22.85
CA ASN D 126 -27.09 13.15 -21.75
C ASN D 126 -26.55 14.54 -21.48
N ALA D 127 -27.41 15.37 -20.86
CA ALA D 127 -27.04 16.68 -20.34
C ALA D 127 -27.72 16.81 -18.98
N SER D 128 -26.92 16.60 -17.92
CA SER D 128 -27.46 16.35 -16.59
C SER D 128 -26.76 17.19 -15.52
N SER D 129 -25.45 17.06 -15.42
CA SER D 129 -24.71 17.73 -14.36
C SER D 129 -24.43 19.19 -14.73
N GLU D 130 -23.95 19.95 -13.74
CA GLU D 130 -23.75 21.38 -13.88
C GLU D 130 -22.48 21.80 -13.16
N ASN D 131 -22.07 23.05 -13.39
CA ASN D 131 -20.82 23.53 -12.82
C ASN D 131 -21.06 24.67 -11.83
N ASN D 132 -21.95 24.46 -10.86
CA ASN D 132 -22.24 25.46 -9.86
C ASN D 132 -21.42 25.16 -8.59
N ALA D 133 -21.82 25.70 -7.44
CA ALA D 133 -20.96 25.68 -6.27
C ALA D 133 -20.70 24.28 -5.75
N HIS D 134 -21.56 23.32 -6.06
CA HIS D 134 -21.40 21.95 -5.62
C HIS D 134 -22.36 21.11 -6.45
N VAL D 135 -22.20 19.78 -6.38
CA VAL D 135 -22.87 18.94 -7.37
C VAL D 135 -24.38 18.90 -7.17
N LEU D 136 -24.89 19.30 -6.00
CA LEU D 136 -26.33 19.35 -5.82
C LEU D 136 -26.97 20.62 -6.35
N ASP D 137 -26.18 21.64 -6.65
CA ASP D 137 -26.67 22.98 -7.02
C ASP D 137 -27.02 22.99 -8.51
N TRP D 138 -28.29 22.74 -8.82
CA TRP D 138 -28.78 22.68 -10.20
C TRP D 138 -29.60 23.92 -10.51
N ARG D 139 -29.33 24.53 -11.66
CA ARG D 139 -29.96 25.79 -12.04
C ARG D 139 -30.56 25.81 -13.44
N VAL D 140 -30.34 24.78 -14.26
CA VAL D 140 -31.06 24.65 -15.52
C VAL D 140 -32.53 24.43 -15.21
N THR D 141 -33.40 25.29 -15.71
CA THR D 141 -34.79 25.34 -15.29
C THR D 141 -35.71 24.76 -16.36
N ALA D 142 -36.85 24.23 -15.90
CA ALA D 142 -37.95 23.78 -16.74
C ALA D 142 -39.20 24.56 -16.34
N THR D 143 -39.65 25.44 -17.23
CA THR D 143 -40.82 26.29 -16.97
C THR D 143 -42.06 25.65 -17.58
N PRO D 144 -43.11 25.39 -16.81
CA PRO D 144 -44.29 24.74 -17.40
C PRO D 144 -45.06 25.73 -18.27
N LEU D 145 -45.38 25.29 -19.48
CA LEU D 145 -46.22 25.98 -20.45
C LEU D 145 -47.63 25.43 -20.38
N PRO D 146 -48.62 26.17 -20.87
CA PRO D 146 -50.02 25.86 -20.52
C PRO D 146 -50.53 24.56 -21.12
N ASP D 147 -49.94 24.06 -22.21
CA ASP D 147 -50.36 22.82 -22.83
C ASP D 147 -49.69 21.59 -22.25
N GLY D 148 -48.93 21.73 -21.16
CA GLY D 148 -48.21 20.63 -20.58
C GLY D 148 -46.77 20.49 -21.02
N SER D 149 -46.33 21.31 -21.98
CA SER D 149 -44.94 21.36 -22.37
C SER D 149 -44.12 22.11 -21.32
N TYR D 150 -42.81 22.00 -21.44
CA TYR D 150 -41.87 22.79 -20.65
C TYR D 150 -40.89 23.50 -21.57
N GLU D 151 -40.33 24.58 -21.05
CA GLU D 151 -39.25 25.31 -21.70
C GLU D 151 -38.01 25.17 -20.83
N ILE D 152 -36.92 24.69 -21.42
CA ILE D 152 -35.66 24.44 -20.71
C ILE D 152 -34.71 25.61 -20.97
N ASN D 153 -34.06 26.09 -19.92
CA ASN D 153 -33.11 27.21 -20.03
C ASN D 153 -31.92 27.00 -19.13
N GLY D 154 -30.72 27.17 -19.68
CA GLY D 154 -29.50 27.14 -18.90
C GLY D 154 -28.45 26.27 -19.55
N THR D 155 -27.31 26.13 -18.85
CA THR D 155 -26.16 25.39 -19.38
C THR D 155 -25.81 24.20 -18.50
N LYS D 156 -25.63 23.05 -19.14
CA LYS D 156 -25.19 21.80 -18.52
C LYS D 156 -23.71 21.57 -18.79
N ALA D 157 -23.05 20.89 -17.86
CA ALA D 157 -21.64 20.52 -17.96
C ALA D 157 -21.50 19.00 -17.99
N PHE D 158 -20.36 18.54 -18.52
CA PHE D 158 -20.02 17.11 -18.53
C PHE D 158 -21.08 16.31 -19.27
N CYS D 159 -21.44 16.75 -20.48
CA CYS D 159 -22.55 16.15 -21.23
C CYS D 159 -22.02 15.05 -22.17
N SER D 160 -21.60 13.94 -21.55
CA SER D 160 -20.99 12.85 -22.31
C SER D 160 -21.87 12.44 -23.48
N GLY D 161 -21.23 12.26 -24.64
CA GLY D 161 -21.94 11.82 -25.83
C GLY D 161 -22.95 12.79 -26.36
N SER D 162 -22.86 14.06 -25.97
CA SER D 162 -23.81 15.06 -26.46
C SER D 162 -23.59 15.34 -27.94
N ALA D 163 -22.38 15.15 -28.46
CA ALA D 163 -22.09 15.34 -29.87
C ALA D 163 -22.54 14.11 -30.68
N ASP D 164 -23.19 14.36 -31.81
CA ASP D 164 -23.61 13.27 -32.69
C ASP D 164 -24.64 12.37 -32.02
N ALA D 165 -25.37 12.93 -31.06
CA ALA D 165 -26.35 12.18 -30.28
C ALA D 165 -27.68 12.15 -31.00
N ASP D 166 -28.31 10.97 -31.07
CA ASP D 166 -29.62 10.91 -31.69
C ASP D 166 -30.72 11.40 -30.76
N ARG D 167 -30.55 11.23 -29.45
CA ARG D 167 -31.42 11.83 -28.45
C ARG D 167 -30.54 12.20 -27.26
N LEU D 168 -30.97 13.21 -26.52
CA LEU D 168 -30.32 13.59 -25.28
C LEU D 168 -31.27 13.35 -24.11
N LEU D 169 -30.79 12.62 -23.10
CA LEU D 169 -31.48 12.56 -21.82
C LEU D 169 -31.12 13.81 -21.02
N VAL D 170 -32.12 14.62 -20.69
CA VAL D 170 -31.93 15.95 -20.12
C VAL D 170 -32.66 16.02 -18.78
N PHE D 171 -32.01 16.66 -17.80
CA PHE D 171 -32.56 16.88 -16.46
C PHE D 171 -32.65 18.37 -16.18
N ALA D 172 -33.77 18.81 -15.59
CA ALA D 172 -33.93 20.21 -15.22
C ALA D 172 -34.75 20.28 -13.94
N VAL D 173 -34.84 21.47 -13.35
CA VAL D 173 -35.66 21.70 -12.17
C VAL D 173 -36.77 22.68 -12.51
N THR D 174 -37.98 22.39 -12.01
CA THR D 174 -39.11 23.23 -12.32
C THR D 174 -38.90 24.63 -11.78
N SER D 175 -39.40 25.61 -12.52
CA SER D 175 -39.30 27.02 -12.18
C SER D 175 -40.57 27.71 -12.63
N ARG D 176 -40.98 28.73 -11.89
CA ARG D 176 -42.23 29.42 -12.15
C ARG D 176 -43.40 28.44 -12.18
N ASP D 177 -43.36 27.50 -11.25
CA ASP D 177 -44.26 26.36 -11.23
C ASP D 177 -45.25 26.49 -10.09
N PRO D 178 -46.52 26.77 -10.37
CA PRO D 178 -47.51 26.89 -9.28
C PRO D 178 -47.69 25.64 -8.49
N ASN D 179 -47.23 24.49 -9.02
CA ASN D 179 -47.37 23.20 -8.36
C ASN D 179 -46.08 22.78 -7.66
N GLY D 180 -45.09 23.66 -7.57
CA GLY D 180 -43.89 23.38 -6.81
C GLY D 180 -42.61 23.60 -7.60
N ASP D 181 -41.80 24.57 -7.19
CA ASP D 181 -40.52 24.82 -7.83
C ASP D 181 -39.47 23.84 -7.30
N GLY D 182 -38.40 23.68 -8.09
CA GLY D 182 -37.27 22.86 -7.69
C GLY D 182 -37.43 21.38 -7.93
N ARG D 183 -38.53 20.93 -8.52
CA ARG D 183 -38.77 19.51 -8.72
C ARG D 183 -38.07 19.04 -10.00
N ILE D 184 -37.46 17.86 -9.93
CA ILE D 184 -36.63 17.39 -11.04
C ILE D 184 -37.51 16.78 -12.14
N VAL D 185 -37.32 17.24 -13.36
CA VAL D 185 -37.96 16.65 -14.54
C VAL D 185 -36.86 16.13 -15.44
N ALA D 186 -37.16 15.02 -16.13
CA ALA D 186 -36.27 14.42 -17.12
C ALA D 186 -37.03 14.26 -18.42
N ALA D 187 -36.31 14.37 -19.53
CA ALA D 187 -36.92 14.19 -20.83
C ALA D 187 -35.92 13.60 -21.81
N LEU D 188 -36.44 13.01 -22.88
CA LEU D 188 -35.63 12.49 -23.98
C LEU D 188 -36.02 13.26 -25.24
N ILE D 189 -35.09 14.05 -25.77
CA ILE D 189 -35.39 14.99 -26.84
C ILE D 189 -34.32 14.89 -27.92
N PRO D 190 -34.65 15.33 -29.14
CA PRO D 190 -33.64 15.38 -30.21
C PRO D 190 -32.55 16.39 -29.88
N SER D 191 -31.32 16.07 -30.27
CA SER D 191 -30.20 16.96 -29.96
C SER D 191 -30.17 18.19 -30.86
N ASP D 192 -30.91 18.18 -31.97
CA ASP D 192 -31.00 19.34 -32.85
C ASP D 192 -32.31 20.09 -32.69
N ARG D 193 -33.05 19.85 -31.61
CA ARG D 193 -34.20 20.68 -31.34
C ARG D 193 -33.77 22.14 -31.23
N ALA D 194 -34.63 23.04 -31.70
CA ALA D 194 -34.31 24.46 -31.69
C ALA D 194 -33.93 24.91 -30.27
N GLY D 195 -32.81 25.62 -30.16
CA GLY D 195 -32.36 26.15 -28.90
C GLY D 195 -31.36 25.28 -28.16
N VAL D 196 -31.06 24.09 -28.67
CA VAL D 196 -30.02 23.24 -28.10
C VAL D 196 -28.70 23.60 -28.77
N GLN D 197 -27.69 23.96 -27.97
CA GLN D 197 -26.37 24.27 -28.51
C GLN D 197 -25.33 23.41 -27.80
N VAL D 198 -24.79 22.44 -28.52
CA VAL D 198 -23.68 21.61 -28.06
C VAL D 198 -22.38 22.38 -28.34
N ASN D 199 -21.58 22.63 -27.29
CA ASN D 199 -20.54 23.66 -27.37
C ASN D 199 -19.14 23.14 -27.71
N GLY D 200 -18.90 21.84 -27.76
CA GLY D 200 -17.59 21.36 -28.20
C GLY D 200 -16.40 21.95 -27.45
N ASP D 201 -16.54 22.13 -26.13
CA ASP D 201 -15.47 22.69 -25.31
C ASP D 201 -14.78 21.64 -24.44
N TRP D 202 -14.89 20.36 -24.79
CA TRP D 202 -14.25 19.29 -24.03
C TRP D 202 -12.78 19.20 -24.41
N ASP D 203 -11.89 19.41 -23.43
CA ASP D 203 -10.45 19.33 -23.69
C ASP D 203 -9.79 18.83 -22.40
N SER D 204 -9.71 17.51 -22.27
CA SER D 204 -9.46 16.85 -21.00
C SER D 204 -8.14 16.11 -20.99
N LEU D 205 -7.69 15.76 -19.78
CA LEU D 205 -6.47 14.97 -19.61
C LEU D 205 -6.61 13.60 -20.27
N GLY D 206 -7.67 12.86 -19.90
CA GLY D 206 -7.99 11.57 -20.49
C GLY D 206 -9.46 11.51 -20.89
N MET D 207 -9.93 10.36 -21.34
CA MET D 207 -11.30 10.24 -21.89
C MET D 207 -11.54 11.31 -22.96
N ARG D 208 -10.56 11.51 -23.84
CA ARG D 208 -10.52 12.72 -24.64
C ARG D 208 -11.55 12.75 -25.76
N GLN D 209 -12.17 11.63 -26.11
CA GLN D 209 -13.16 11.59 -27.19
C GLN D 209 -14.56 11.26 -26.68
N THR D 210 -14.85 11.56 -25.41
CA THR D 210 -16.20 11.35 -24.88
C THR D 210 -17.13 12.54 -25.11
N ASP D 211 -16.63 13.64 -25.66
CA ASP D 211 -17.46 14.83 -25.92
C ASP D 211 -18.23 15.26 -24.67
N SER D 212 -17.58 15.22 -23.51
CA SER D 212 -18.26 15.59 -22.26
C SER D 212 -18.16 17.09 -21.99
N GLY D 213 -18.39 17.91 -23.01
CA GLY D 213 -18.39 19.34 -22.89
C GLY D 213 -19.73 19.88 -22.41
N SER D 214 -19.92 21.19 -22.59
CA SER D 214 -21.14 21.82 -22.13
C SER D 214 -22.20 21.86 -23.23
N VAL D 215 -23.45 21.98 -22.80
CA VAL D 215 -24.60 22.13 -23.69
C VAL D 215 -25.47 23.23 -23.13
N THR D 216 -25.81 24.21 -23.96
CA THR D 216 -26.65 25.34 -23.55
C THR D 216 -28.04 25.21 -24.14
N PHE D 217 -29.04 25.47 -23.31
CA PHE D 217 -30.45 25.39 -23.68
C PHE D 217 -31.04 26.80 -23.66
N SER D 218 -31.54 27.25 -24.80
CA SER D 218 -32.17 28.57 -24.93
C SER D 218 -33.62 28.36 -25.35
N GLY D 219 -34.53 28.53 -24.40
CA GLY D 219 -35.95 28.39 -24.70
C GLY D 219 -36.33 27.11 -25.39
N VAL D 220 -35.77 25.99 -24.92
CA VAL D 220 -35.95 24.70 -25.60
C VAL D 220 -37.25 24.06 -25.15
N VAL D 221 -38.05 23.62 -26.11
CA VAL D 221 -39.38 23.09 -25.80
C VAL D 221 -39.28 21.60 -25.58
N VAL D 222 -39.93 21.13 -24.52
CA VAL D 222 -40.08 19.70 -24.25
C VAL D 222 -41.58 19.39 -24.27
N TYR D 223 -41.99 18.43 -25.14
CA TYR D 223 -43.39 18.09 -25.27
C TYR D 223 -43.80 17.04 -24.24
N PRO D 224 -45.08 16.99 -23.88
CA PRO D 224 -45.50 16.08 -22.80
C PRO D 224 -45.09 14.64 -23.05
N ASP D 225 -45.13 14.17 -24.30
CA ASP D 225 -44.82 12.77 -24.54
C ASP D 225 -43.33 12.49 -24.58
N GLU D 226 -42.50 13.49 -24.32
CA GLU D 226 -41.06 13.31 -24.16
C GLU D 226 -40.62 13.24 -22.70
N LEU D 227 -41.53 13.52 -21.77
CA LEU D 227 -41.18 13.53 -20.35
C LEU D 227 -41.10 12.12 -19.80
N LEU D 228 -40.14 11.90 -18.90
CA LEU D 228 -39.94 10.61 -18.25
C LEU D 228 -40.50 10.73 -16.84
N GLY D 229 -41.71 10.19 -16.63
CA GLY D 229 -42.38 10.35 -15.35
C GLY D 229 -42.88 11.78 -15.14
N THR D 230 -43.22 12.07 -13.89
CA THR D 230 -43.72 13.37 -13.48
C THR D 230 -42.69 14.15 -12.67
N PRO D 231 -42.88 15.45 -12.50
CA PRO D 231 -41.87 16.26 -11.78
C PRO D 231 -41.65 15.74 -10.38
N GLY D 232 -40.38 15.55 -10.02
CA GLY D 232 -40.02 15.05 -8.72
C GLY D 232 -40.12 13.55 -8.59
N GLN D 233 -40.57 12.83 -9.62
CA GLN D 233 -40.72 11.39 -9.48
C GLN D 233 -39.38 10.71 -9.19
N VAL D 234 -38.28 11.20 -9.76
CA VAL D 234 -36.99 10.56 -9.48
C VAL D 234 -36.63 10.71 -8.01
N THR D 235 -36.91 11.88 -7.43
CA THR D 235 -36.62 12.11 -6.02
C THR D 235 -37.42 11.16 -5.14
N ASP D 236 -38.71 10.97 -5.48
CA ASP D 236 -39.54 10.04 -4.72
C ASP D 236 -39.03 8.61 -4.83
N ALA D 237 -38.56 8.22 -6.01
CA ALA D 237 -38.03 6.87 -6.20
C ALA D 237 -36.75 6.65 -5.41
N PHE D 238 -35.85 7.64 -5.41
CA PHE D 238 -34.67 7.58 -4.55
C PHE D 238 -35.07 7.48 -3.08
N ALA D 239 -35.98 8.35 -2.64
CA ALA D 239 -36.34 8.40 -1.22
C ALA D 239 -36.95 7.08 -0.77
N SER D 240 -37.60 6.35 -1.67
CA SER D 240 -38.28 5.11 -1.30
C SER D 240 -37.45 3.88 -1.64
N GLY D 241 -36.24 4.06 -2.18
CA GLY D 241 -35.41 2.95 -2.61
C GLY D 241 -36.11 1.94 -3.50
N SER D 242 -37.05 2.40 -4.32
CA SER D 242 -37.82 1.53 -5.19
C SER D 242 -37.05 1.24 -6.49
N LYS D 243 -37.69 0.47 -7.38
CA LYS D 243 -36.95 -0.08 -8.52
C LYS D 243 -36.26 0.97 -9.39
N PRO D 244 -36.84 2.15 -9.64
CA PRO D 244 -36.12 3.12 -10.50
C PRO D 244 -34.80 3.57 -9.89
N SER D 245 -34.63 3.42 -8.57
CA SER D 245 -33.37 3.77 -7.92
C SER D 245 -32.26 2.77 -8.22
N LEU D 246 -32.56 1.67 -8.92
CA LEU D 246 -31.53 0.81 -9.46
C LEU D 246 -30.66 1.55 -10.45
N TRP D 247 -31.11 2.69 -10.98
CA TRP D 247 -30.30 3.40 -11.97
C TRP D 247 -28.88 3.62 -11.45
N THR D 248 -28.74 3.96 -10.16
CA THR D 248 -27.41 4.27 -9.64
C THR D 248 -26.49 3.04 -9.59
N PRO D 249 -26.86 1.94 -8.94
CA PRO D 249 -25.93 0.80 -8.93
C PRO D 249 -25.63 0.29 -10.34
N ILE D 250 -26.62 0.32 -11.25
CA ILE D 250 -26.36 -0.05 -12.65
C ILE D 250 -25.27 0.83 -13.24
N THR D 251 -25.41 2.14 -13.06
CA THR D 251 -24.48 3.09 -13.66
C THR D 251 -23.11 3.03 -13.00
N GLN D 252 -23.09 2.92 -11.67
CA GLN D 252 -21.81 2.80 -10.98
C GLN D 252 -21.10 1.53 -11.37
N LEU D 253 -21.84 0.48 -11.75
CA LEU D 253 -21.17 -0.73 -12.20
C LEU D 253 -20.71 -0.61 -13.66
N ILE D 254 -21.36 0.25 -14.45
CA ILE D 254 -20.81 0.63 -15.75
C ILE D 254 -19.44 1.27 -15.56
N PHE D 255 -19.36 2.26 -14.66
CA PHE D 255 -18.06 2.87 -14.38
C PHE D 255 -17.05 1.80 -13.98
N THR D 256 -17.46 0.87 -13.11
CA THR D 256 -16.56 -0.17 -12.65
C THR D 256 -16.00 -0.97 -13.82
N HIS D 257 -16.83 -1.28 -14.81
CA HIS D 257 -16.31 -2.04 -15.94
C HIS D 257 -15.41 -1.19 -16.85
N LEU D 258 -15.59 0.13 -16.87
CA LEU D 258 -14.60 0.95 -17.57
C LEU D 258 -13.22 0.80 -16.92
N TYR D 259 -13.18 0.76 -15.59
CA TYR D 259 -11.90 0.65 -14.90
C TYR D 259 -11.31 -0.75 -15.09
N LEU D 260 -12.14 -1.79 -15.02
CA LEU D 260 -11.62 -3.14 -15.26
C LEU D 260 -11.15 -3.28 -16.71
N GLY D 261 -11.88 -2.69 -17.66
CA GLY D 261 -11.42 -2.74 -19.05
C GLY D 261 -10.10 -2.04 -19.26
N ILE D 262 -9.95 -0.82 -18.73
CA ILE D 262 -8.70 -0.09 -18.85
C ILE D 262 -7.56 -0.87 -18.21
N ALA D 263 -7.81 -1.48 -17.05
CA ALA D 263 -6.76 -2.22 -16.36
C ALA D 263 -6.28 -3.39 -17.21
N ARG D 264 -7.22 -4.14 -17.79
CA ARG D 264 -6.83 -5.26 -18.63
C ARG D 264 -6.08 -4.78 -19.87
N GLY D 265 -6.60 -3.76 -20.53
CA GLY D 265 -5.91 -3.24 -21.70
C GLY D 265 -4.50 -2.80 -21.40
N ALA D 266 -4.32 -2.10 -20.27
CA ALA D 266 -2.99 -1.61 -19.91
C ALA D 266 -2.04 -2.76 -19.60
N LEU D 267 -2.51 -3.75 -18.84
CA LEU D 267 -1.67 -4.91 -18.54
C LEU D 267 -1.25 -5.64 -19.81
N GLU D 268 -2.17 -5.81 -20.76
CA GLU D 268 -1.83 -6.53 -21.98
C GLU D 268 -0.88 -5.73 -22.86
N GLU D 269 -1.08 -4.42 -22.96
CA GLU D 269 -0.17 -3.58 -23.72
C GLU D 269 1.22 -3.55 -23.09
N ALA D 270 1.30 -3.45 -21.76
CA ALA D 270 2.61 -3.46 -21.10
C ALA D 270 3.32 -4.79 -21.34
N ALA D 271 2.59 -5.90 -21.25
CA ALA D 271 3.23 -7.19 -21.41
C ALA D 271 3.79 -7.36 -22.82
N HIS D 272 3.11 -6.82 -23.82
CA HIS D 272 3.65 -6.88 -25.18
C HIS D 272 4.97 -6.13 -25.28
N TYR D 273 5.07 -4.97 -24.61
CA TYR D 273 6.35 -4.25 -24.59
C TYR D 273 7.40 -5.03 -23.83
N SER D 274 7.06 -5.57 -22.65
CA SER D 274 8.05 -6.32 -21.88
C SER D 274 8.59 -7.49 -22.70
N ARG D 275 7.71 -8.18 -23.44
CA ARG D 275 8.17 -9.31 -24.25
C ARG D 275 8.99 -8.86 -25.46
N SER D 276 8.69 -7.68 -26.01
CA SER D 276 9.26 -7.25 -27.28
C SER D 276 10.47 -6.33 -27.14
N HIS D 277 10.47 -5.44 -26.13
CA HIS D 277 11.43 -4.34 -26.11
C HIS D 277 12.21 -4.21 -24.82
N SER D 278 11.68 -4.65 -23.68
CA SER D 278 12.42 -4.46 -22.44
C SER D 278 13.76 -5.17 -22.51
N ARG D 279 14.76 -4.56 -21.87
CA ARG D 279 16.11 -5.11 -21.87
C ARG D 279 16.44 -5.74 -20.53
N PRO D 280 17.23 -6.81 -20.50
CA PRO D 280 17.56 -7.44 -19.22
C PRO D 280 18.51 -6.56 -18.42
N PHE D 281 18.35 -6.60 -17.10
CA PHE D 281 19.22 -5.81 -16.24
C PHE D 281 20.46 -6.64 -15.94
N THR D 282 21.39 -6.63 -16.90
CA THR D 282 22.56 -7.50 -16.82
C THR D 282 23.46 -7.16 -15.64
N LEU D 283 23.46 -5.90 -15.18
CA LEU D 283 24.21 -5.56 -13.97
C LEU D 283 23.96 -6.57 -12.87
N ALA D 284 22.72 -7.06 -12.78
CA ALA D 284 22.29 -7.95 -11.71
C ALA D 284 22.27 -9.41 -12.17
N GLY D 285 22.76 -9.69 -13.38
CA GLY D 285 22.85 -11.05 -13.87
C GLY D 285 21.61 -11.58 -14.55
N VAL D 286 20.64 -10.71 -14.84
CA VAL D 286 19.46 -11.13 -15.60
C VAL D 286 19.84 -11.32 -17.06
N GLU D 287 19.35 -12.39 -17.67
CA GLU D 287 19.55 -12.63 -19.09
C GLU D 287 18.34 -12.31 -19.95
N LYS D 288 17.13 -12.45 -19.40
CA LYS D 288 15.90 -12.14 -20.12
C LYS D 288 15.01 -11.28 -19.24
N ALA D 289 14.52 -10.17 -19.78
CA ALA D 289 13.62 -9.31 -19.01
C ALA D 289 12.36 -10.07 -18.59
N THR D 290 11.85 -10.94 -19.46
CA THR D 290 10.67 -11.74 -19.15
C THR D 290 10.92 -12.78 -18.06
N GLU D 291 12.17 -12.96 -17.65
CA GLU D 291 12.52 -13.85 -16.55
C GLU D 291 12.97 -13.08 -15.31
N ASP D 292 12.90 -11.76 -15.34
CA ASP D 292 13.35 -10.97 -14.20
C ASP D 292 12.38 -11.15 -13.03
N PRO D 293 12.85 -11.46 -11.82
CA PRO D 293 11.91 -11.78 -10.74
C PRO D 293 11.01 -10.63 -10.35
N TYR D 294 11.48 -9.39 -10.47
CA TYR D 294 10.69 -8.24 -10.07
C TYR D 294 9.72 -7.83 -11.17
N VAL D 295 10.11 -7.99 -12.44
CA VAL D 295 9.17 -7.86 -13.54
C VAL D 295 8.02 -8.85 -13.38
N LEU D 296 8.34 -10.12 -13.14
CA LEU D 296 7.30 -11.12 -13.00
C LEU D 296 6.40 -10.82 -11.79
N ALA D 297 6.96 -10.25 -10.73
CA ALA D 297 6.16 -9.96 -9.54
C ALA D 297 5.13 -8.85 -9.80
N ILE D 298 5.49 -7.86 -10.60
CA ILE D 298 4.55 -6.78 -10.92
C ILE D 298 3.37 -7.35 -11.71
N TYR D 299 3.65 -8.12 -12.76
CA TYR D 299 2.57 -8.69 -13.56
C TYR D 299 1.73 -9.64 -12.73
N GLY D 300 2.37 -10.43 -11.86
CA GLY D 300 1.64 -11.36 -11.03
C GLY D 300 0.72 -10.66 -10.04
N GLU D 301 1.24 -9.64 -9.33
CA GLU D 301 0.42 -8.92 -8.37
C GLU D 301 -0.81 -8.29 -9.02
N PHE D 302 -0.62 -7.64 -10.17
CA PHE D 302 -1.72 -6.92 -10.78
C PHE D 302 -2.66 -7.85 -11.54
N ALA D 303 -2.12 -8.88 -12.21
CA ALA D 303 -2.99 -9.84 -12.87
C ALA D 303 -3.87 -10.57 -11.86
N ALA D 304 -3.30 -10.93 -10.70
CA ALA D 304 -4.07 -11.63 -9.68
C ALA D 304 -5.22 -10.76 -9.17
N GLN D 305 -4.95 -9.49 -8.86
CA GLN D 305 -6.02 -8.62 -8.40
C GLN D 305 -7.08 -8.46 -9.48
N LEU D 306 -6.66 -8.38 -10.74
CA LEU D 306 -7.61 -8.23 -11.83
C LEU D 306 -8.50 -9.46 -11.96
N GLN D 307 -7.92 -10.67 -11.81
CA GLN D 307 -8.75 -11.87 -11.96
C GLN D 307 -9.83 -11.90 -10.90
N VAL D 308 -9.47 -11.61 -9.65
CA VAL D 308 -10.46 -11.64 -8.56
C VAL D 308 -11.50 -10.56 -8.77
N ALA D 309 -11.08 -9.35 -9.15
CA ALA D 309 -12.02 -8.26 -9.37
C ALA D 309 -12.96 -8.59 -10.52
N GLU D 310 -12.45 -9.16 -11.61
CA GLU D 310 -13.32 -9.51 -12.74
C GLU D 310 -14.30 -10.61 -12.36
N ALA D 311 -13.87 -11.59 -11.57
CA ALA D 311 -14.77 -12.69 -11.20
C ALA D 311 -15.85 -12.21 -10.25
N GLY D 312 -15.49 -11.37 -9.27
CA GLY D 312 -16.51 -10.77 -8.42
C GLY D 312 -17.45 -9.87 -9.18
N ALA D 313 -16.93 -9.14 -10.18
CA ALA D 313 -17.79 -8.25 -10.96
C ALA D 313 -18.86 -9.03 -11.71
N ARG D 314 -18.53 -10.25 -12.17
CA ARG D 314 -19.50 -11.05 -12.88
C ARG D 314 -20.68 -11.43 -11.98
N GLU D 315 -20.41 -11.80 -10.73
CA GLU D 315 -21.50 -12.13 -9.82
C GLU D 315 -22.44 -10.95 -9.62
N VAL D 316 -21.88 -9.75 -9.45
CA VAL D 316 -22.72 -8.57 -9.25
C VAL D 316 -23.53 -8.26 -10.49
N ALA D 317 -22.95 -8.46 -11.67
CA ALA D 317 -23.68 -8.21 -12.91
C ALA D 317 -24.89 -9.13 -13.02
N LEU D 318 -24.76 -10.38 -12.56
CA LEU D 318 -25.90 -11.28 -12.57
C LEU D 318 -27.02 -10.77 -11.66
N ARG D 319 -26.66 -10.21 -10.50
CA ARG D 319 -27.67 -9.68 -9.60
C ARG D 319 -28.36 -8.45 -10.19
N VAL D 320 -27.61 -7.60 -10.88
CA VAL D 320 -28.25 -6.49 -11.59
C VAL D 320 -29.35 -7.02 -12.50
N GLN D 321 -29.03 -8.02 -13.33
CA GLN D 321 -30.02 -8.60 -14.24
C GLN D 321 -31.21 -9.16 -13.48
N GLU D 322 -30.95 -9.87 -12.39
CA GLU D 322 -32.01 -10.43 -11.56
C GLU D 322 -33.01 -9.38 -11.13
N LEU D 323 -32.52 -8.27 -10.57
CA LEU D 323 -33.42 -7.23 -10.09
C LEU D 323 -34.04 -6.45 -11.24
N TRP D 324 -33.30 -6.28 -12.33
CA TRP D 324 -33.83 -5.61 -13.51
C TRP D 324 -35.12 -6.28 -13.99
N GLU D 325 -35.21 -7.59 -13.86
CA GLU D 325 -36.38 -8.34 -14.31
C GLU D 325 -37.51 -8.37 -13.30
N ARG D 326 -37.32 -7.81 -12.11
CA ARG D 326 -38.38 -7.85 -11.10
C ARG D 326 -39.39 -6.73 -11.32
N ASN D 327 -40.66 -7.02 -10.98
CA ASN D 327 -41.68 -5.99 -11.01
C ASN D 327 -41.48 -4.98 -9.90
N HIS D 328 -41.06 -5.44 -8.74
CA HIS D 328 -40.86 -4.57 -7.60
C HIS D 328 -39.53 -4.93 -6.95
N VAL D 329 -38.86 -3.90 -6.45
CA VAL D 329 -37.57 -4.05 -5.78
C VAL D 329 -37.69 -3.35 -4.43
N THR D 330 -37.27 -4.04 -3.38
CA THR D 330 -37.31 -3.43 -2.05
C THR D 330 -36.06 -2.59 -1.81
N PRO D 331 -36.13 -1.67 -0.86
CA PRO D 331 -34.91 -0.93 -0.50
C PRO D 331 -33.80 -1.82 0.01
N GLU D 332 -34.13 -2.95 0.63
CA GLU D 332 -33.07 -3.84 1.10
C GLU D 332 -32.34 -4.49 -0.05
N GLN D 333 -33.08 -4.94 -1.08
CA GLN D 333 -32.45 -5.48 -2.28
C GLN D 333 -31.63 -4.42 -3.00
N ARG D 334 -32.19 -3.22 -3.17
CA ARG D 334 -31.45 -2.15 -3.82
C ARG D 334 -30.19 -1.80 -3.03
N GLY D 335 -30.31 -1.68 -1.71
CA GLY D 335 -29.17 -1.31 -0.89
C GLY D 335 -28.07 -2.36 -0.89
N GLN D 336 -28.46 -3.63 -0.76
CA GLN D 336 -27.46 -4.69 -0.85
C GLN D 336 -26.71 -4.63 -2.17
N LEU D 337 -27.44 -4.48 -3.28
CA LEU D 337 -26.79 -4.38 -4.58
C LEU D 337 -25.87 -3.17 -4.64
N MET D 338 -26.33 -2.01 -4.16
CA MET D 338 -25.50 -0.82 -4.19
C MET D 338 -24.20 -1.04 -3.40
N VAL D 339 -24.30 -1.71 -2.25
CA VAL D 339 -23.09 -1.98 -1.47
C VAL D 339 -22.12 -2.87 -2.25
N GLN D 340 -22.65 -3.89 -2.94
CA GLN D 340 -21.79 -4.76 -3.73
C GLN D 340 -21.14 -4.01 -4.89
N VAL D 341 -21.90 -3.12 -5.53
CA VAL D 341 -21.37 -2.32 -6.64
C VAL D 341 -20.32 -1.35 -6.14
N ALA D 342 -20.63 -0.64 -5.06
CA ALA D 342 -19.65 0.26 -4.47
C ALA D 342 -18.34 -0.46 -4.18
N SER D 343 -18.42 -1.66 -3.60
CA SER D 343 -17.21 -2.40 -3.27
C SER D 343 -16.41 -2.73 -4.53
N ALA D 344 -17.10 -3.25 -5.56
CA ALA D 344 -16.40 -3.52 -6.82
C ALA D 344 -15.77 -2.24 -7.36
N LYS D 345 -16.47 -1.12 -7.27
CA LYS D 345 -15.92 0.12 -7.81
C LYS D 345 -14.66 0.54 -7.04
N ILE D 346 -14.71 0.47 -5.71
CA ILE D 346 -13.55 0.80 -4.89
C ILE D 346 -12.34 -0.03 -5.30
N VAL D 347 -12.51 -1.35 -5.38
CA VAL D 347 -11.41 -2.24 -5.69
C VAL D 347 -10.87 -1.96 -7.08
N ALA D 348 -11.76 -1.75 -8.07
CA ALA D 348 -11.30 -1.49 -9.42
C ALA D 348 -10.60 -0.14 -9.54
N THR D 349 -11.11 0.87 -8.83
CA THR D 349 -10.48 2.19 -8.83
C THR D 349 -9.04 2.07 -8.35
N ARG D 350 -8.84 1.50 -7.15
CA ARG D 350 -7.49 1.36 -6.62
C ARG D 350 -6.60 0.58 -7.59
N LEU D 351 -7.14 -0.50 -8.16
CA LEU D 351 -6.37 -1.34 -9.07
C LEU D 351 -5.92 -0.57 -10.31
N VAL D 352 -6.86 0.06 -11.01
CA VAL D 352 -6.48 0.67 -12.28
C VAL D 352 -5.53 1.84 -12.05
N ILE D 353 -5.74 2.60 -10.98
CA ILE D 353 -4.89 3.76 -10.72
C ILE D 353 -3.46 3.32 -10.42
N GLU D 354 -3.30 2.25 -9.62
CA GLU D 354 -1.95 1.79 -9.30
C GLU D 354 -1.29 1.16 -10.52
N LEU D 355 -1.98 0.26 -11.23
CA LEU D 355 -1.28 -0.48 -12.27
C LEU D 355 -0.95 0.40 -13.47
N THR D 356 -1.82 1.34 -13.84
CA THR D 356 -1.49 2.14 -15.02
C THR D 356 -0.27 3.03 -14.80
N SER D 357 0.09 3.30 -13.56
CA SER D 357 1.31 4.02 -13.24
C SER D 357 2.50 3.08 -13.02
N ARG D 358 2.30 2.02 -12.21
CA ARG D 358 3.42 1.17 -11.80
C ARG D 358 3.91 0.25 -12.91
N LEU D 359 3.08 -0.05 -13.91
CA LEU D 359 3.52 -0.98 -14.96
C LEU D 359 4.71 -0.43 -15.75
N TYR D 360 4.99 0.87 -15.70
CA TYR D 360 6.23 1.35 -16.30
C TYR D 360 7.44 0.65 -15.71
N GLU D 361 7.39 0.34 -14.42
CA GLU D 361 8.52 -0.32 -13.77
C GLU D 361 8.79 -1.70 -14.34
N ALA D 362 7.80 -2.31 -15.01
CA ALA D 362 7.99 -3.59 -15.67
C ALA D 362 8.51 -3.44 -17.09
N MET D 363 8.45 -2.24 -17.66
CA MET D 363 8.82 -1.99 -19.04
C MET D 363 10.15 -1.29 -19.21
N GLY D 364 10.43 -0.25 -18.41
CA GLY D 364 11.71 0.42 -18.43
C GLY D 364 11.59 1.86 -18.90
N ALA D 365 12.73 2.57 -18.83
CA ALA D 365 12.73 4.00 -19.08
C ALA D 365 12.25 4.32 -20.50
N ARG D 366 12.65 3.52 -21.48
CA ARG D 366 12.34 3.89 -22.86
C ARG D 366 10.84 3.86 -23.14
N ALA D 367 10.05 3.19 -22.30
CA ALA D 367 8.60 3.21 -22.48
C ALA D 367 8.02 4.60 -22.21
N ALA D 368 8.67 5.38 -21.36
CA ALA D 368 8.28 6.77 -21.12
C ALA D 368 9.09 7.76 -21.95
N ALA D 369 10.37 7.47 -22.22
CA ALA D 369 11.20 8.44 -22.93
C ALA D 369 10.75 8.62 -24.38
N SER D 370 10.09 7.64 -24.95
CA SER D 370 9.53 7.73 -26.30
C SER D 370 8.04 8.05 -26.17
N ARG D 371 7.71 9.33 -26.21
CA ARG D 371 6.32 9.76 -25.97
C ARG D 371 5.34 9.04 -26.88
N GLN D 372 5.75 8.77 -28.12
CA GLN D 372 4.83 8.22 -29.11
C GLN D 372 4.36 6.80 -28.77
N PHE D 373 5.06 6.09 -27.88
CA PHE D 373 4.54 4.80 -27.45
C PHE D 373 3.15 4.96 -26.84
N GLY D 374 2.91 6.08 -26.16
CA GLY D 374 1.57 6.45 -25.73
C GLY D 374 0.97 5.62 -24.62
N PHE D 375 1.78 4.93 -23.81
CA PHE D 375 1.21 4.08 -22.77
C PHE D 375 0.53 4.92 -21.68
N ASP D 376 0.94 6.17 -21.53
CA ASP D 376 0.33 7.01 -20.50
C ASP D 376 -1.17 7.21 -20.74
N ARG D 377 -1.66 6.90 -21.95
CA ARG D 377 -3.09 7.03 -22.21
C ARG D 377 -3.93 6.28 -21.18
N PHE D 378 -3.45 5.12 -20.74
CA PHE D 378 -4.22 4.33 -19.78
C PHE D 378 -4.36 5.07 -18.45
N TRP D 379 -3.24 5.57 -17.91
CA TRP D 379 -3.32 6.34 -16.67
C TRP D 379 -4.19 7.58 -16.84
N ARG D 380 -3.99 8.32 -17.94
CA ARG D 380 -4.78 9.54 -18.13
C ARG D 380 -6.28 9.23 -18.18
N ASP D 381 -6.67 8.22 -18.93
CA ASP D 381 -8.09 7.85 -19.01
C ASP D 381 -8.63 7.45 -17.63
N ALA D 382 -7.91 6.58 -16.94
CA ALA D 382 -8.39 6.08 -15.65
C ALA D 382 -8.31 7.15 -14.57
N ARG D 383 -7.23 7.94 -14.58
CA ARG D 383 -7.12 9.02 -13.60
C ARG D 383 -8.25 10.03 -13.76
N THR D 384 -8.64 10.33 -15.01
CA THR D 384 -9.74 11.26 -15.26
C THR D 384 -11.07 10.67 -14.80
N HIS D 385 -11.40 9.47 -15.26
CA HIS D 385 -12.76 9.00 -14.98
C HIS D 385 -12.96 8.63 -13.51
N THR D 386 -11.94 8.10 -12.84
CA THR D 386 -12.14 7.65 -11.47
C THR D 386 -12.50 8.79 -10.52
N LEU D 387 -12.35 10.05 -10.95
CA LEU D 387 -12.73 11.22 -10.15
C LEU D 387 -14.20 11.58 -10.30
N HIS D 388 -14.95 10.81 -11.10
CA HIS D 388 -16.35 11.11 -11.40
C HIS D 388 -17.15 11.44 -10.15
N ASP D 389 -17.09 10.57 -9.15
CA ASP D 389 -17.52 10.87 -7.80
C ASP D 389 -16.44 10.34 -6.88
N PRO D 390 -16.31 10.89 -5.67
CA PRO D 390 -15.13 10.59 -4.84
C PRO D 390 -15.17 9.18 -4.24
N VAL D 391 -14.14 8.39 -4.55
CA VAL D 391 -14.07 7.03 -4.02
C VAL D 391 -14.04 7.04 -2.50
N ALA D 392 -13.59 8.15 -1.89
CA ALA D 392 -13.57 8.25 -0.44
C ALA D 392 -14.96 8.06 0.14
N TYR D 393 -16.00 8.54 -0.55
CA TYR D 393 -17.36 8.42 -0.03
C TYR D 393 -18.03 7.11 -0.43
N LYS D 394 -17.57 6.47 -1.51
CA LYS D 394 -17.92 5.06 -1.70
C LYS D 394 -17.37 4.21 -0.55
N ILE D 395 -16.13 4.47 -0.14
CA ILE D 395 -15.57 3.76 1.01
C ILE D 395 -16.38 4.04 2.27
N ARG D 396 -16.73 5.32 2.51
CA ARG D 396 -17.53 5.61 3.69
C ARG D 396 -18.87 4.89 3.63
N GLU D 397 -19.47 4.84 2.45
CA GLU D 397 -20.78 4.18 2.31
C GLU D 397 -20.68 2.70 2.65
N VAL D 398 -19.64 2.01 2.20
CA VAL D 398 -19.50 0.59 2.54
C VAL D 398 -19.22 0.44 4.03
N GLY D 399 -18.44 1.37 4.61
CA GLY D 399 -18.15 1.29 6.03
C GLY D 399 -19.38 1.53 6.87
N ASN D 400 -20.22 2.49 6.47
CA ASN D 400 -21.46 2.79 7.20
C ASN D 400 -22.41 1.61 7.15
N TRP D 401 -22.46 0.92 6.01
CA TRP D 401 -23.25 -0.31 5.93
C TRP D 401 -22.69 -1.38 6.85
N PHE D 402 -21.39 -1.67 6.75
CA PHE D 402 -20.85 -2.79 7.51
C PHE D 402 -20.87 -2.53 9.01
N LEU D 403 -20.55 -1.30 9.43
CA LEU D 403 -20.43 -1.01 10.84
C LEU D 403 -21.80 -0.73 11.47
N ASN D 404 -22.61 0.10 10.81
CA ASN D 404 -23.86 0.62 11.37
C ASN D 404 -25.12 0.03 10.73
N HIS D 405 -24.97 -0.88 9.76
CA HIS D 405 -26.11 -1.49 9.07
C HIS D 405 -27.02 -0.46 8.41
N ARG D 406 -26.42 0.58 7.85
CA ARG D 406 -27.13 1.61 7.10
C ARG D 406 -26.79 1.47 5.63
N PHE D 407 -27.80 1.23 4.81
CA PHE D 407 -27.57 1.24 3.37
C PHE D 407 -27.33 2.66 2.91
N PRO D 408 -26.64 2.83 1.78
CA PRO D 408 -26.41 4.18 1.26
C PRO D 408 -27.73 4.87 0.96
N THR D 409 -27.77 6.16 1.23
CA THR D 409 -28.93 6.96 0.86
C THR D 409 -29.01 7.05 -0.67
N PRO D 410 -30.08 6.55 -1.30
CA PRO D 410 -30.13 6.57 -2.77
C PRO D 410 -30.09 8.00 -3.31
N SER D 411 -29.33 8.17 -4.39
CA SER D 411 -29.11 9.46 -5.03
C SER D 411 -28.50 9.19 -6.40
N PHE D 412 -28.17 10.28 -7.13
CA PHE D 412 -27.50 10.08 -8.41
C PHE D 412 -26.08 9.55 -8.26
N TYR D 413 -25.54 9.53 -7.04
CA TYR D 413 -24.19 9.07 -6.80
C TYR D 413 -24.10 7.89 -5.85
N SER D 414 -25.18 7.52 -5.19
CA SER D 414 -25.10 6.50 -4.14
C SER D 414 -26.41 5.73 -4.05
#